data_8VRN
#
_entry.id   8VRN
#
_cell.length_a   1.00
_cell.length_b   1.00
_cell.length_c   1.00
_cell.angle_alpha   90.00
_cell.angle_beta   90.00
_cell.angle_gamma   90.00
#
_symmetry.space_group_name_H-M   'P 1'
#
loop_
_entity.id
_entity.type
_entity.pdbx_description
1 polymer 'Gamma-aminobutyric acid receptor subunit beta-2'
2 polymer 'Gamma-aminobutyric acid receptor subunit alpha-1'
3 polymer 'Gamma-aminobutyric acid receptor subunit gamma-2'
4 polymer 'Kappa FAB light chain'
5 polymer 'IGG2B FAB heavy chain'
6 branched 2-acetamido-2-deoxy-beta-D-glucopyranose-(1-4)-2-acetamido-2-deoxy-beta-D-glucopyranose
7 branched alpha-D-mannopyranose-(1-3)-[alpha-D-mannopyranose-(1-6)]beta-D-mannopyranose-(1-4)-2-acetamido-2-deoxy-beta-D-glucopyranose-(1-4)-2-acetamido-2-deoxy-beta-D-glucopyranose
8 branched alpha-D-mannopyranose-(1-2)-alpha-D-mannopyranose-(1-2)-alpha-D-mannopyranose-(1-3)-[alpha-D-mannopyranose-(1-2)-alpha-D-mannopyranose-(1-6)-[alpha-D-mannopyranose-(1-3)]alpha-D-mannopyranose-(1-6)]beta-D-mannopyranose-(1-4)-2-acetamido-2-deoxy-beta-D-glucopyranose-(1-4)-2-acetamido-2-deoxy-beta-D-glucopyranose
9 non-polymer 'GAMMA-AMINO-BUTANOIC ACID'
10 non-polymer 3-(4-methylphenyl)-2-phenylquinazolin-4(3H)-one
11 non-polymer PHOSPHATIDYLETHANOLAMINE
12 non-polymer '(2S)-3-(hexadecanoyloxy)-2-[(9Z)-octadec-9-enoyloxy]propyl 2-(trimethylammonio)ethyl phosphate'
13 non-polymer O-[(R)-[(2S)-2-(hexadecanoyloxy)-3-(octadecanoyloxy)propoxy](hydroxy)phosphoryl]-D-serine
#
loop_
_entity_poly.entity_id
_entity_poly.type
_entity_poly.pdbx_seq_one_letter_code
_entity_poly.pdbx_strand_id
1 'polypeptide(L)'
;QSVNDPSNMSLVKETVDRLLKGYDIRLRPDFGGPPVAVGMNIDIASIDMVSEVNMDYTLTMYFQQAWRDKRLSYNVIPLN
LTLDNRVADQLWVPDTYFLNDKKSFVHGVTVKNRMIRLHPDGTVLYGLRITTTAACMMDLRRYPLDEQNCTLEIESYGYT
TDDIEFYWRGDDNAVTGVTKIELPQFSIVDYKLITKKVVFSTGSYPRLSLSFKLKRNIGYFILQTYMPSILITILSWVSF
WINYDASAARVALGITTVLTMTTINTHLRETLPKIPYVKAIDMYLMGCFVFVFMALLEYALVNYIFFSQPARAAAIDRWS
RIFFPVVFSFFNIVYWLYYVNVDGSGATNFSLLKQAGDVEENPG
;
A,C
2 'polypeptide(L)'
;QPSLQDELKDNTTVFTRILDRLLDGYDNRLRPGLGERVTEVKTDIFVTSFGPVSDHDMEYTIDVFFRQSWKDERLKFKGP
MTVLRLNNLMASKIWTPDTFFHNGKKSVAHNMTMPNKLLRITEDGTLLYTMRLTVRAECPMHLEDFPMDAHACPLKFGSY
AYTRAEVVYEWTREPARSVVVAEDGSRLNQYDLLGQTVDSGIVQSSTGEYVVMTTHFHLKRKIGYFVIQTYLPCIMTVIL
SQVSFWLNRESVPARTVFGVTTVLTMTTLSISARNSLPKVAYATAMDWFIAVCYAFVFSALIEFATVNYFTKSQPARAAK
IDRLSRIAFPLLFGIFNLVYWATYLNREPQLKAPTPHQ
;
B,D
3 'polypeptide(L)'
;WSHPQFEKGGGSGGGSGGSSAWSHPQFEKLEVLFQGPQKSDDDYEDYASNKTWVLTPKVPEGDVTVILNNLLEGYDNKLR
PDIGVKPTLIHTDMYVNSIGPVNAINMEYTIDIFFAQTWYDRRLKFNSTIKVLRLNSNMVGKIWIPDTFFRNSKKADAHW
ITTPNRMLRIWNDGRVLYTLRLTIDAECQLQLHNFPMDEHSCPLEFSSYGYPREEIVYQWKRSSVEVGDTRSWRLYQFSF
VGLRNTTEVVKTTSGDYVVMSVYFDLSRRMGYFTIQTYIPCTLIVVLSWVSFWINKDAVPARTSLGITTVLTMTTLSTIA
RKSLPKVSYVTAMDLFVSVCFIFVFSALVEYGTLHYFVSSQPARAAKMDSYARIFFPTAFCLFNLVYWVSYLYLSRGSGA
TNFSLLKQAGDVEENPG
;
E
4 'polypeptide(L)'
;NIVMTQSPKSMSMSVGERVTLSCKASEYVGTYVSWYQQKPEQSPKLLIYGASNRYTGVPDRFTGSGSATDFTLTIGSVQA
EDLADYHCGQSYSYPTFGAGTKLELKRADAAPTVSIFPPSSEQLTSGGASVVCFLNNFYPKDINVKWKIDGSERQNGVLN
SWTDQDSKDSTYSMSSTLTLTKDEYERHNSYTCEATHKTSTSPIVKSFNRNEC
;
I,L
5 'polypeptide(L)'
;EVQLQQSGAELVKPGASVKLSCTASGFNIKDTYMYWVKQRPEQGLEWIGRIDPANGDTKYDPKFQGKATITTDTFSNTAY
LQLSSLTSEDTAVYYCARKGLRWAMDYWGQGTSVTVSTAKTTPPSVYPLAPGCGDTTGSSVTLGCLVKGYFPESVTVTWN
SGSLSSSVHTFPALLQSGLYTMSSSVTVPSSTWPSQTVTCSVAHPASSTTVDKKLEPSGPISTINPCPPCKECHKCPAPN
LEGGPSVFIFPPNIKDVLMISLTPKVTCVVVDVSEDDPDVQISWFVNNVEVHTAQTQTHREDYNSTIRVVSTLPIQHQDW
MSGKEFKCKVNNKDLPSPIERTISKIKGLVRAPQVYILPPPAEQLSRKDVSLTCLVVGFNPGDISVEWTSNGHTEENYKD
TAPVLDSDGSYFIYSKLNMKTSKWEKTDSFSCNVRHEGLKNYYLKKTISRSPGK
;
J,K
#
# COMPACT_ATOMS: atom_id res chain seq x y z
N SER A 7 53.62 -12.96 8.76
CA SER A 7 52.64 -11.93 9.08
C SER A 7 51.36 -12.56 9.64
N ASN A 8 50.75 -11.88 10.59
CA ASN A 8 49.56 -12.42 11.24
C ASN A 8 48.38 -12.46 10.29
N MET A 9 48.34 -11.57 9.30
CA MET A 9 47.30 -11.63 8.28
C MET A 9 47.34 -12.95 7.52
N SER A 10 48.54 -13.41 7.14
CA SER A 10 48.65 -14.67 6.43
C SER A 10 48.20 -15.84 7.30
N LEU A 11 48.56 -15.81 8.58
CA LEU A 11 48.14 -16.86 9.50
C LEU A 11 46.62 -16.91 9.60
N VAL A 12 45.98 -15.75 9.79
CA VAL A 12 44.53 -15.71 9.88
C VAL A 12 43.91 -16.18 8.56
N LYS A 13 44.48 -15.76 7.43
CA LYS A 13 43.91 -16.15 6.15
C LYS A 13 43.95 -17.65 5.96
N GLU A 14 45.09 -18.27 6.24
CA GLU A 14 45.18 -19.72 6.08
C GLU A 14 44.28 -20.43 7.07
N THR A 15 44.17 -19.91 8.29
CA THR A 15 43.28 -20.52 9.28
C THR A 15 41.83 -20.51 8.81
N VAL A 16 41.35 -19.36 8.32
CA VAL A 16 39.97 -19.27 7.87
C VAL A 16 39.75 -20.13 6.64
N ASP A 17 40.71 -20.16 5.72
CA ASP A 17 40.57 -21.02 4.55
C ASP A 17 40.48 -22.49 4.95
N ARG A 18 41.30 -22.93 5.90
CA ARG A 18 41.22 -24.30 6.37
C ARG A 18 39.87 -24.58 7.03
N LEU A 19 39.39 -23.64 7.84
CA LEU A 19 38.11 -23.85 8.51
C LEU A 19 36.97 -23.98 7.52
N LEU A 20 36.99 -23.18 6.45
CA LEU A 20 35.91 -23.21 5.46
C LEU A 20 36.10 -24.25 4.38
N LYS A 21 37.23 -24.94 4.35
CA LYS A 21 37.47 -25.95 3.34
C LYS A 21 36.82 -27.26 3.75
N GLY A 22 36.07 -27.86 2.82
CA GLY A 22 35.39 -29.11 3.12
C GLY A 22 34.29 -28.98 4.14
N TYR A 23 33.77 -27.77 4.34
CA TYR A 23 32.68 -27.54 5.28
C TYR A 23 31.35 -27.85 4.59
N ASP A 24 30.58 -28.76 5.16
CA ASP A 24 29.29 -29.16 4.60
C ASP A 24 28.20 -28.37 5.33
N ILE A 25 27.68 -27.33 4.67
CA ILE A 25 26.66 -26.50 5.28
C ILE A 25 25.36 -27.24 5.48
N ARG A 26 25.17 -28.38 4.82
CA ARG A 26 23.91 -29.10 4.89
C ARG A 26 23.76 -29.95 6.15
N LEU A 27 24.82 -30.07 6.95
CA LEU A 27 24.81 -30.90 8.14
C LEU A 27 25.05 -30.02 9.36
N ARG A 28 24.23 -30.18 10.38
CA ARG A 28 24.41 -29.46 11.62
C ARG A 28 25.64 -30.00 12.37
N PRO A 29 26.21 -29.21 13.28
CA PRO A 29 27.27 -29.74 14.13
C PRO A 29 26.80 -30.97 14.89
N ASP A 30 27.69 -31.97 14.97
CA ASP A 30 27.36 -33.26 15.55
C ASP A 30 26.12 -33.84 14.88
N PHE A 31 26.22 -34.00 13.56
CA PHE A 31 25.04 -34.32 12.75
C PHE A 31 24.37 -35.61 13.22
N GLY A 32 25.15 -36.66 13.41
CA GLY A 32 24.59 -37.91 13.87
C GLY A 32 24.53 -38.08 15.37
N GLY A 33 25.22 -37.23 16.11
CA GLY A 33 25.34 -37.37 17.54
C GLY A 33 24.27 -36.63 18.33
N PRO A 34 24.61 -36.20 19.54
CA PRO A 34 23.62 -35.57 20.42
C PRO A 34 23.20 -34.22 19.89
N PRO A 35 22.12 -33.65 20.42
CA PRO A 35 21.67 -32.34 19.95
C PRO A 35 22.70 -31.26 20.21
N VAL A 36 22.76 -30.28 19.31
CA VAL A 36 23.55 -29.08 19.51
C VAL A 36 22.74 -28.08 20.32
N ALA A 37 23.34 -27.54 21.37
CA ALA A 37 22.67 -26.62 22.29
C ALA A 37 22.95 -25.18 21.87
N VAL A 38 21.88 -24.44 21.59
CA VAL A 38 21.95 -23.05 21.15
C VAL A 38 21.51 -22.17 22.30
N GLY A 39 22.36 -21.24 22.71
CA GLY A 39 22.03 -20.25 23.72
C GLY A 39 21.56 -18.96 23.08
N MET A 40 20.52 -18.37 23.66
CA MET A 40 19.86 -17.20 23.09
C MET A 40 20.04 -15.98 23.98
N ASN A 41 20.35 -14.85 23.35
CA ASN A 41 20.41 -13.56 24.01
C ASN A 41 19.57 -12.58 23.22
N ILE A 42 18.89 -11.68 23.92
CA ILE A 42 18.07 -10.66 23.28
C ILE A 42 18.33 -9.34 23.98
N ASP A 43 18.67 -8.32 23.20
CA ASP A 43 18.76 -6.95 23.68
C ASP A 43 17.66 -6.18 22.96
N ILE A 44 16.61 -5.82 23.70
CA ILE A 44 15.44 -5.19 23.10
C ILE A 44 15.74 -3.70 22.93
N ALA A 45 15.84 -3.26 21.68
CA ALA A 45 16.08 -1.85 21.40
C ALA A 45 14.82 -1.03 21.66
N SER A 46 13.66 -1.50 21.22
CA SER A 46 12.43 -0.74 21.41
C SER A 46 11.24 -1.65 21.16
N ILE A 47 10.10 -1.24 21.73
CA ILE A 47 8.79 -1.78 21.39
C ILE A 47 8.00 -0.62 20.82
N ASP A 48 7.55 -0.77 19.58
CA ASP A 48 7.28 0.37 18.71
C ASP A 48 5.82 0.77 18.66
N MET A 49 4.91 -0.15 18.34
CA MET A 49 3.51 0.22 18.12
C MET A 49 2.61 -0.90 18.63
N VAL A 50 2.12 -0.75 19.85
CA VAL A 50 1.14 -1.67 20.42
C VAL A 50 -0.22 -1.27 19.86
N SER A 51 -0.71 -2.01 18.87
CA SER A 51 -1.94 -1.68 18.17
C SER A 51 -3.05 -2.63 18.61
N GLU A 52 -4.15 -2.07 19.10
CA GLU A 52 -5.33 -2.88 19.39
C GLU A 52 -6.08 -3.22 18.12
N VAL A 53 -6.00 -2.37 17.10
CA VAL A 53 -6.74 -2.60 15.87
C VAL A 53 -6.20 -3.83 15.15
N ASN A 54 -4.88 -3.91 14.97
CA ASN A 54 -4.27 -5.05 14.31
C ASN A 54 -3.94 -6.19 15.26
N MET A 55 -4.13 -6.01 16.56
CA MET A 55 -3.82 -7.02 17.55
C MET A 55 -2.39 -7.53 17.37
N ASP A 56 -1.45 -6.60 17.47
CA ASP A 56 -0.05 -6.94 17.27
C ASP A 56 0.81 -5.82 17.85
N TYR A 57 2.11 -5.96 17.68
CA TYR A 57 3.06 -4.96 18.15
C TYR A 57 4.36 -5.18 17.40
N THR A 58 5.21 -4.16 17.41
CA THR A 58 6.50 -4.21 16.73
C THR A 58 7.60 -3.99 17.75
N LEU A 59 8.61 -4.85 17.73
CA LEU A 59 9.79 -4.66 18.55
C LEU A 59 11.02 -4.83 17.67
N THR A 60 12.08 -4.11 18.03
CA THR A 60 13.38 -4.24 17.40
C THR A 60 14.35 -4.76 18.46
N MET A 61 15.11 -5.77 18.08
CA MET A 61 15.98 -6.43 19.04
C MET A 61 17.29 -6.83 18.37
N TYR A 62 18.34 -6.90 19.18
CA TYR A 62 19.59 -7.54 18.78
C TYR A 62 19.45 -9.01 19.17
N PHE A 63 19.13 -9.85 18.20
CA PHE A 63 18.91 -11.27 18.44
C PHE A 63 20.22 -12.01 18.23
N GLN A 64 20.71 -12.67 19.27
CA GLN A 64 21.99 -13.35 19.24
C GLN A 64 21.84 -14.81 19.60
N GLN A 65 22.55 -15.66 18.88
CA GLN A 65 22.57 -17.10 19.12
C GLN A 65 24.01 -17.56 19.25
N ALA A 66 24.23 -18.57 20.09
CA ALA A 66 25.55 -19.10 20.34
C ALA A 66 25.49 -20.61 20.41
N TRP A 67 26.44 -21.26 19.74
CA TRP A 67 26.52 -22.72 19.77
C TRP A 67 27.96 -23.13 19.53
N ARG A 68 28.25 -24.39 19.83
CA ARG A 68 29.56 -24.97 19.61
C ARG A 68 29.54 -25.71 18.27
N ASP A 69 30.56 -25.45 17.44
CA ASP A 69 30.75 -26.16 16.18
C ASP A 69 32.21 -26.61 16.13
N LYS A 70 32.45 -27.88 16.49
CA LYS A 70 33.82 -28.37 16.56
C LYS A 70 34.55 -28.24 15.23
N ARG A 71 33.82 -28.23 14.12
CA ARG A 71 34.47 -28.03 12.83
C ARG A 71 35.16 -26.68 12.75
N LEU A 72 34.57 -25.65 13.37
CA LEU A 72 35.15 -24.31 13.33
C LEU A 72 36.04 -24.02 14.53
N SER A 73 36.97 -24.91 14.83
CA SER A 73 37.90 -24.72 15.94
C SER A 73 39.30 -24.53 15.40
N TYR A 74 40.08 -23.68 16.07
CA TYR A 74 41.43 -23.37 15.64
C TYR A 74 42.27 -23.11 16.88
N ASN A 75 43.57 -23.41 16.78
CA ASN A 75 44.46 -23.24 17.92
C ASN A 75 45.78 -22.58 17.54
N VAL A 76 45.91 -22.05 16.33
CA VAL A 76 47.17 -21.44 15.92
C VAL A 76 47.25 -19.96 16.28
N ILE A 77 46.13 -19.29 16.48
CA ILE A 77 46.13 -17.87 16.83
C ILE A 77 45.27 -17.68 18.09
N PRO A 78 45.58 -16.70 18.93
CA PRO A 78 44.90 -16.55 20.22
C PRO A 78 43.71 -15.61 20.23
N LEU A 79 43.19 -15.17 19.09
CA LEU A 79 42.19 -14.11 19.05
C LEU A 79 40.87 -14.62 18.49
N ASN A 80 39.78 -14.00 18.93
CA ASN A 80 38.45 -14.30 18.41
C ASN A 80 38.28 -13.65 17.05
N LEU A 81 37.92 -14.44 16.05
CA LEU A 81 37.86 -13.98 14.67
C LEU A 81 36.45 -13.48 14.38
N THR A 82 36.29 -12.16 14.34
CA THR A 82 35.11 -11.55 13.73
C THR A 82 35.31 -11.53 12.22
N LEU A 83 34.37 -12.11 11.50
CA LEU A 83 34.47 -12.21 10.05
C LEU A 83 33.43 -11.31 9.40
N ASP A 84 33.69 -10.95 8.16
CA ASP A 84 32.68 -10.24 7.39
C ASP A 84 31.42 -11.08 7.35
N ASN A 85 30.28 -10.44 7.58
CA ASN A 85 29.05 -11.20 7.80
C ASN A 85 28.58 -11.94 6.56
N ARG A 86 29.31 -11.89 5.44
CA ARG A 86 28.96 -12.71 4.29
C ARG A 86 29.33 -14.17 4.49
N VAL A 87 30.27 -14.47 5.39
CA VAL A 87 30.63 -15.86 5.67
C VAL A 87 29.53 -16.59 6.42
N ALA A 88 28.55 -15.87 6.97
CA ALA A 88 27.39 -16.52 7.57
C ALA A 88 26.63 -17.34 6.54
N ASP A 89 26.71 -16.97 5.27
CA ASP A 89 26.06 -17.74 4.22
C ASP A 89 26.81 -19.03 3.90
N GLN A 90 28.02 -19.19 4.42
CA GLN A 90 28.80 -20.41 4.21
C GLN A 90 28.82 -21.33 5.41
N LEU A 91 28.36 -20.87 6.57
CA LEU A 91 28.35 -21.67 7.79
C LEU A 91 26.93 -22.14 8.10
N TRP A 92 26.84 -23.23 8.84
CA TRP A 92 25.57 -23.67 9.39
C TRP A 92 25.13 -22.71 10.49
N VAL A 93 23.88 -22.28 10.43
CA VAL A 93 23.27 -21.54 11.53
C VAL A 93 21.93 -22.19 11.84
N PRO A 94 21.44 -22.10 13.07
CA PRO A 94 20.15 -22.71 13.39
C PRO A 94 19.00 -22.08 12.62
N ASP A 95 17.97 -22.90 12.38
CA ASP A 95 16.78 -22.47 11.64
C ASP A 95 15.72 -21.89 12.57
N THR A 96 16.13 -20.94 13.40
CA THR A 96 15.22 -20.31 14.35
C THR A 96 14.18 -19.47 13.64
N TYR A 97 12.93 -19.58 14.08
CA TYR A 97 11.86 -18.73 13.57
C TYR A 97 10.98 -18.35 14.74
N PHE A 98 10.27 -17.24 14.59
CA PHE A 98 9.30 -16.78 15.58
C PHE A 98 7.91 -17.16 15.10
N LEU A 99 7.23 -18.00 15.87
CA LEU A 99 5.98 -18.58 15.40
C LEU A 99 4.91 -17.52 15.19
N ASN A 100 4.78 -16.58 16.13
CA ASN A 100 3.69 -15.64 16.12
C ASN A 100 4.00 -14.34 15.38
N ASP A 101 5.15 -14.21 14.72
CA ASP A 101 5.45 -12.97 14.04
C ASP A 101 4.72 -12.88 12.71
N LYS A 102 4.16 -11.70 12.42
CA LYS A 102 3.40 -11.50 11.20
C LYS A 102 4.25 -11.02 10.04
N LYS A 103 5.29 -10.23 10.31
CA LYS A 103 6.16 -9.68 9.24
C LYS A 103 7.49 -9.18 9.80
N SER A 104 8.62 -9.64 9.28
CA SER A 104 9.91 -9.38 9.88
C SER A 104 10.95 -9.11 8.80
N PHE A 105 12.03 -8.47 9.20
CA PHE A 105 13.17 -8.25 8.32
C PHE A 105 14.41 -8.02 9.17
N VAL A 106 15.55 -8.28 8.56
CA VAL A 106 16.86 -7.90 9.11
C VAL A 106 17.25 -6.58 8.47
N HIS A 107 17.64 -5.61 9.30
CA HIS A 107 18.05 -4.32 8.77
C HIS A 107 19.26 -4.48 7.87
N GLY A 108 19.31 -3.68 6.81
CA GLY A 108 20.30 -3.90 5.76
C GLY A 108 21.13 -2.68 5.39
N VAL A 109 21.22 -1.70 6.28
CA VAL A 109 22.01 -0.50 6.04
C VAL A 109 23.06 -0.41 7.14
N THR A 110 24.32 -0.11 6.78
CA THR A 110 24.79 0.07 5.40
C THR A 110 25.07 -1.28 4.76
N VAL A 111 25.17 -2.30 5.61
CA VAL A 111 25.21 -3.69 5.20
C VAL A 111 24.20 -4.45 6.04
N LYS A 112 23.96 -5.70 5.67
CA LYS A 112 23.08 -6.55 6.45
C LYS A 112 23.57 -6.57 7.89
N ASN A 113 22.69 -6.19 8.83
CA ASN A 113 23.10 -6.05 10.23
C ASN A 113 23.08 -7.44 10.87
N ARG A 114 24.16 -8.18 10.64
CA ARG A 114 24.38 -9.45 11.31
C ARG A 114 25.87 -9.57 11.61
N MET A 115 26.17 -10.36 12.62
CA MET A 115 27.52 -10.55 13.10
C MET A 115 27.81 -12.04 13.15
N ILE A 116 29.06 -12.40 12.88
CA ILE A 116 29.51 -13.78 12.99
C ILE A 116 30.90 -13.75 13.61
N ARG A 117 31.04 -14.34 14.79
CA ARG A 117 32.29 -14.31 15.53
C ARG A 117 32.69 -15.71 15.93
N LEU A 118 33.90 -16.12 15.55
CA LEU A 118 34.44 -17.42 15.89
C LEU A 118 35.35 -17.31 17.10
N HIS A 119 35.40 -18.38 17.89
CA HIS A 119 36.24 -18.47 19.06
C HIS A 119 37.10 -19.72 18.94
N PRO A 120 38.30 -19.72 19.53
CA PRO A 120 39.24 -20.82 19.25
C PRO A 120 38.72 -22.21 19.56
N ASP A 121 37.81 -22.37 20.52
CA ASP A 121 37.32 -23.70 20.87
C ASP A 121 36.15 -24.14 20.00
N GLY A 122 35.72 -23.33 19.04
CA GLY A 122 34.64 -23.68 18.14
C GLY A 122 33.34 -22.96 18.40
N THR A 123 33.26 -22.11 19.42
CA THR A 123 32.03 -21.43 19.75
C THR A 123 31.72 -20.36 18.71
N VAL A 124 30.58 -20.48 18.07
CA VAL A 124 30.13 -19.49 17.08
C VAL A 124 29.19 -18.52 17.80
N LEU A 125 29.26 -17.26 17.41
CA LEU A 125 28.43 -16.22 17.99
C LEU A 125 27.78 -15.48 16.82
N TYR A 126 26.46 -15.61 16.70
CA TYR A 126 25.73 -15.20 15.51
C TYR A 126 24.59 -14.27 15.90
N GLY A 127 24.72 -12.99 15.58
CA GLY A 127 23.75 -11.98 15.98
C GLY A 127 23.02 -11.38 14.80
N LEU A 128 21.79 -10.92 15.05
CA LEU A 128 20.96 -10.31 14.02
C LEU A 128 20.16 -9.18 14.64
N ARG A 129 20.10 -8.05 13.93
CA ARG A 129 19.22 -6.95 14.31
C ARG A 129 17.90 -7.11 13.56
N ILE A 130 16.84 -7.42 14.29
CA ILE A 130 15.56 -7.84 13.72
C ILE A 130 14.46 -6.90 14.18
N THR A 131 13.54 -6.58 13.27
CA THR A 131 12.27 -5.94 13.61
C THR A 131 11.14 -6.90 13.25
N THR A 132 10.37 -7.32 14.24
CA THR A 132 9.26 -8.24 14.05
C THR A 132 7.97 -7.55 14.45
N THR A 133 6.96 -7.65 13.59
CA THR A 133 5.58 -7.35 13.97
C THR A 133 4.94 -8.64 14.45
N ALA A 134 4.77 -8.77 15.76
CA ALA A 134 4.27 -10.00 16.36
C ALA A 134 2.80 -9.87 16.72
N ALA A 135 2.01 -10.89 16.37
CA ALA A 135 0.60 -10.95 16.74
C ALA A 135 0.44 -11.05 18.26
N CYS A 136 -0.55 -10.32 18.79
CA CYS A 136 -0.84 -10.36 20.22
C CYS A 136 -2.34 -10.10 20.40
N MET A 137 -3.11 -11.15 20.67
CA MET A 137 -4.54 -11.02 20.89
C MET A 137 -4.82 -10.37 22.24
N MET A 138 -5.48 -9.22 22.22
CA MET A 138 -5.70 -8.42 23.42
C MET A 138 -7.13 -8.55 23.91
N ASP A 139 -7.29 -8.85 25.20
CA ASP A 139 -8.60 -8.84 25.84
C ASP A 139 -8.95 -7.40 26.21
N LEU A 140 -9.92 -6.81 25.52
CA LEU A 140 -10.29 -5.42 25.73
C LEU A 140 -11.53 -5.25 26.61
N ARG A 141 -11.89 -6.28 27.37
CA ARG A 141 -13.10 -6.20 28.19
C ARG A 141 -12.99 -5.11 29.26
N ARG A 142 -11.81 -4.96 29.85
CA ARG A 142 -11.57 -3.93 30.85
C ARG A 142 -10.87 -2.71 30.28
N TYR A 143 -10.84 -2.57 28.96
CA TYR A 143 -10.19 -1.44 28.33
C TYR A 143 -10.90 -0.14 28.74
N PRO A 144 -10.16 0.96 28.99
CA PRO A 144 -8.70 1.12 28.94
C PRO A 144 -8.00 0.76 30.24
N LEU A 145 -8.76 0.27 31.21
CA LEU A 145 -8.18 -0.18 32.47
C LEU A 145 -7.79 -1.64 32.40
N ASP A 146 -7.05 -1.99 31.34
CA ASP A 146 -6.73 -3.36 30.99
C ASP A 146 -5.23 -3.59 31.08
N GLU A 147 -4.85 -4.85 31.23
CA GLU A 147 -3.46 -5.28 31.17
C GLU A 147 -3.31 -6.30 30.06
N GLN A 148 -2.27 -6.15 29.24
CA GLN A 148 -2.02 -7.02 28.11
C GLN A 148 -0.75 -7.82 28.35
N ASN A 149 -0.80 -9.10 27.99
CA ASN A 149 0.36 -9.99 28.06
C ASN A 149 0.66 -10.46 26.65
N CYS A 150 1.67 -9.87 26.02
CA CYS A 150 2.10 -10.32 24.70
C CYS A 150 3.36 -11.17 24.85
N THR A 151 3.94 -11.59 23.73
CA THR A 151 5.05 -12.51 23.81
C THR A 151 5.61 -12.78 22.42
N LEU A 152 6.85 -13.23 22.40
CA LEU A 152 7.52 -13.69 21.19
C LEU A 152 7.86 -15.16 21.38
N GLU A 153 7.42 -16.01 20.46
CA GLU A 153 7.66 -17.45 20.53
C GLU A 153 8.85 -17.80 19.64
N ILE A 154 9.86 -18.43 20.22
CA ILE A 154 11.09 -18.76 19.52
C ILE A 154 11.18 -20.27 19.40
N GLU A 155 11.34 -20.78 18.19
CA GLU A 155 11.27 -22.21 17.96
C GLU A 155 12.17 -22.59 16.81
N SER A 156 12.56 -23.86 16.81
CA SER A 156 13.26 -24.47 15.68
C SER A 156 12.24 -25.04 14.70
N TYR A 157 12.48 -24.85 13.41
CA TYR A 157 11.53 -25.33 12.41
C TYR A 157 11.80 -26.76 12.00
N GLY A 158 13.01 -27.04 11.52
CA GLY A 158 13.31 -28.36 11.00
C GLY A 158 13.82 -29.33 12.03
N TYR A 159 14.59 -28.85 12.99
CA TYR A 159 15.29 -29.72 13.93
C TYR A 159 14.42 -29.98 15.15
N THR A 160 14.07 -31.24 15.36
CA THR A 160 13.32 -31.62 16.55
C THR A 160 14.22 -31.54 17.77
N THR A 161 13.65 -31.88 18.93
CA THR A 161 14.34 -31.66 20.18
C THR A 161 15.53 -32.58 20.37
N ASP A 162 15.59 -33.71 19.65
CA ASP A 162 16.76 -34.56 19.67
C ASP A 162 17.83 -34.12 18.69
N ASP A 163 17.57 -33.08 17.90
CA ASP A 163 18.58 -32.48 17.04
C ASP A 163 19.14 -31.18 17.60
N ILE A 164 18.37 -30.45 18.41
CA ILE A 164 18.76 -29.12 18.84
C ILE A 164 18.12 -28.82 20.19
N GLU A 165 18.81 -28.04 21.01
CA GLU A 165 18.30 -27.59 22.30
C GLU A 165 18.39 -26.08 22.38
N PHE A 166 17.33 -25.44 22.86
CA PHE A 166 17.29 -24.01 23.06
C PHE A 166 17.35 -23.70 24.55
N TYR A 167 18.12 -22.67 24.91
CA TYR A 167 18.15 -22.22 26.29
C TYR A 167 18.55 -20.75 26.32
N TRP A 168 18.18 -20.08 27.40
CA TRP A 168 18.57 -18.69 27.62
C TRP A 168 19.96 -18.65 28.24
N ARG A 169 20.84 -17.82 27.67
CA ARG A 169 22.20 -17.65 28.19
C ARG A 169 22.16 -16.69 29.37
N GLY A 170 22.27 -17.23 30.58
CA GLY A 170 22.09 -16.44 31.78
C GLY A 170 20.86 -16.91 32.53
N ASP A 171 19.81 -17.24 31.78
CA ASP A 171 18.56 -17.79 32.28
C ASP A 171 17.73 -16.75 33.01
N ASP A 172 18.33 -15.62 33.36
CA ASP A 172 17.57 -14.45 33.79
C ASP A 172 18.11 -13.16 33.23
N ASN A 173 19.40 -13.08 32.90
CA ASN A 173 20.01 -11.92 32.27
C ASN A 173 20.12 -12.10 30.77
N ALA A 174 19.49 -13.13 30.22
CA ALA A 174 19.54 -13.37 28.79
C ALA A 174 18.89 -12.25 28.00
N VAL A 175 17.89 -11.57 28.58
CA VAL A 175 17.16 -10.50 27.91
C VAL A 175 17.46 -9.20 28.64
N THR A 176 17.93 -8.20 27.91
CA THR A 176 18.26 -6.90 28.47
C THR A 176 17.52 -5.81 27.70
N GLY A 177 17.52 -4.61 28.27
CA GLY A 177 16.93 -3.45 27.64
C GLY A 177 15.45 -3.24 27.92
N VAL A 178 14.83 -4.07 28.75
CA VAL A 178 13.40 -3.95 28.98
C VAL A 178 13.08 -2.71 29.79
N THR A 179 13.85 -2.44 30.84
CA THR A 179 13.56 -1.31 31.71
C THR A 179 13.77 0.03 31.01
N LYS A 180 14.53 0.06 29.93
CA LYS A 180 14.77 1.29 29.17
C LYS A 180 13.64 1.62 28.21
N ILE A 181 12.70 0.70 27.99
CA ILE A 181 11.64 0.91 27.03
C ILE A 181 10.60 1.85 27.61
N GLU A 182 10.31 2.92 26.89
CA GLU A 182 9.18 3.78 27.20
C GLU A 182 8.16 3.67 26.06
N LEU A 183 6.93 3.40 26.42
CA LEU A 183 5.81 3.34 25.51
C LEU A 183 4.86 4.49 25.82
N PRO A 184 4.33 5.17 24.81
CA PRO A 184 3.46 6.31 25.11
C PRO A 184 2.23 5.95 25.92
N GLN A 185 1.69 4.75 25.75
CA GLN A 185 0.43 4.39 26.36
C GLN A 185 0.51 3.28 27.40
N PHE A 186 1.63 2.55 27.48
CA PHE A 186 1.74 1.39 28.35
C PHE A 186 2.97 1.50 29.23
N SER A 187 2.92 0.80 30.36
CA SER A 187 4.08 0.61 31.23
C SER A 187 4.36 -0.88 31.32
N ILE A 188 5.64 -1.24 31.17
CA ILE A 188 6.04 -2.64 31.26
C ILE A 188 6.02 -3.05 32.73
N VAL A 189 5.05 -3.88 33.10
CA VAL A 189 4.97 -4.34 34.48
C VAL A 189 6.13 -5.29 34.78
N ASP A 190 6.31 -6.30 33.95
CA ASP A 190 7.44 -7.21 34.07
C ASP A 190 7.47 -8.13 32.85
N TYR A 191 8.41 -9.07 32.86
CA TYR A 191 8.59 -9.99 31.75
C TYR A 191 9.14 -11.30 32.28
N LYS A 192 8.84 -12.38 31.57
CA LYS A 192 9.27 -13.72 31.97
C LYS A 192 9.94 -14.41 30.80
N LEU A 193 10.82 -15.36 31.12
CA LEU A 193 11.48 -16.21 30.14
C LEU A 193 11.09 -17.66 30.43
N ILE A 194 10.55 -18.34 29.42
CA ILE A 194 10.02 -19.68 29.57
C ILE A 194 10.77 -20.60 28.61
N THR A 195 11.10 -21.80 29.08
CA THR A 195 11.65 -22.86 28.25
C THR A 195 10.68 -24.03 28.25
N LYS A 196 10.36 -24.53 27.06
CA LYS A 196 9.44 -25.66 26.96
C LYS A 196 9.69 -26.38 25.64
N LYS A 197 8.97 -27.48 25.45
CA LYS A 197 8.96 -28.23 24.21
C LYS A 197 7.52 -28.36 23.74
N VAL A 198 7.31 -28.20 22.44
CA VAL A 198 5.97 -28.26 21.85
C VAL A 198 5.93 -29.44 20.88
N VAL A 199 4.81 -30.15 20.88
CA VAL A 199 4.62 -31.32 20.05
C VAL A 199 3.78 -30.93 18.84
N PHE A 200 4.25 -31.33 17.66
CA PHE A 200 3.48 -31.25 16.43
C PHE A 200 3.42 -32.63 15.83
N SER A 201 2.66 -32.75 14.74
CA SER A 201 2.54 -34.02 14.06
C SER A 201 3.88 -34.52 13.55
N THR A 202 4.83 -33.62 13.32
CA THR A 202 6.12 -33.98 12.75
C THR A 202 7.22 -34.13 13.79
N GLY A 203 6.91 -34.00 15.07
CA GLY A 203 7.88 -34.19 16.12
C GLY A 203 7.70 -33.17 17.22
N SER A 204 8.63 -33.17 18.16
CA SER A 204 8.63 -32.22 19.27
C SER A 204 9.84 -31.30 19.14
N TYR A 205 9.60 -30.00 19.32
CA TYR A 205 10.59 -28.99 19.00
C TYR A 205 10.87 -28.10 20.20
N PRO A 206 12.10 -27.62 20.34
CA PRO A 206 12.41 -26.70 21.44
C PRO A 206 11.72 -25.36 21.23
N ARG A 207 11.36 -24.72 22.35
CA ARG A 207 10.72 -23.42 22.29
C ARG A 207 11.17 -22.55 23.45
N LEU A 208 11.40 -21.28 23.16
CA LEU A 208 11.64 -20.25 24.16
C LEU A 208 10.55 -19.20 24.03
N SER A 209 9.99 -18.79 25.16
CA SER A 209 8.98 -17.75 25.19
C SER A 209 9.49 -16.58 26.01
N LEU A 210 9.48 -15.41 25.42
CA LEU A 210 9.67 -14.15 26.12
C LEU A 210 8.34 -13.41 26.10
N SER A 211 7.85 -13.01 27.27
CA SER A 211 6.53 -12.40 27.37
C SER A 211 6.59 -11.18 28.27
N PHE A 212 5.85 -10.15 27.89
CA PHE A 212 5.77 -8.90 28.62
C PHE A 212 4.35 -8.69 29.13
N LYS A 213 4.24 -8.13 30.33
CA LYS A 213 2.97 -7.69 30.87
C LYS A 213 2.91 -6.17 30.73
N LEU A 214 1.95 -5.68 29.95
CA LEU A 214 1.81 -4.26 29.67
C LEU A 214 0.55 -3.74 30.34
N LYS A 215 0.71 -2.67 31.12
CA LYS A 215 -0.41 -2.00 31.78
C LYS A 215 -0.67 -0.68 31.08
N ARG A 216 -1.94 -0.40 30.81
CA ARG A 216 -2.30 0.81 30.08
C ARG A 216 -2.42 2.00 31.02
N ASN A 217 -1.89 3.14 30.57
CA ASN A 217 -2.00 4.37 31.33
C ASN A 217 -3.39 4.97 31.17
N ILE A 218 -3.88 5.60 32.24
CA ILE A 218 -5.28 5.98 32.33
C ILE A 218 -5.46 7.47 32.01
N GLY A 219 -4.43 8.28 32.29
CA GLY A 219 -4.60 9.73 32.24
C GLY A 219 -5.09 10.23 30.89
N TYR A 220 -4.53 9.71 29.81
CA TYR A 220 -4.96 10.13 28.47
C TYR A 220 -6.45 9.92 28.29
N PHE A 221 -6.94 8.73 28.63
CA PHE A 221 -8.36 8.45 28.52
C PHE A 221 -9.17 9.32 29.45
N ILE A 222 -8.70 9.52 30.68
CA ILE A 222 -9.40 10.42 31.59
C ILE A 222 -9.69 11.73 30.87
N LEU A 223 -8.63 12.42 30.47
CA LEU A 223 -8.77 13.73 29.87
C LEU A 223 -9.66 13.69 28.63
N GLN A 224 -9.39 12.76 27.70
CA GLN A 224 -10.07 12.86 26.42
C GLN A 224 -11.53 12.41 26.48
N THR A 225 -11.85 11.32 27.19
CA THR A 225 -13.19 10.76 27.11
C THR A 225 -13.96 10.71 28.42
N TYR A 226 -13.31 10.68 29.59
CA TYR A 226 -14.09 10.53 30.80
C TYR A 226 -14.63 11.89 31.25
N MET A 227 -13.75 12.85 31.49
CA MET A 227 -14.16 14.20 31.91
C MET A 227 -15.33 14.67 31.07
N PRO A 228 -15.21 14.79 29.75
CA PRO A 228 -16.34 15.32 28.96
C PRO A 228 -17.65 14.64 29.27
N SER A 229 -17.65 13.34 29.57
CA SER A 229 -18.90 12.64 29.85
C SER A 229 -19.52 13.14 31.16
N ILE A 230 -18.72 13.28 32.21
CA ILE A 230 -19.23 13.82 33.46
C ILE A 230 -19.73 15.23 33.26
N LEU A 231 -18.99 16.04 32.49
CA LEU A 231 -19.37 17.43 32.30
C LEU A 231 -20.68 17.54 31.52
N ILE A 232 -20.87 16.70 30.51
CA ILE A 232 -22.14 16.72 29.79
C ILE A 232 -23.28 16.26 30.70
N THR A 233 -23.02 15.27 31.55
CA THR A 233 -24.07 14.84 32.48
C THR A 233 -24.45 15.96 33.45
N ILE A 234 -23.46 16.71 33.94
CA ILE A 234 -23.77 17.80 34.86
C ILE A 234 -24.52 18.90 34.14
N LEU A 235 -24.11 19.23 32.91
CA LEU A 235 -24.85 20.23 32.15
C LEU A 235 -26.26 19.78 31.85
N SER A 236 -26.49 18.48 31.71
CA SER A 236 -27.87 17.99 31.58
C SER A 236 -28.62 18.18 32.89
N TRP A 237 -27.95 17.95 34.03
CA TRP A 237 -28.58 18.19 35.32
C TRP A 237 -29.05 19.62 35.44
N VAL A 238 -28.28 20.56 34.89
CA VAL A 238 -28.61 21.99 35.02
C VAL A 238 -30.08 22.24 34.68
N SER A 239 -30.69 21.38 33.86
CA SER A 239 -32.07 21.54 33.46
C SER A 239 -33.04 21.51 34.64
N PHE A 240 -32.67 20.90 35.76
CA PHE A 240 -33.59 20.81 36.90
C PHE A 240 -33.75 22.15 37.59
N TRP A 241 -32.74 23.02 37.54
CA TRP A 241 -32.84 24.34 38.14
C TRP A 241 -33.55 25.34 37.25
N ILE A 242 -33.90 24.95 36.03
CA ILE A 242 -34.68 25.79 35.13
C ILE A 242 -36.15 25.52 35.40
N ASN A 243 -36.96 26.58 35.37
CA ASN A 243 -38.38 26.41 35.64
C ASN A 243 -39.04 25.58 34.55
N TYR A 244 -40.02 24.77 34.97
CA TYR A 244 -40.76 23.93 34.03
C TYR A 244 -41.46 24.74 32.95
N ASP A 245 -41.67 26.04 33.17
CA ASP A 245 -42.32 26.85 32.16
C ASP A 245 -41.50 26.93 30.88
N ALA A 246 -40.16 26.92 30.99
CA ALA A 246 -39.28 27.09 29.85
C ALA A 246 -39.06 25.74 29.16
N SER A 247 -40.04 25.35 28.35
CA SER A 247 -39.97 24.07 27.66
C SER A 247 -38.84 24.06 26.64
N ALA A 248 -38.72 25.12 25.83
CA ALA A 248 -37.69 25.16 24.81
C ALA A 248 -36.30 25.07 25.42
N ALA A 249 -36.06 25.80 26.51
CA ALA A 249 -34.74 25.78 27.14
C ALA A 249 -34.39 24.38 27.66
N ARG A 250 -35.30 23.77 28.41
CA ARG A 250 -35.00 22.46 28.98
C ARG A 250 -34.85 21.40 27.90
N VAL A 251 -35.69 21.42 26.87
CA VAL A 251 -35.58 20.43 25.81
C VAL A 251 -34.30 20.63 25.02
N ALA A 252 -33.92 21.89 24.77
CA ALA A 252 -32.65 22.14 24.10
C ALA A 252 -31.50 21.58 24.92
N LEU A 253 -31.52 21.83 26.23
CA LEU A 253 -30.46 21.29 27.09
C LEU A 253 -30.38 19.77 26.97
N GLY A 254 -31.50 19.09 27.16
CA GLY A 254 -31.48 17.63 27.16
C GLY A 254 -31.06 17.07 25.81
N ILE A 255 -31.66 17.57 24.74
CA ILE A 255 -31.37 17.06 23.40
C ILE A 255 -29.91 17.30 23.05
N THR A 256 -29.39 18.49 23.35
CA THR A 256 -28.01 18.79 23.04
C THR A 256 -27.06 17.92 23.85
N THR A 257 -27.39 17.64 25.10
CA THR A 257 -26.54 16.75 25.89
C THR A 257 -26.52 15.34 25.31
N VAL A 258 -27.69 14.85 24.87
CA VAL A 258 -27.74 13.56 24.20
C VAL A 258 -26.87 13.57 22.94
N LEU A 259 -26.94 14.67 22.17
CA LEU A 259 -26.13 14.75 20.96
C LEU A 259 -24.64 14.76 21.27
N THR A 260 -24.25 15.45 22.33
CA THR A 260 -22.83 15.49 22.69
C THR A 260 -22.35 14.12 23.15
N MET A 261 -23.19 13.38 23.89
CA MET A 261 -22.84 12.01 24.22
C MET A 261 -22.69 11.17 22.95
N THR A 262 -23.62 11.35 22.01
CA THR A 262 -23.54 10.63 20.74
C THR A 262 -22.22 10.90 20.03
N THR A 263 -21.82 12.17 19.94
CA THR A 263 -20.61 12.48 19.20
C THR A 263 -19.35 12.02 19.94
N ILE A 264 -19.37 12.04 21.27
CA ILE A 264 -18.23 11.50 22.02
C ILE A 264 -18.07 10.01 21.74
N ASN A 265 -19.19 9.28 21.80
CA ASN A 265 -19.13 7.85 21.49
C ASN A 265 -18.67 7.62 20.05
N THR A 266 -19.16 8.44 19.12
CA THR A 266 -18.77 8.33 17.72
C THR A 266 -17.26 8.47 17.56
N HIS A 267 -16.70 9.56 18.12
CA HIS A 267 -15.27 9.77 18.01
C HIS A 267 -14.48 8.65 18.67
N LEU A 268 -15.00 8.09 19.76
CA LEU A 268 -14.26 7.02 20.44
C LEU A 268 -14.25 5.73 19.62
N ARG A 269 -15.42 5.33 19.10
CA ARG A 269 -15.54 4.04 18.43
C ARG A 269 -14.66 3.92 17.20
N GLU A 270 -14.23 5.05 16.63
CA GLU A 270 -13.42 5.01 15.42
C GLU A 270 -12.08 4.32 15.68
N THR A 271 -11.46 4.61 16.82
CA THR A 271 -10.10 4.15 17.07
C THR A 271 -10.03 2.64 17.27
N LEU A 272 -10.97 2.07 18.01
CA LEU A 272 -10.91 0.67 18.38
C LEU A 272 -11.33 -0.24 17.22
N PRO A 273 -11.01 -1.53 17.30
CA PRO A 273 -11.57 -2.50 16.38
C PRO A 273 -12.99 -2.89 16.79
N LYS A 274 -13.61 -3.74 15.97
CA LYS A 274 -15.00 -4.15 16.15
C LYS A 274 -15.01 -5.45 16.94
N ILE A 275 -15.25 -5.35 18.24
CA ILE A 275 -15.26 -6.52 19.11
C ILE A 275 -16.69 -6.81 19.54
N PRO A 276 -17.06 -8.08 19.79
CA PRO A 276 -18.46 -8.39 20.10
C PRO A 276 -18.88 -7.97 21.49
N TYR A 277 -17.96 -7.84 22.43
CA TYR A 277 -18.29 -7.60 23.82
C TYR A 277 -18.20 -6.12 24.15
N VAL A 278 -18.63 -5.78 25.36
CA VAL A 278 -18.68 -4.40 25.82
C VAL A 278 -17.45 -4.15 26.69
N LYS A 279 -16.76 -3.04 26.44
CA LYS A 279 -15.60 -2.65 27.21
C LYS A 279 -16.00 -1.72 28.34
N ALA A 280 -15.11 -1.60 29.33
CA ALA A 280 -15.39 -0.74 30.48
C ALA A 280 -15.76 0.68 30.04
N ILE A 281 -15.03 1.22 29.07
CA ILE A 281 -15.34 2.56 28.57
C ILE A 281 -16.72 2.58 27.93
N ASP A 282 -17.07 1.52 27.20
CA ASP A 282 -18.39 1.46 26.58
C ASP A 282 -19.48 1.43 27.64
N MET A 283 -19.27 0.69 28.72
CA MET A 283 -20.26 0.65 29.79
C MET A 283 -20.38 2.01 30.46
N TYR A 284 -19.28 2.71 30.66
CA TYR A 284 -19.35 4.05 31.22
C TYR A 284 -20.12 5.00 30.31
N LEU A 285 -19.84 4.96 29.01
CA LEU A 285 -20.55 5.83 28.08
C LEU A 285 -22.03 5.47 28.04
N MET A 286 -22.36 4.19 28.11
CA MET A 286 -23.76 3.78 28.20
C MET A 286 -24.42 4.36 29.45
N GLY A 287 -23.73 4.29 30.59
CA GLY A 287 -24.30 4.81 31.81
C GLY A 287 -24.57 6.31 31.73
N CYS A 288 -23.58 7.06 31.24
CA CYS A 288 -23.77 8.51 31.11
C CYS A 288 -24.90 8.82 30.14
N PHE A 289 -24.96 8.10 29.02
CA PHE A 289 -26.09 8.28 28.10
C PHE A 289 -27.40 8.06 28.83
N VAL A 290 -27.52 6.95 29.54
CA VAL A 290 -28.78 6.61 30.19
C VAL A 290 -29.17 7.71 31.18
N PHE A 291 -28.20 8.26 31.90
CA PHE A 291 -28.52 9.35 32.83
C PHE A 291 -29.02 10.59 32.10
N VAL A 292 -28.38 10.96 30.99
CA VAL A 292 -28.85 12.11 30.24
C VAL A 292 -30.24 11.86 29.67
N PHE A 293 -30.45 10.66 29.12
CA PHE A 293 -31.75 10.28 28.61
C PHE A 293 -32.81 10.32 29.70
N MET A 294 -32.47 9.87 30.90
CA MET A 294 -33.43 9.90 32.00
C MET A 294 -33.73 11.31 32.46
N ALA A 295 -32.76 12.21 32.40
CA ALA A 295 -33.06 13.62 32.68
C ALA A 295 -34.04 14.18 31.67
N LEU A 296 -33.84 13.87 30.40
CA LEU A 296 -34.79 14.30 29.37
C LEU A 296 -36.18 13.72 29.62
N LEU A 297 -36.25 12.44 29.97
CA LEU A 297 -37.54 11.83 30.28
C LEU A 297 -38.15 12.42 31.54
N GLU A 298 -37.32 12.86 32.49
CA GLU A 298 -37.85 13.54 33.67
C GLU A 298 -38.54 14.83 33.27
N TYR A 299 -37.93 15.60 32.37
CA TYR A 299 -38.63 16.79 31.91
C TYR A 299 -39.91 16.42 31.17
N ALA A 300 -39.88 15.36 30.36
CA ALA A 300 -41.08 14.94 29.67
C ALA A 300 -42.21 14.62 30.64
N LEU A 301 -41.88 13.87 31.70
CA LEU A 301 -42.89 13.54 32.71
C LEU A 301 -43.41 14.80 33.39
N VAL A 302 -42.48 15.69 33.79
CA VAL A 302 -42.88 16.91 34.48
C VAL A 302 -43.83 17.72 33.62
N ASN A 303 -43.54 17.84 32.32
CA ASN A 303 -44.39 18.61 31.43
C ASN A 303 -45.75 17.93 31.24
N TYR A 304 -45.76 16.61 31.13
CA TYR A 304 -47.03 15.92 30.90
C TYR A 304 -47.99 16.13 32.06
N ILE A 305 -47.51 16.06 33.29
CA ILE A 305 -48.39 16.04 34.46
C ILE A 305 -48.55 17.41 35.10
N PHE A 306 -47.82 18.43 34.64
CA PHE A 306 -47.90 19.73 35.29
C PHE A 306 -49.30 20.31 35.23
N PHE A 307 -49.95 20.23 34.06
CA PHE A 307 -51.25 20.89 33.88
C PHE A 307 -52.25 20.44 34.93
N SER A 308 -52.13 19.21 35.42
CA SER A 308 -53.05 18.71 36.42
C SER A 308 -52.65 19.15 37.83
N GLN A 309 -51.46 18.75 38.26
CA GLN A 309 -50.98 19.04 39.61
C GLN A 309 -49.76 19.94 39.54
N PRO A 310 -49.88 21.24 39.87
CA PRO A 310 -48.68 22.10 39.87
C PRO A 310 -47.74 21.80 41.01
N ALA A 311 -48.19 21.13 42.07
CA ALA A 311 -47.30 20.79 43.17
C ALA A 311 -46.51 19.53 42.87
N ARG A 312 -47.11 18.57 42.18
CA ARG A 312 -46.42 17.32 41.89
C ARG A 312 -45.23 17.56 40.96
N ALA A 313 -45.38 18.43 39.97
CA ALA A 313 -44.27 18.72 39.07
C ALA A 313 -43.10 19.36 39.82
N ALA A 314 -43.41 20.31 40.72
CA ALA A 314 -42.36 20.90 41.54
C ALA A 314 -41.70 19.85 42.43
N ALA A 315 -42.50 18.94 42.98
CA ALA A 315 -41.93 17.86 43.79
C ALA A 315 -40.99 17.00 42.97
N ILE A 316 -41.38 16.68 41.73
CA ILE A 316 -40.52 15.86 40.87
C ILE A 316 -39.21 16.60 40.58
N ASP A 317 -39.30 17.88 40.26
CA ASP A 317 -38.09 18.66 39.97
C ASP A 317 -37.17 18.70 41.18
N ARG A 318 -37.74 18.98 42.36
CA ARG A 318 -36.92 19.06 43.56
C ARG A 318 -36.29 17.71 43.88
N TRP A 319 -37.06 16.63 43.75
CA TRP A 319 -36.50 15.30 43.97
C TRP A 319 -35.33 15.05 43.05
N SER A 320 -35.50 15.32 41.75
CA SER A 320 -34.43 15.08 40.79
C SER A 320 -33.19 15.89 41.13
N ARG A 321 -33.38 17.13 41.59
CA ARG A 321 -32.26 18.02 41.84
C ARG A 321 -31.22 17.42 42.79
N ILE A 322 -31.64 16.54 43.70
CA ILE A 322 -30.70 15.88 44.61
C ILE A 322 -30.49 14.43 44.19
N PHE A 323 -31.51 13.80 43.62
CA PHE A 323 -31.43 12.38 43.31
C PHE A 323 -30.43 12.11 42.19
N PHE A 324 -30.51 12.87 41.10
CA PHE A 324 -29.66 12.55 39.95
C PHE A 324 -28.18 12.64 40.28
N PRO A 325 -27.68 13.73 40.86
CA PRO A 325 -26.25 13.76 41.22
C PRO A 325 -25.86 12.65 42.19
N VAL A 326 -26.72 12.33 43.16
CA VAL A 326 -26.36 11.31 44.15
C VAL A 326 -26.17 9.96 43.46
N VAL A 327 -27.12 9.58 42.61
CA VAL A 327 -27.02 8.29 41.95
C VAL A 327 -25.90 8.27 40.93
N PHE A 328 -25.62 9.40 40.27
CA PHE A 328 -24.47 9.44 39.39
C PHE A 328 -23.17 9.23 40.18
N SER A 329 -23.08 9.83 41.37
CA SER A 329 -21.92 9.61 42.22
C SER A 329 -21.82 8.15 42.64
N PHE A 330 -22.94 7.53 42.98
CA PHE A 330 -22.92 6.11 43.33
C PHE A 330 -22.45 5.26 42.16
N PHE A 331 -22.94 5.54 40.96
CA PHE A 331 -22.55 4.79 39.78
C PHE A 331 -21.05 4.95 39.51
N ASN A 332 -20.55 6.18 39.62
CA ASN A 332 -19.12 6.40 39.42
C ASN A 332 -18.30 5.65 40.46
N ILE A 333 -18.74 5.68 41.72
CA ILE A 333 -18.00 5.01 42.79
C ILE A 333 -17.92 3.53 42.51
N VAL A 334 -19.06 2.90 42.17
CA VAL A 334 -19.03 1.46 41.94
C VAL A 334 -18.20 1.14 40.69
N TYR A 335 -18.28 1.97 39.65
CA TYR A 335 -17.54 1.70 38.43
C TYR A 335 -16.04 1.74 38.66
N TRP A 336 -15.55 2.84 39.25
CA TRP A 336 -14.13 2.96 39.50
C TRP A 336 -13.64 2.01 40.59
N LEU A 337 -14.53 1.52 41.45
CA LEU A 337 -14.11 0.50 42.39
C LEU A 337 -14.02 -0.86 41.72
N TYR A 338 -14.89 -1.12 40.76
CA TYR A 338 -14.89 -2.42 40.09
C TYR A 338 -13.68 -2.56 39.17
N TYR A 339 -13.33 -1.49 38.45
CA TYR A 339 -12.29 -1.61 37.43
C TYR A 339 -10.90 -1.23 37.91
N VAL A 340 -10.79 -0.50 39.02
CA VAL A 340 -9.46 -0.12 39.53
C VAL A 340 -9.00 -1.15 40.54
N ASP B 10 34.43 -38.98 11.66
CA ASP B 10 34.10 -38.62 10.28
C ASP B 10 32.68 -39.02 9.91
N ASN B 11 31.80 -39.14 10.91
CA ASN B 11 30.41 -39.43 10.62
C ASN B 11 29.81 -38.35 9.72
N THR B 12 30.21 -37.11 9.93
CA THR B 12 29.83 -36.04 9.02
C THR B 12 30.37 -36.30 7.62
N THR B 13 31.58 -36.86 7.51
CA THR B 13 32.15 -37.12 6.20
C THR B 13 31.38 -38.22 5.46
N VAL B 14 31.01 -39.29 6.16
CA VAL B 14 30.24 -40.34 5.50
C VAL B 14 28.86 -39.83 5.12
N PHE B 15 28.26 -38.96 5.94
CA PHE B 15 26.96 -38.43 5.57
C PHE B 15 27.08 -37.45 4.40
N THR B 16 28.17 -36.70 4.34
CA THR B 16 28.45 -35.86 3.18
C THR B 16 28.59 -36.70 1.92
N ARG B 17 29.28 -37.83 2.03
CA ARG B 17 29.44 -38.73 0.89
C ARG B 17 28.08 -39.27 0.46
N ILE B 18 27.21 -39.60 1.41
CA ILE B 18 25.85 -40.03 1.09
C ILE B 18 25.12 -38.94 0.32
N LEU B 19 25.15 -37.71 0.83
CA LEU B 19 24.42 -36.62 0.19
C LEU B 19 24.94 -36.34 -1.21
N ASP B 20 26.26 -36.40 -1.39
CA ASP B 20 26.83 -36.14 -2.70
C ASP B 20 26.51 -37.26 -3.68
N ARG B 21 26.55 -38.51 -3.24
CA ARG B 21 26.12 -39.61 -4.09
C ARG B 21 24.64 -39.54 -4.40
N LEU B 22 23.86 -38.89 -3.55
CA LEU B 22 22.42 -38.83 -3.73
C LEU B 22 22.02 -37.83 -4.82
N LEU B 23 22.76 -36.75 -4.98
CA LEU B 23 22.46 -35.71 -5.95
C LEU B 23 23.26 -35.85 -7.23
N ASP B 24 24.01 -36.93 -7.39
CA ASP B 24 24.84 -37.10 -8.58
C ASP B 24 23.97 -37.57 -9.73
N GLY B 25 23.98 -36.82 -10.83
CA GLY B 25 23.12 -37.12 -11.96
C GLY B 25 21.65 -36.99 -11.62
N TYR B 26 21.29 -35.95 -10.87
CA TYR B 26 19.92 -35.70 -10.44
C TYR B 26 19.42 -34.45 -11.15
N ASP B 27 18.31 -34.59 -11.88
CA ASP B 27 17.74 -33.49 -12.64
C ASP B 27 16.48 -33.01 -11.92
N ASN B 28 16.59 -31.90 -11.19
CA ASN B 28 15.45 -31.35 -10.47
C ASN B 28 14.44 -30.71 -11.41
N ARG B 29 14.72 -30.65 -12.70
CA ARG B 29 13.74 -30.17 -13.66
C ARG B 29 12.70 -31.21 -14.01
N LEU B 30 12.94 -32.48 -13.68
CA LEU B 30 12.04 -33.56 -14.04
C LEU B 30 11.40 -34.14 -12.78
N ARG B 31 10.08 -34.26 -12.80
CA ARG B 31 9.36 -34.82 -11.68
C ARG B 31 9.61 -36.32 -11.58
N PRO B 32 9.45 -36.91 -10.40
CA PRO B 32 9.65 -38.35 -10.25
C PRO B 32 8.62 -39.15 -11.05
N GLY B 33 9.10 -40.09 -11.85
CA GLY B 33 8.25 -40.85 -12.75
C GLY B 33 7.71 -39.98 -13.87
N LEU B 34 8.61 -39.36 -14.63
CA LEU B 34 8.21 -38.31 -15.56
C LEU B 34 7.33 -38.84 -16.69
N GLY B 35 7.73 -39.94 -17.32
CA GLY B 35 7.00 -40.41 -18.48
C GLY B 35 6.29 -41.72 -18.28
N GLU B 36 6.34 -42.28 -17.06
CA GLU B 36 5.88 -43.64 -16.84
C GLU B 36 5.00 -43.78 -15.61
N ARG B 37 4.59 -42.68 -14.98
CA ARG B 37 3.85 -42.76 -13.74
C ARG B 37 3.36 -41.37 -13.36
N VAL B 38 2.27 -41.33 -12.60
CA VAL B 38 1.69 -40.08 -12.11
C VAL B 38 2.21 -39.84 -10.70
N THR B 39 2.74 -38.64 -10.45
CA THR B 39 3.25 -38.30 -9.13
C THR B 39 2.10 -38.01 -8.18
N GLU B 40 2.13 -38.62 -7.01
CA GLU B 40 1.07 -38.49 -6.02
C GLU B 40 1.62 -37.73 -4.83
N VAL B 41 1.07 -36.55 -4.58
CA VAL B 41 1.50 -35.68 -3.49
C VAL B 41 0.47 -35.77 -2.38
N LYS B 42 0.85 -36.34 -1.25
CA LYS B 42 0.00 -36.35 -0.06
C LYS B 42 0.11 -35.02 0.66
N THR B 43 -1.02 -34.46 1.07
CA THR B 43 -1.06 -33.09 1.56
C THR B 43 -1.73 -33.04 2.92
N ASP B 44 -1.25 -32.10 3.74
CA ASP B 44 -1.69 -31.93 5.12
C ASP B 44 -1.54 -30.47 5.47
N ILE B 45 -2.51 -29.94 6.21
CA ILE B 45 -2.49 -28.53 6.60
C ILE B 45 -2.69 -28.45 8.10
N PHE B 46 -1.83 -27.68 8.75
CA PHE B 46 -1.98 -27.35 10.16
C PHE B 46 -2.13 -25.85 10.27
N VAL B 47 -3.24 -25.40 10.85
CA VAL B 47 -3.58 -23.98 10.93
C VAL B 47 -3.12 -23.49 12.29
N THR B 48 -1.98 -22.80 12.32
CA THR B 48 -1.48 -22.24 13.57
C THR B 48 -2.26 -21.01 14.00
N SER B 49 -2.93 -20.33 13.07
CA SER B 49 -3.81 -19.23 13.42
C SER B 49 -4.70 -18.95 12.22
N PHE B 50 -5.91 -18.50 12.51
CA PHE B 50 -6.89 -18.12 11.50
C PHE B 50 -7.06 -16.61 11.60
N GLY B 51 -6.33 -15.88 10.75
CA GLY B 51 -6.22 -14.44 10.83
C GLY B 51 -7.57 -13.79 10.73
N PRO B 52 -7.60 -12.46 10.80
CA PRO B 52 -8.87 -11.75 10.75
C PRO B 52 -9.52 -11.82 9.38
N VAL B 53 -10.79 -11.48 9.34
CA VAL B 53 -11.60 -11.50 8.12
C VAL B 53 -11.87 -10.05 7.74
N SER B 54 -11.48 -9.67 6.53
CA SER B 54 -11.66 -8.32 6.03
C SER B 54 -12.96 -8.29 5.23
N ASP B 55 -14.02 -7.75 5.84
CA ASP B 55 -15.30 -7.64 5.14
C ASP B 55 -15.20 -6.71 3.95
N HIS B 56 -14.49 -5.59 4.10
CA HIS B 56 -14.40 -4.63 3.02
C HIS B 56 -13.70 -5.23 1.79
N ASP B 57 -12.65 -6.00 2.00
CA ASP B 57 -11.89 -6.59 0.90
C ASP B 57 -12.39 -7.99 0.52
N MET B 58 -13.33 -8.55 1.26
CA MET B 58 -13.81 -9.91 1.02
C MET B 58 -12.64 -10.89 0.97
N GLU B 59 -11.87 -10.91 2.06
CA GLU B 59 -10.71 -11.78 2.15
C GLU B 59 -10.51 -12.17 3.61
N TYR B 60 -9.62 -13.12 3.82
CA TYR B 60 -9.27 -13.57 5.16
C TYR B 60 -7.82 -14.01 5.14
N THR B 61 -7.13 -13.81 6.27
CA THR B 61 -5.76 -14.21 6.44
C THR B 61 -5.70 -15.54 7.19
N ILE B 62 -4.68 -16.34 6.88
CA ILE B 62 -4.53 -17.64 7.53
C ILE B 62 -3.05 -17.98 7.57
N ASP B 63 -2.58 -18.47 8.73
CA ASP B 63 -1.22 -18.96 8.91
C ASP B 63 -1.27 -20.47 9.01
N VAL B 64 -0.40 -21.17 8.29
CA VAL B 64 -0.44 -22.62 8.23
C VAL B 64 0.97 -23.20 8.18
N PHE B 65 1.05 -24.47 8.56
CA PHE B 65 2.14 -25.35 8.15
C PHE B 65 1.60 -26.18 6.99
N PHE B 66 2.15 -25.96 5.80
CA PHE B 66 1.74 -26.67 4.59
C PHE B 66 2.67 -27.85 4.39
N ARG B 67 2.14 -29.06 4.54
CA ARG B 67 2.94 -30.28 4.51
C ARG B 67 2.64 -31.06 3.24
N GLN B 68 3.69 -31.40 2.51
CA GLN B 68 3.58 -32.15 1.27
C GLN B 68 4.54 -33.32 1.33
N SER B 69 4.07 -34.48 0.88
CA SER B 69 4.88 -35.69 0.87
C SER B 69 4.66 -36.40 -0.45
N TRP B 70 5.75 -36.85 -1.05
CA TRP B 70 5.70 -37.64 -2.28
C TRP B 70 6.83 -38.65 -2.23
N LYS B 71 6.95 -39.45 -3.28
CA LYS B 71 7.96 -40.49 -3.37
C LYS B 71 8.86 -40.20 -4.58
N ASP B 72 10.16 -40.09 -4.32
CA ASP B 72 11.17 -39.87 -5.35
C ASP B 72 12.13 -41.03 -5.29
N GLU B 73 12.08 -41.91 -6.30
CA GLU B 73 12.85 -43.17 -6.32
C GLU B 73 14.33 -42.86 -6.52
N ARG B 74 14.68 -41.67 -7.05
CA ARG B 74 16.07 -41.29 -7.22
C ARG B 74 16.74 -40.91 -5.91
N LEU B 75 15.98 -40.78 -4.82
CA LEU B 75 16.51 -40.32 -3.54
C LEU B 75 16.56 -41.43 -2.50
N LYS B 76 16.53 -42.68 -2.93
CA LYS B 76 16.78 -43.81 -2.02
C LYS B 76 18.23 -43.77 -1.56
N PHE B 77 18.45 -44.14 -0.31
CA PHE B 77 19.80 -44.17 0.24
C PHE B 77 19.89 -45.25 1.31
N LYS B 78 21.12 -45.61 1.66
CA LYS B 78 21.38 -46.55 2.74
C LYS B 78 22.52 -46.02 3.59
N GLY B 79 22.28 -45.94 4.89
CA GLY B 79 23.26 -45.42 5.82
C GLY B 79 22.89 -45.78 7.25
N PRO B 80 23.57 -45.16 8.21
CA PRO B 80 23.27 -45.43 9.63
C PRO B 80 21.99 -44.79 10.13
N MET B 81 21.30 -44.00 9.31
CA MET B 81 20.02 -43.42 9.65
C MET B 81 18.95 -43.91 8.69
N THR B 82 17.69 -43.91 9.15
CA THR B 82 16.57 -44.21 8.28
C THR B 82 15.93 -42.96 7.69
N VAL B 83 16.10 -41.80 8.34
CA VAL B 83 15.62 -40.52 7.82
C VAL B 83 16.77 -39.52 7.88
N LEU B 84 16.76 -38.59 6.94
CA LEU B 84 17.72 -37.49 6.91
C LEU B 84 16.96 -36.18 7.15
N ARG B 85 17.16 -35.59 8.31
CA ARG B 85 16.58 -34.29 8.62
C ARG B 85 17.54 -33.23 8.11
N LEU B 86 17.23 -32.65 6.96
CA LEU B 86 18.17 -31.83 6.23
C LEU B 86 17.76 -30.36 6.29
N ASN B 87 18.77 -29.49 6.24
CA ASN B 87 18.53 -28.07 6.17
C ASN B 87 17.79 -27.72 4.89
N ASN B 88 16.93 -26.71 4.97
CA ASN B 88 15.96 -26.42 3.91
C ASN B 88 16.60 -25.97 2.60
N LEU B 89 17.93 -25.90 2.49
CA LEU B 89 18.56 -25.61 1.21
C LEU B 89 18.78 -26.86 0.37
N MET B 90 18.50 -28.03 0.91
CA MET B 90 18.48 -29.30 0.12
C MET B 90 17.23 -29.34 -0.75
N ALA B 91 16.11 -28.74 -0.32
CA ALA B 91 14.90 -28.75 -1.12
C ALA B 91 15.08 -28.01 -2.44
N SER B 92 15.94 -27.00 -2.47
CA SER B 92 16.17 -26.27 -3.71
C SER B 92 16.98 -27.09 -4.71
N LYS B 93 17.63 -28.15 -4.28
CA LYS B 93 18.44 -28.98 -5.16
C LYS B 93 17.67 -30.16 -5.74
N ILE B 94 16.43 -30.38 -5.31
CA ILE B 94 15.63 -31.50 -5.75
C ILE B 94 14.33 -30.98 -6.36
N TRP B 95 13.60 -31.87 -7.01
CA TRP B 95 12.26 -31.54 -7.46
C TRP B 95 11.33 -31.42 -6.27
N THR B 96 10.51 -30.37 -6.27
CA THR B 96 9.43 -30.20 -5.33
C THR B 96 8.18 -29.77 -6.09
N PRO B 97 7.00 -30.10 -5.60
CA PRO B 97 5.78 -29.70 -6.31
C PRO B 97 5.61 -28.19 -6.34
N ASP B 98 5.01 -27.71 -7.42
CA ASP B 98 4.75 -26.27 -7.57
C ASP B 98 3.30 -25.95 -7.22
N THR B 99 2.97 -26.20 -5.96
CA THR B 99 1.63 -25.96 -5.46
C THR B 99 1.39 -24.47 -5.30
N PHE B 100 0.15 -24.04 -5.56
CA PHE B 100 -0.23 -22.66 -5.37
C PHE B 100 -1.69 -22.63 -4.93
N PHE B 101 -2.08 -21.51 -4.33
CA PHE B 101 -3.45 -21.33 -3.86
C PHE B 101 -4.24 -20.58 -4.92
N HIS B 102 -5.30 -21.22 -5.41
CA HIS B 102 -6.05 -20.70 -6.55
C HIS B 102 -6.69 -19.36 -6.22
N ASN B 103 -7.35 -19.26 -5.07
CA ASN B 103 -7.97 -18.03 -4.63
C ASN B 103 -7.07 -17.23 -3.70
N GLY B 104 -5.76 -17.51 -3.71
CA GLY B 104 -4.84 -16.71 -2.93
C GLY B 104 -4.66 -15.35 -3.57
N LYS B 105 -4.75 -14.30 -2.76
CA LYS B 105 -4.51 -12.94 -3.22
C LYS B 105 -3.06 -12.55 -3.08
N LYS B 106 -2.49 -12.76 -1.90
CA LYS B 106 -1.08 -12.51 -1.66
C LYS B 106 -0.67 -13.36 -0.47
N SER B 107 0.31 -14.23 -0.66
CA SER B 107 0.83 -15.05 0.41
C SER B 107 2.32 -14.82 0.57
N VAL B 108 2.84 -15.23 1.72
CA VAL B 108 4.24 -15.02 2.07
C VAL B 108 4.79 -16.30 2.67
N ALA B 109 5.92 -16.75 2.14
CA ALA B 109 6.65 -17.86 2.71
C ALA B 109 7.70 -17.28 3.66
N HIS B 110 7.48 -17.49 4.95
CA HIS B 110 8.31 -16.83 5.96
C HIS B 110 9.73 -17.35 5.92
N ASN B 111 10.69 -16.45 6.12
CA ASN B 111 12.10 -16.83 6.05
C ASN B 111 12.93 -16.14 7.11
N MET B 112 12.33 -15.81 8.25
CA MET B 112 13.04 -15.27 9.40
C MET B 112 13.11 -16.36 10.46
N THR B 113 14.30 -16.64 11.00
CA THR B 113 15.57 -16.03 10.61
C THR B 113 16.19 -16.76 9.42
N MET B 114 15.65 -17.92 9.10
CA MET B 114 16.00 -18.71 7.92
C MET B 114 14.71 -19.15 7.25
N PRO B 115 14.77 -19.55 5.97
CA PRO B 115 13.57 -20.06 5.30
C PRO B 115 12.83 -21.10 6.12
N ASN B 116 11.58 -20.80 6.49
CA ASN B 116 10.83 -21.60 7.45
C ASN B 116 10.36 -22.88 6.76
N LYS B 117 11.34 -23.71 6.40
CA LYS B 117 11.11 -24.89 5.61
C LYS B 117 11.73 -26.10 6.28
N LEU B 118 11.42 -27.27 5.73
CA LEU B 118 11.72 -28.54 6.38
C LEU B 118 11.75 -29.62 5.31
N LEU B 119 12.75 -30.48 5.34
CA LEU B 119 12.87 -31.55 4.35
C LEU B 119 13.39 -32.80 5.04
N ARG B 120 12.57 -33.84 5.10
CA ARG B 120 12.97 -35.15 5.61
C ARG B 120 12.92 -36.15 4.47
N ILE B 121 14.02 -36.85 4.26
CA ILE B 121 14.12 -37.91 3.26
C ILE B 121 14.23 -39.23 4.00
N THR B 122 13.31 -40.14 3.74
CA THR B 122 13.40 -41.51 4.24
C THR B 122 14.20 -42.35 3.26
N GLU B 123 14.78 -43.43 3.77
CA GLU B 123 15.71 -44.23 2.97
C GLU B 123 15.02 -44.95 1.82
N ASP B 124 13.69 -45.10 1.85
CA ASP B 124 12.99 -45.65 0.71
C ASP B 124 12.67 -44.62 -0.35
N GLY B 125 13.02 -43.35 -0.13
CA GLY B 125 12.78 -42.31 -1.10
C GLY B 125 11.55 -41.48 -0.88
N THR B 126 10.86 -41.66 0.24
CA THR B 126 9.73 -40.80 0.58
C THR B 126 10.25 -39.47 1.13
N LEU B 127 9.60 -38.39 0.72
CA LEU B 127 9.98 -37.05 1.15
C LEU B 127 8.85 -36.44 1.96
N LEU B 128 9.23 -35.66 2.98
CA LEU B 128 8.29 -34.81 3.71
C LEU B 128 8.82 -33.38 3.59
N TYR B 129 7.97 -32.48 3.11
CA TYR B 129 8.35 -31.11 2.79
C TYR B 129 7.32 -30.18 3.41
N THR B 130 7.72 -29.47 4.45
CA THR B 130 6.80 -28.64 5.21
C THR B 130 7.24 -27.19 5.15
N MET B 131 6.28 -26.28 4.99
CA MET B 131 6.53 -24.86 4.94
C MET B 131 5.61 -24.13 5.90
N ARG B 132 6.11 -23.04 6.45
CA ARG B 132 5.29 -22.09 7.18
C ARG B 132 4.98 -20.91 6.26
N LEU B 133 3.71 -20.59 6.11
CA LEU B 133 3.34 -19.55 5.18
C LEU B 133 2.03 -18.91 5.60
N THR B 134 1.88 -17.64 5.27
CA THR B 134 0.67 -16.87 5.52
C THR B 134 -0.03 -16.61 4.19
N VAL B 135 -1.31 -16.90 4.13
CA VAL B 135 -2.09 -16.77 2.91
C VAL B 135 -3.19 -15.74 3.15
N ARG B 136 -3.21 -14.69 2.35
CA ARG B 136 -4.39 -13.87 2.20
C ARG B 136 -5.20 -14.44 1.05
N ALA B 137 -6.40 -14.92 1.35
CA ALA B 137 -7.23 -15.61 0.38
C ALA B 137 -8.53 -14.84 0.17
N GLU B 138 -9.07 -14.97 -1.04
CA GLU B 138 -10.30 -14.30 -1.41
C GLU B 138 -11.50 -15.12 -0.94
N CYS B 139 -12.39 -14.49 -0.19
CA CYS B 139 -13.60 -15.13 0.34
C CYS B 139 -14.82 -14.38 -0.16
N PRO B 140 -15.45 -14.80 -1.26
CA PRO B 140 -16.66 -14.11 -1.71
C PRO B 140 -17.77 -14.21 -0.67
N MET B 141 -18.39 -13.08 -0.38
CA MET B 141 -19.37 -12.97 0.69
C MET B 141 -20.69 -12.45 0.13
N HIS B 142 -21.79 -12.97 0.68
CA HIS B 142 -23.13 -12.50 0.38
C HIS B 142 -23.70 -11.92 1.66
N LEU B 143 -23.94 -10.61 1.66
CA LEU B 143 -24.27 -9.87 2.87
C LEU B 143 -25.74 -9.46 2.92
N GLU B 144 -26.63 -10.27 2.36
CA GLU B 144 -28.05 -9.94 2.43
C GLU B 144 -28.58 -10.04 3.86
N ASP B 145 -28.01 -10.92 4.67
CA ASP B 145 -28.43 -11.10 6.05
C ASP B 145 -27.49 -10.45 7.05
N PHE B 146 -26.61 -9.57 6.59
CA PHE B 146 -25.70 -8.90 7.49
C PHE B 146 -26.49 -8.06 8.51
N PRO B 147 -26.08 -8.04 9.78
CA PRO B 147 -24.90 -8.65 10.41
C PRO B 147 -25.14 -10.03 10.99
N MET B 148 -26.19 -10.71 10.56
CA MET B 148 -26.54 -12.04 11.07
C MET B 148 -26.27 -13.10 10.01
N ASP B 149 -25.17 -12.95 9.29
CA ASP B 149 -24.83 -13.80 8.16
C ASP B 149 -23.73 -14.79 8.52
N ALA B 150 -23.66 -15.86 7.73
CA ALA B 150 -22.65 -16.90 7.88
C ALA B 150 -22.02 -17.13 6.51
N HIS B 151 -20.75 -17.53 6.52
CA HIS B 151 -20.00 -17.70 5.29
C HIS B 151 -19.16 -18.96 5.37
N ALA B 152 -18.87 -19.52 4.19
CA ALA B 152 -17.93 -20.63 4.05
C ALA B 152 -16.77 -20.11 3.20
N CYS B 153 -15.70 -19.70 3.86
CA CYS B 153 -14.54 -19.15 3.16
C CYS B 153 -13.67 -20.28 2.63
N PRO B 154 -13.40 -20.34 1.33
CA PRO B 154 -12.63 -21.47 0.78
C PRO B 154 -11.13 -21.21 0.77
N LEU B 155 -10.40 -22.31 0.73
CA LEU B 155 -8.96 -22.30 0.48
C LEU B 155 -8.68 -23.39 -0.55
N LYS B 156 -8.37 -23.00 -1.77
CA LYS B 156 -8.18 -23.93 -2.87
C LYS B 156 -6.73 -23.93 -3.29
N PHE B 157 -6.15 -25.11 -3.43
CA PHE B 157 -4.78 -25.23 -3.90
C PHE B 157 -4.67 -26.40 -4.86
N GLY B 158 -3.54 -26.44 -5.54
CA GLY B 158 -3.28 -27.46 -6.54
C GLY B 158 -1.96 -27.16 -7.22
N SER B 159 -1.69 -27.91 -8.27
CA SER B 159 -0.44 -27.73 -9.00
C SER B 159 -0.60 -26.65 -10.05
N TYR B 160 0.41 -25.79 -10.14
CA TYR B 160 0.58 -24.92 -11.29
C TYR B 160 1.36 -25.73 -12.32
N ALA B 161 0.87 -25.77 -13.54
CA ALA B 161 1.57 -26.31 -14.71
C ALA B 161 1.56 -27.84 -14.82
N TYR B 162 1.13 -28.61 -13.82
CA TYR B 162 1.08 -30.06 -13.91
C TYR B 162 -0.37 -30.51 -13.90
N THR B 163 -0.81 -31.13 -14.98
CA THR B 163 -2.21 -31.52 -15.12
C THR B 163 -2.47 -32.82 -14.37
N ARG B 164 -3.73 -33.25 -14.38
CA ARG B 164 -4.13 -34.43 -13.63
C ARG B 164 -3.38 -35.67 -14.07
N ALA B 165 -2.93 -35.72 -15.32
CA ALA B 165 -2.19 -36.88 -15.81
C ALA B 165 -0.78 -36.97 -15.26
N GLU B 166 -0.29 -35.94 -14.57
CA GLU B 166 1.09 -35.89 -14.10
C GLU B 166 1.20 -35.82 -12.59
N VAL B 167 0.50 -34.89 -11.94
CA VAL B 167 0.53 -34.75 -10.50
C VAL B 167 -0.91 -34.75 -10.00
N VAL B 168 -1.18 -35.58 -9.01
CA VAL B 168 -2.47 -35.57 -8.31
C VAL B 168 -2.19 -35.34 -6.84
N TYR B 169 -3.15 -34.72 -6.17
CA TYR B 169 -3.03 -34.40 -4.75
C TYR B 169 -4.01 -35.24 -3.96
N GLU B 170 -3.58 -35.61 -2.76
CA GLU B 170 -4.36 -36.47 -1.89
C GLU B 170 -4.10 -36.06 -0.45
N TRP B 171 -5.14 -36.10 0.38
CA TRP B 171 -4.95 -35.85 1.79
C TRP B 171 -4.14 -36.98 2.42
N THR B 172 -3.18 -36.61 3.28
CA THR B 172 -2.30 -37.61 3.86
C THR B 172 -3.05 -38.55 4.79
N ARG B 173 -4.00 -38.03 5.56
CA ARG B 173 -4.82 -38.79 6.48
C ARG B 173 -6.26 -38.74 6.01
N GLU B 174 -7.15 -39.33 6.82
CA GLU B 174 -8.57 -39.27 6.52
C GLU B 174 -8.97 -37.84 6.15
N PRO B 175 -9.67 -37.63 5.04
CA PRO B 175 -10.00 -36.25 4.65
C PRO B 175 -10.55 -35.42 5.78
N ALA B 176 -11.40 -36.01 6.63
CA ALA B 176 -11.98 -35.29 7.75
C ALA B 176 -10.99 -34.91 8.83
N ARG B 177 -9.78 -35.46 8.80
CA ARG B 177 -8.76 -35.17 9.82
C ARG B 177 -7.51 -34.54 9.25
N SER B 178 -7.53 -34.08 8.01
CA SER B 178 -6.31 -33.64 7.34
C SER B 178 -6.05 -32.14 7.46
N VAL B 179 -7.05 -31.36 7.86
CA VAL B 179 -6.88 -29.95 8.13
C VAL B 179 -7.17 -29.77 9.61
N VAL B 180 -6.15 -29.40 10.38
CA VAL B 180 -6.22 -29.32 11.83
C VAL B 180 -5.95 -27.88 12.24
N VAL B 181 -6.81 -27.33 13.09
CA VAL B 181 -6.69 -25.96 13.58
C VAL B 181 -6.21 -26.02 15.03
N ALA B 182 -5.19 -25.23 15.34
CA ALA B 182 -4.65 -25.20 16.70
C ALA B 182 -5.68 -24.63 17.67
N GLU B 183 -5.58 -25.09 18.93
CA GLU B 183 -6.57 -24.72 19.93
C GLU B 183 -6.57 -23.22 20.19
N ASP B 184 -5.41 -22.65 20.49
CA ASP B 184 -5.32 -21.22 20.80
C ASP B 184 -5.18 -20.35 19.55
N GLY B 185 -5.11 -20.93 18.37
CA GLY B 185 -4.85 -20.17 17.17
C GLY B 185 -6.09 -19.55 16.56
N SER B 186 -6.59 -18.48 17.18
CA SER B 186 -7.74 -17.74 16.67
C SER B 186 -7.42 -16.25 16.75
N ARG B 187 -7.27 -15.62 15.58
CA ARG B 187 -7.15 -14.18 15.49
C ARG B 187 -8.45 -13.55 14.98
N LEU B 188 -9.57 -14.23 15.17
CA LEU B 188 -10.87 -13.74 14.74
C LEU B 188 -11.45 -12.82 15.81
N ASN B 189 -11.66 -11.56 15.44
CA ASN B 189 -12.32 -10.61 16.32
C ASN B 189 -13.84 -10.68 16.19
N GLN B 190 -14.32 -10.57 14.97
CA GLN B 190 -15.72 -10.34 14.67
C GLN B 190 -16.48 -11.61 14.29
N TYR B 191 -15.80 -12.75 14.21
CA TYR B 191 -16.39 -13.97 13.69
C TYR B 191 -16.12 -15.14 14.64
N ASP B 192 -16.78 -16.25 14.34
CA ASP B 192 -16.65 -17.48 15.09
C ASP B 192 -16.38 -18.61 14.11
N LEU B 193 -15.34 -19.39 14.37
CA LEU B 193 -14.96 -20.49 13.49
C LEU B 193 -15.72 -21.74 13.91
N LEU B 194 -16.77 -22.09 13.17
CA LEU B 194 -17.62 -23.21 13.53
C LEU B 194 -16.98 -24.56 13.21
N GLY B 195 -16.14 -24.62 12.19
CA GLY B 195 -15.56 -25.86 11.75
C GLY B 195 -15.01 -25.72 10.35
N GLN B 196 -14.44 -26.82 9.86
CA GLN B 196 -13.86 -26.83 8.52
C GLN B 196 -14.29 -28.08 7.77
N THR B 197 -14.29 -27.95 6.46
CA THR B 197 -14.69 -28.99 5.53
C THR B 197 -13.68 -29.06 4.40
N VAL B 198 -13.39 -30.26 3.90
CA VAL B 198 -12.46 -30.44 2.80
C VAL B 198 -13.13 -31.22 1.69
N ASP B 199 -12.59 -31.05 0.48
CA ASP B 199 -13.07 -31.76 -0.69
C ASP B 199 -11.96 -31.77 -1.74
N SER B 200 -12.13 -32.62 -2.73
CA SER B 200 -11.20 -32.74 -3.85
C SER B 200 -11.98 -32.76 -5.14
N GLY B 201 -11.39 -32.20 -6.19
CA GLY B 201 -12.07 -32.08 -7.46
C GLY B 201 -11.11 -31.80 -8.58
N ILE B 202 -11.69 -31.39 -9.72
CA ILE B 202 -10.94 -31.14 -10.94
C ILE B 202 -11.45 -29.86 -11.57
N VAL B 203 -10.52 -29.02 -12.06
CA VAL B 203 -10.87 -27.81 -12.78
C VAL B 203 -10.21 -27.86 -14.15
N GLN B 204 -10.99 -27.58 -15.18
CA GLN B 204 -10.49 -27.49 -16.55
C GLN B 204 -10.08 -26.05 -16.81
N SER B 205 -8.79 -25.83 -17.02
CA SER B 205 -8.25 -24.53 -17.36
C SER B 205 -8.02 -24.46 -18.87
N SER B 206 -7.42 -23.38 -19.33
CA SER B 206 -7.01 -23.26 -20.73
C SER B 206 -5.72 -24.01 -21.01
N THR B 207 -5.07 -24.56 -19.98
CA THR B 207 -3.86 -25.33 -20.16
C THR B 207 -4.03 -26.82 -19.84
N GLY B 208 -5.19 -27.24 -19.38
CA GLY B 208 -5.44 -28.65 -19.16
C GLY B 208 -6.36 -28.88 -17.98
N GLU B 209 -6.35 -30.12 -17.50
CA GLU B 209 -7.22 -30.58 -16.43
C GLU B 209 -6.39 -30.77 -15.16
N TYR B 210 -6.72 -30.01 -14.12
CA TYR B 210 -5.93 -29.98 -12.90
C TYR B 210 -6.75 -30.43 -11.70
N VAL B 211 -6.10 -31.19 -10.82
CA VAL B 211 -6.68 -31.51 -9.52
C VAL B 211 -6.65 -30.27 -8.63
N VAL B 212 -7.73 -30.04 -7.90
CA VAL B 212 -7.82 -28.95 -6.94
C VAL B 212 -8.28 -29.52 -5.61
N MET B 213 -7.59 -29.13 -4.53
CA MET B 213 -7.96 -29.49 -3.18
C MET B 213 -8.58 -28.27 -2.51
N THR B 214 -9.75 -28.46 -1.91
CA THR B 214 -10.51 -27.36 -1.34
C THR B 214 -10.75 -27.58 0.14
N THR B 215 -10.62 -26.51 0.92
CA THR B 215 -11.04 -26.47 2.30
C THR B 215 -12.02 -25.32 2.47
N HIS B 216 -13.09 -25.55 3.21
CA HIS B 216 -14.07 -24.52 3.50
C HIS B 216 -14.09 -24.29 5.00
N PHE B 217 -13.85 -23.06 5.42
CA PHE B 217 -13.90 -22.67 6.82
C PHE B 217 -15.20 -21.94 7.07
N HIS B 218 -16.02 -22.48 7.96
CA HIS B 218 -17.37 -21.96 8.18
C HIS B 218 -17.34 -20.96 9.33
N LEU B 219 -17.70 -19.71 9.04
CA LEU B 219 -17.62 -18.61 9.98
C LEU B 219 -19.00 -18.02 10.21
N LYS B 220 -19.34 -17.79 11.47
CA LYS B 220 -20.58 -17.14 11.86
C LYS B 220 -20.24 -15.80 12.49
N ARG B 221 -20.83 -14.73 11.97
CA ARG B 221 -20.55 -13.39 12.51
C ARG B 221 -21.22 -13.22 13.86
N LYS B 222 -20.51 -12.55 14.76
CA LYS B 222 -21.03 -12.18 16.07
C LYS B 222 -21.75 -10.83 15.96
N ILE B 223 -23.00 -10.80 16.44
CA ILE B 223 -23.83 -9.61 16.30
C ILE B 223 -23.57 -8.53 17.34
N GLY B 224 -22.77 -8.80 18.37
CA GLY B 224 -22.72 -7.91 19.52
C GLY B 224 -22.29 -6.49 19.16
N TYR B 225 -21.22 -6.37 18.38
CA TYR B 225 -20.73 -5.05 18.02
C TYR B 225 -21.83 -4.24 17.37
N PHE B 226 -22.55 -4.86 16.44
CA PHE B 226 -23.55 -4.13 15.70
C PHE B 226 -24.78 -3.85 16.53
N VAL B 227 -25.12 -4.74 17.46
CA VAL B 227 -26.18 -4.42 18.41
C VAL B 227 -25.86 -3.09 19.09
N ILE B 228 -24.75 -3.05 19.82
CA ILE B 228 -24.41 -1.85 20.58
C ILE B 228 -24.25 -0.62 19.68
N GLN B 229 -23.64 -0.78 18.51
CA GLN B 229 -23.31 0.42 17.74
C GLN B 229 -24.43 0.93 16.84
N THR B 230 -25.34 0.08 16.39
CA THR B 230 -26.41 0.53 15.50
C THR B 230 -27.79 0.23 16.04
N TYR B 231 -28.05 -0.97 16.54
CA TYR B 231 -29.43 -1.33 16.85
C TYR B 231 -29.91 -0.59 18.09
N LEU B 232 -29.10 -0.58 19.14
CA LEU B 232 -29.50 0.15 20.34
C LEU B 232 -29.62 1.64 20.08
N PRO B 233 -28.68 2.31 19.41
CA PRO B 233 -28.90 3.72 19.06
C PRO B 233 -30.16 3.97 18.25
N CYS B 234 -30.48 3.10 17.29
CA CYS B 234 -31.68 3.31 16.48
C CYS B 234 -32.94 3.17 17.32
N ILE B 235 -32.99 2.13 18.16
CA ILE B 235 -34.13 1.95 19.06
C ILE B 235 -34.24 3.13 20.02
N MET B 236 -33.10 3.63 20.51
CA MET B 236 -33.12 4.77 21.41
C MET B 236 -33.66 6.01 20.72
N THR B 237 -33.26 6.26 19.48
CA THR B 237 -33.77 7.42 18.76
C THR B 237 -35.25 7.27 18.47
N VAL B 238 -35.71 6.04 18.19
CA VAL B 238 -37.15 5.83 18.00
C VAL B 238 -37.91 6.13 19.28
N ILE B 239 -37.40 5.64 20.40
CA ILE B 239 -38.04 5.90 21.70
C ILE B 239 -38.11 7.40 21.94
N LEU B 240 -37.00 8.09 21.69
CA LEU B 240 -36.95 9.52 21.94
C LEU B 240 -37.93 10.28 21.03
N SER B 241 -38.02 9.86 19.78
CA SER B 241 -38.97 10.47 18.85
C SER B 241 -40.40 10.29 19.34
N GLN B 242 -40.73 9.09 19.85
CA GLN B 242 -42.08 8.85 20.32
C GLN B 242 -42.36 9.52 21.67
N VAL B 243 -41.33 9.83 22.45
CA VAL B 243 -41.55 10.52 23.72
C VAL B 243 -42.12 11.92 23.49
N SER B 244 -41.92 12.48 22.30
CA SER B 244 -42.42 13.82 22.02
C SER B 244 -43.94 13.88 21.97
N PHE B 245 -44.62 12.73 21.86
CA PHE B 245 -46.08 12.73 21.82
C PHE B 245 -46.66 13.18 23.15
N TRP B 246 -46.03 12.80 24.26
CA TRP B 246 -46.58 13.10 25.58
C TRP B 246 -46.41 14.56 25.98
N LEU B 247 -45.65 15.35 25.22
CA LEU B 247 -45.52 16.76 25.54
C LEU B 247 -46.82 17.50 25.26
N ASN B 248 -46.97 18.65 25.90
CA ASN B 248 -48.15 19.48 25.71
C ASN B 248 -48.15 20.10 24.33
N ARG B 249 -49.35 20.26 23.76
CA ARG B 249 -49.48 20.87 22.45
C ARG B 249 -49.13 22.35 22.47
N GLU B 250 -49.10 22.98 23.65
CA GLU B 250 -48.73 24.38 23.78
C GLU B 250 -47.23 24.59 23.79
N SER B 251 -46.44 23.61 23.36
CA SER B 251 -44.98 23.74 23.27
C SER B 251 -44.57 23.29 21.87
N VAL B 252 -44.65 24.21 20.91
CA VAL B 252 -44.35 23.91 19.51
C VAL B 252 -42.83 23.86 19.34
N PRO B 253 -42.07 24.82 19.87
CA PRO B 253 -40.61 24.73 19.72
C PRO B 253 -40.00 23.45 20.27
N ALA B 254 -40.50 22.96 21.41
CA ALA B 254 -39.90 21.77 22.03
C ALA B 254 -40.11 20.53 21.16
N ARG B 255 -41.34 20.32 20.70
CA ARG B 255 -41.61 19.16 19.85
C ARG B 255 -40.93 19.29 18.49
N THR B 256 -40.84 20.51 17.96
CA THR B 256 -40.08 20.72 16.73
C THR B 256 -38.61 20.35 16.92
N VAL B 257 -38.02 20.75 18.04
CA VAL B 257 -36.63 20.38 18.31
C VAL B 257 -36.50 18.87 18.40
N PHE B 258 -37.42 18.21 19.11
CA PHE B 258 -37.42 16.76 19.18
C PHE B 258 -37.39 16.15 17.79
N GLY B 259 -38.32 16.57 16.93
CA GLY B 259 -38.41 15.95 15.62
C GLY B 259 -37.17 16.17 14.78
N VAL B 260 -36.70 17.42 14.70
CA VAL B 260 -35.57 17.71 13.82
C VAL B 260 -34.31 17.01 14.32
N THR B 261 -34.06 17.04 15.63
CA THR B 261 -32.85 16.43 16.13
C THR B 261 -32.90 14.92 15.99
N THR B 262 -34.08 14.30 16.17
CA THR B 262 -34.16 12.87 15.95
C THR B 262 -33.91 12.51 14.49
N VAL B 263 -34.45 13.30 13.56
CA VAL B 263 -34.19 13.04 12.14
C VAL B 263 -32.70 13.19 11.84
N LEU B 264 -32.07 14.22 12.39
CA LEU B 264 -30.65 14.44 12.18
C LEU B 264 -29.84 13.25 12.73
N THR B 265 -30.20 12.77 13.92
CA THR B 265 -29.51 11.62 14.49
C THR B 265 -29.68 10.39 13.63
N MET B 266 -30.88 10.18 13.10
CA MET B 266 -31.12 9.04 12.22
C MET B 266 -30.25 9.13 10.98
N THR B 267 -30.14 10.33 10.39
CA THR B 267 -29.32 10.48 9.20
C THR B 267 -27.85 10.20 9.51
N THR B 268 -27.35 10.71 10.64
CA THR B 268 -25.97 10.42 11.02
C THR B 268 -25.76 8.93 11.21
N LEU B 269 -26.70 8.26 11.89
CA LEU B 269 -26.56 6.82 12.12
C LEU B 269 -26.58 6.05 10.81
N SER B 270 -27.45 6.44 9.88
CA SER B 270 -27.52 5.75 8.59
C SER B 270 -26.25 5.93 7.80
N ILE B 271 -25.64 7.11 7.86
CA ILE B 271 -24.35 7.30 7.20
C ILE B 271 -23.27 6.47 7.87
N SER B 272 -23.33 6.36 9.20
CA SER B 272 -22.28 5.63 9.93
C SER B 272 -22.37 4.13 9.69
N ALA B 273 -23.58 3.58 9.60
CA ALA B 273 -23.74 2.14 9.66
C ALA B 273 -23.05 1.45 8.48
N ARG B 274 -23.23 1.98 7.27
CA ARG B 274 -22.69 1.33 6.08
C ARG B 274 -21.17 1.34 6.05
N ASN B 275 -20.52 2.27 6.76
CA ASN B 275 -19.10 2.49 6.60
C ASN B 275 -18.28 1.25 6.93
N SER B 276 -18.85 0.30 7.65
CA SER B 276 -18.12 -0.88 8.08
C SER B 276 -18.11 -1.98 7.02
N LEU B 277 -19.12 -2.00 6.18
CA LEU B 277 -19.35 -3.01 5.15
C LEU B 277 -18.83 -2.53 3.80
N PRO B 278 -18.55 -3.43 2.87
CA PRO B 278 -18.26 -3.00 1.50
C PRO B 278 -19.46 -2.37 0.84
N LYS B 279 -19.21 -1.66 -0.26
CA LYS B 279 -20.25 -0.91 -0.96
C LYS B 279 -20.99 -1.83 -1.93
N VAL B 280 -21.73 -2.77 -1.36
CA VAL B 280 -22.58 -3.64 -2.16
C VAL B 280 -23.82 -2.87 -2.62
N ALA B 281 -24.47 -3.40 -3.65
CA ALA B 281 -25.53 -2.68 -4.34
C ALA B 281 -26.94 -3.08 -3.87
N TYR B 282 -27.05 -3.84 -2.79
CA TYR B 282 -28.34 -4.26 -2.27
C TYR B 282 -28.45 -3.88 -0.81
N ALA B 283 -29.64 -4.08 -0.25
CA ALA B 283 -29.94 -3.73 1.13
C ALA B 283 -29.78 -4.94 2.03
N THR B 284 -29.07 -4.76 3.14
CA THR B 284 -28.88 -5.80 4.13
C THR B 284 -29.97 -5.72 5.19
N ALA B 285 -29.94 -6.65 6.14
CA ALA B 285 -30.90 -6.62 7.25
C ALA B 285 -30.75 -5.35 8.07
N MET B 286 -29.51 -4.94 8.33
CA MET B 286 -29.27 -3.70 9.04
C MET B 286 -29.84 -2.52 8.29
N ASP B 287 -29.72 -2.52 6.96
CA ASP B 287 -30.28 -1.44 6.16
C ASP B 287 -31.79 -1.37 6.31
N TRP B 288 -32.47 -2.51 6.30
CA TRP B 288 -33.91 -2.51 6.50
C TRP B 288 -34.29 -2.02 7.88
N PHE B 289 -33.55 -2.43 8.91
CA PHE B 289 -33.85 -1.96 10.26
C PHE B 289 -33.71 -0.44 10.35
N ILE B 290 -32.62 0.10 9.80
CA ILE B 290 -32.41 1.54 9.85
C ILE B 290 -33.47 2.26 9.04
N ALA B 291 -33.88 1.69 7.91
CA ALA B 291 -34.93 2.30 7.12
C ALA B 291 -36.24 2.39 7.89
N VAL B 292 -36.61 1.32 8.58
CA VAL B 292 -37.85 1.35 9.36
C VAL B 292 -37.73 2.32 10.52
N CYS B 293 -36.57 2.40 11.17
CA CYS B 293 -36.41 3.37 12.25
C CYS B 293 -36.52 4.80 11.73
N TYR B 294 -35.91 5.07 10.57
CA TYR B 294 -36.04 6.38 9.96
C TYR B 294 -37.48 6.69 9.62
N ALA B 295 -38.21 5.69 9.13
CA ALA B 295 -39.62 5.87 8.84
C ALA B 295 -40.40 6.23 10.10
N PHE B 296 -40.11 5.56 11.21
CA PHE B 296 -40.82 5.86 12.45
C PHE B 296 -40.52 7.28 12.93
N VAL B 297 -39.26 7.70 12.87
CA VAL B 297 -38.92 9.06 13.32
C VAL B 297 -39.62 10.09 12.43
N PHE B 298 -39.56 9.88 11.12
CA PHE B 298 -40.21 10.79 10.18
C PHE B 298 -41.71 10.83 10.39
N SER B 299 -42.32 9.67 10.63
CA SER B 299 -43.77 9.61 10.87
C SER B 299 -44.14 10.36 12.14
N ALA B 300 -43.33 10.23 13.19
CA ALA B 300 -43.62 10.97 14.42
C ALA B 300 -43.59 12.47 14.14
N LEU B 301 -42.61 12.94 13.38
CA LEU B 301 -42.55 14.36 13.10
C LEU B 301 -43.75 14.82 12.27
N ILE B 302 -44.17 14.03 11.28
CA ILE B 302 -45.34 14.39 10.49
C ILE B 302 -46.61 14.37 11.35
N GLU B 303 -46.71 13.44 12.29
CA GLU B 303 -47.85 13.42 13.19
C GLU B 303 -47.89 14.71 14.02
N PHE B 304 -46.73 15.15 14.51
CA PHE B 304 -46.71 16.42 15.23
C PHE B 304 -47.12 17.58 14.34
N ALA B 305 -46.66 17.58 13.09
CA ALA B 305 -47.04 18.66 12.17
C ALA B 305 -48.54 18.69 11.98
N THR B 306 -49.16 17.52 11.81
CA THR B 306 -50.61 17.45 11.68
C THR B 306 -51.31 17.95 12.94
N VAL B 307 -50.83 17.51 14.11
CA VAL B 307 -51.46 17.92 15.36
C VAL B 307 -51.40 19.44 15.50
N ASN B 308 -50.24 20.03 15.20
CA ASN B 308 -50.11 21.48 15.27
C ASN B 308 -51.03 22.15 14.26
N TYR B 309 -51.20 21.55 13.08
CA TYR B 309 -52.09 22.13 12.09
C TYR B 309 -53.53 22.17 12.59
N PHE B 310 -53.97 21.10 13.26
CA PHE B 310 -55.34 21.06 13.76
C PHE B 310 -55.51 21.76 15.10
N THR B 311 -54.43 22.18 15.74
CA THR B 311 -54.55 22.93 16.98
C THR B 311 -55.04 24.34 16.70
N LYS B 312 -55.88 24.86 17.58
CA LYS B 312 -56.51 26.18 17.51
C LYS B 312 -57.66 26.23 16.52
N SER B 313 -57.93 25.16 15.78
CA SER B 313 -59.12 25.06 14.93
C SER B 313 -60.00 23.90 15.35
N GLN B 314 -59.44 22.70 15.48
CA GLN B 314 -60.17 21.51 15.91
C GLN B 314 -59.36 20.82 17.00
N PRO B 315 -59.28 21.42 18.18
CA PRO B 315 -58.45 20.83 19.24
C PRO B 315 -58.84 19.40 19.58
N ALA B 316 -60.13 19.07 19.47
CA ALA B 316 -60.55 17.70 19.76
C ALA B 316 -59.88 16.71 18.83
N ARG B 317 -59.84 17.01 17.53
CA ARG B 317 -59.20 16.11 16.57
C ARG B 317 -57.72 15.97 16.86
N ALA B 318 -57.04 17.09 17.12
CA ALA B 318 -55.60 17.04 17.39
C ALA B 318 -55.30 16.21 18.63
N ALA B 319 -56.06 16.45 19.71
CA ALA B 319 -55.86 15.68 20.93
C ALA B 319 -56.14 14.21 20.71
N LYS B 320 -57.21 13.89 19.97
CA LYS B 320 -57.54 12.50 19.72
C LYS B 320 -56.44 11.79 18.94
N ILE B 321 -55.93 12.43 17.89
CA ILE B 321 -54.91 11.76 17.09
C ILE B 321 -53.62 11.63 17.88
N ASP B 322 -53.28 12.63 18.70
CA ASP B 322 -52.11 12.49 19.58
C ASP B 322 -52.28 11.33 20.54
N ARG B 323 -53.47 11.21 21.13
CA ARG B 323 -53.73 10.13 22.08
C ARG B 323 -53.63 8.77 21.40
N LEU B 324 -54.17 8.66 20.19
CA LEU B 324 -54.05 7.40 19.46
C LEU B 324 -52.59 7.10 19.12
N SER B 325 -51.83 8.13 18.73
CA SER B 325 -50.43 7.94 18.38
C SER B 325 -49.64 7.41 19.57
N ARG B 326 -49.93 7.92 20.77
CA ARG B 326 -49.20 7.50 21.97
C ARG B 326 -49.24 5.99 22.15
N ILE B 327 -50.31 5.33 21.70
CA ILE B 327 -50.38 3.89 21.77
C ILE B 327 -49.86 3.25 20.48
N ALA B 328 -50.27 3.78 19.32
CA ALA B 328 -49.98 3.11 18.06
C ALA B 328 -48.49 3.02 17.79
N PHE B 329 -47.77 4.13 17.97
CA PHE B 329 -46.36 4.12 17.57
C PHE B 329 -45.54 3.10 18.34
N PRO B 330 -45.55 3.07 19.67
CA PRO B 330 -44.77 2.03 20.38
C PRO B 330 -45.21 0.62 20.03
N LEU B 331 -46.51 0.37 19.87
CA LEU B 331 -46.96 -0.98 19.59
C LEU B 331 -46.51 -1.43 18.20
N LEU B 332 -46.61 -0.55 17.20
CA LEU B 332 -46.15 -0.90 15.87
C LEU B 332 -44.65 -1.14 15.87
N PHE B 333 -43.89 -0.30 16.57
CA PHE B 333 -42.45 -0.51 16.64
C PHE B 333 -42.11 -1.83 17.30
N GLY B 334 -42.83 -2.17 18.38
CA GLY B 334 -42.57 -3.43 19.06
C GLY B 334 -42.91 -4.63 18.20
N ILE B 335 -44.03 -4.57 17.47
CA ILE B 335 -44.40 -5.67 16.59
C ILE B 335 -43.36 -5.83 15.49
N PHE B 336 -42.90 -4.72 14.91
CA PHE B 336 -41.86 -4.81 13.90
C PHE B 336 -40.58 -5.42 14.46
N ASN B 337 -40.18 -5.01 15.66
CA ASN B 337 -38.98 -5.57 16.25
C ASN B 337 -39.12 -7.08 16.48
N LEU B 338 -40.28 -7.50 17.00
CA LEU B 338 -40.49 -8.93 17.20
C LEU B 338 -40.37 -9.69 15.89
N VAL B 339 -41.05 -9.21 14.85
CA VAL B 339 -41.01 -9.91 13.57
C VAL B 339 -39.60 -9.95 13.01
N TYR B 340 -38.92 -8.80 13.01
CA TYR B 340 -37.58 -8.71 12.45
C TYR B 340 -36.62 -9.66 13.16
N TRP B 341 -36.60 -9.62 14.48
CA TRP B 341 -35.64 -10.46 15.21
C TRP B 341 -36.00 -11.93 15.08
N ALA B 342 -37.29 -12.27 15.06
CA ALA B 342 -37.67 -13.66 14.86
C ALA B 342 -37.22 -14.17 13.49
N THR B 343 -37.40 -13.36 12.45
CA THR B 343 -37.07 -13.83 11.11
C THR B 343 -35.58 -13.76 10.81
N TYR B 344 -34.80 -13.01 11.60
CA TYR B 344 -33.37 -12.90 11.34
C TYR B 344 -32.50 -13.62 12.35
N LEU B 345 -33.08 -14.16 13.43
CA LEU B 345 -32.33 -14.97 14.38
C LEU B 345 -32.58 -16.46 14.23
N ASN B 346 -33.51 -16.85 13.36
CA ASN B 346 -33.86 -18.25 13.18
C ASN B 346 -33.42 -18.82 11.83
N ARG B 347 -33.08 -17.97 10.86
CA ARG B 347 -32.63 -18.46 9.56
C ARG B 347 -31.43 -19.40 9.72
N SER C 7 16.13 -45.87 -19.23
CA SER C 7 14.90 -45.40 -18.61
C SER C 7 14.36 -44.19 -19.36
N ASN C 8 13.05 -43.98 -19.28
CA ASN C 8 12.44 -42.85 -19.98
C ASN C 8 12.93 -41.53 -19.41
N MET C 9 13.08 -41.45 -18.09
CA MET C 9 13.52 -40.22 -17.46
C MET C 9 14.95 -39.87 -17.85
N SER C 10 15.82 -40.88 -17.97
CA SER C 10 17.19 -40.63 -18.41
C SER C 10 17.20 -40.15 -19.86
N LEU C 11 16.32 -40.70 -20.69
CA LEU C 11 16.19 -40.23 -22.06
C LEU C 11 15.79 -38.75 -22.08
N VAL C 12 14.82 -38.39 -21.25
CA VAL C 12 14.39 -36.99 -21.20
C VAL C 12 15.50 -36.10 -20.68
N LYS C 13 16.23 -36.56 -19.67
CA LYS C 13 17.31 -35.74 -19.12
C LYS C 13 18.38 -35.49 -20.18
N GLU C 14 18.72 -36.52 -20.95
CA GLU C 14 19.69 -36.34 -22.03
C GLU C 14 19.16 -35.36 -23.06
N THR C 15 17.87 -35.47 -23.41
CA THR C 15 17.31 -34.56 -24.40
C THR C 15 17.33 -33.11 -23.92
N VAL C 16 16.98 -32.87 -22.66
CA VAL C 16 16.98 -31.50 -22.14
C VAL C 16 18.40 -30.96 -22.04
N ASP C 17 19.35 -31.81 -21.61
CA ASP C 17 20.75 -31.38 -21.58
C ASP C 17 21.24 -31.03 -22.98
N ARG C 18 20.77 -31.75 -23.99
CA ARG C 18 21.08 -31.39 -25.37
C ARG C 18 20.46 -30.06 -25.74
N LEU C 19 19.19 -29.86 -25.38
CA LEU C 19 18.49 -28.65 -25.78
C LEU C 19 19.14 -27.42 -25.17
N LEU C 20 19.62 -27.52 -23.94
CA LEU C 20 20.18 -26.36 -23.26
C LEU C 20 21.66 -26.16 -23.48
N LYS C 21 22.35 -27.10 -24.13
CA LYS C 21 23.76 -26.92 -24.44
C LYS C 21 23.93 -26.02 -25.66
N GLY C 22 24.80 -25.03 -25.55
CA GLY C 22 25.00 -24.09 -26.64
C GLY C 22 23.85 -23.13 -26.83
N TYR C 23 22.90 -23.09 -25.91
CA TYR C 23 21.76 -22.20 -26.03
C TYR C 23 22.18 -20.79 -25.62
N ASP C 24 22.00 -19.84 -26.53
CA ASP C 24 22.36 -18.44 -26.29
C ASP C 24 21.10 -17.70 -25.88
N ILE C 25 21.00 -17.38 -24.58
CA ILE C 25 19.84 -16.68 -24.06
C ILE C 25 19.85 -15.20 -24.42
N ARG C 26 20.97 -14.67 -24.90
CA ARG C 26 21.02 -13.28 -25.33
C ARG C 26 20.22 -13.07 -26.61
N LEU C 27 20.10 -14.10 -27.44
CA LEU C 27 19.56 -13.97 -28.79
C LEU C 27 18.15 -14.52 -28.85
N ARG C 28 17.23 -13.72 -29.36
CA ARG C 28 15.88 -14.17 -29.61
C ARG C 28 15.90 -15.25 -30.69
N PRO C 29 14.88 -16.10 -30.75
CA PRO C 29 14.78 -17.02 -31.89
C PRO C 29 14.73 -16.26 -33.20
N ASP C 30 15.46 -16.76 -34.19
CA ASP C 30 15.60 -16.09 -35.48
C ASP C 30 16.20 -14.70 -35.33
N PHE C 31 17.39 -14.65 -34.72
CA PHE C 31 17.97 -13.35 -34.37
C PHE C 31 18.16 -12.47 -35.59
N GLY C 32 18.68 -13.03 -36.67
CA GLY C 32 18.92 -12.24 -37.86
C GLY C 32 17.88 -12.44 -38.95
N GLY C 33 16.69 -12.91 -38.58
CA GLY C 33 15.71 -13.29 -39.55
C GLY C 33 14.35 -12.65 -39.31
N PRO C 34 13.29 -13.35 -39.72
CA PRO C 34 11.95 -12.77 -39.59
C PRO C 34 11.55 -12.68 -38.12
N PRO C 35 10.67 -11.74 -37.77
CA PRO C 35 10.27 -11.58 -36.38
C PRO C 35 9.62 -12.85 -35.81
N VAL C 36 9.85 -13.08 -34.53
CA VAL C 36 9.20 -14.19 -33.84
C VAL C 36 7.80 -13.77 -33.43
N ALA C 37 6.82 -14.60 -33.74
CA ALA C 37 5.42 -14.30 -33.45
C ALA C 37 5.05 -14.87 -32.08
N VAL C 38 4.46 -14.03 -31.25
CA VAL C 38 4.12 -14.40 -29.88
C VAL C 38 2.62 -14.21 -29.71
N GLY C 39 1.94 -15.26 -29.29
CA GLY C 39 0.51 -15.23 -29.07
C GLY C 39 0.20 -15.19 -27.58
N MET C 40 -0.78 -14.37 -27.22
CA MET C 40 -1.11 -14.09 -25.83
C MET C 40 -2.47 -14.66 -25.48
N ASN C 41 -2.54 -15.28 -24.31
CA ASN C 41 -3.83 -15.76 -23.77
C ASN C 41 -3.89 -15.18 -22.36
N ILE C 42 -5.07 -14.84 -21.89
CA ILE C 42 -5.30 -14.38 -20.53
C ILE C 42 -6.51 -15.09 -19.96
N ASP C 43 -6.38 -15.57 -18.73
CA ASP C 43 -7.49 -16.04 -17.91
C ASP C 43 -7.58 -15.11 -16.72
N ILE C 44 -8.61 -14.28 -16.68
CA ILE C 44 -8.73 -13.27 -15.63
C ILE C 44 -9.34 -13.91 -14.40
N ALA C 45 -8.61 -13.89 -13.29
CA ALA C 45 -9.06 -14.49 -12.05
C ALA C 45 -9.90 -13.54 -11.21
N SER C 46 -9.58 -12.25 -11.22
CA SER C 46 -10.37 -11.28 -10.47
C SER C 46 -9.92 -9.87 -10.84
N ILE C 47 -10.83 -8.92 -10.68
CA ILE C 47 -10.56 -7.50 -10.74
C ILE C 47 -10.97 -6.93 -9.39
N ASP C 48 -9.99 -6.58 -8.57
CA ASP C 48 -10.25 -6.47 -7.14
C ASP C 48 -10.83 -5.12 -6.72
N MET C 49 -10.05 -4.05 -6.86
CA MET C 49 -10.37 -2.80 -6.15
C MET C 49 -10.22 -1.61 -7.08
N VAL C 50 -11.32 -1.25 -7.72
CA VAL C 50 -11.39 -0.09 -8.60
C VAL C 50 -11.46 1.15 -7.72
N SER C 51 -10.38 1.91 -7.68
CA SER C 51 -10.23 3.04 -6.75
C SER C 51 -10.37 4.35 -7.50
N GLU C 52 -11.34 5.17 -7.09
CA GLU C 52 -11.47 6.51 -7.63
C GLU C 52 -10.39 7.43 -7.09
N VAL C 53 -9.99 7.25 -5.83
CA VAL C 53 -9.01 8.14 -5.23
C VAL C 53 -7.64 7.91 -5.84
N ASN C 54 -7.26 6.65 -6.06
CA ASN C 54 -5.99 6.34 -6.68
C ASN C 54 -6.07 6.20 -8.19
N MET C 55 -7.27 6.21 -8.76
CA MET C 55 -7.46 6.12 -10.21
C MET C 55 -6.72 4.90 -10.76
N ASP C 56 -7.12 3.72 -10.29
CA ASP C 56 -6.46 2.49 -10.68
C ASP C 56 -7.25 1.30 -10.17
N TYR C 57 -7.18 0.21 -10.93
CA TYR C 57 -7.81 -1.04 -10.58
C TYR C 57 -6.74 -2.11 -10.44
N THR C 58 -7.06 -3.17 -9.72
CA THR C 58 -6.15 -4.30 -9.55
C THR C 58 -6.77 -5.53 -10.20
N LEU C 59 -6.03 -6.17 -11.09
CA LEU C 59 -6.50 -7.39 -11.72
C LEU C 59 -5.46 -8.50 -11.55
N THR C 60 -5.95 -9.70 -11.29
CA THR C 60 -5.12 -10.90 -11.23
C THR C 60 -5.50 -11.80 -12.39
N MET C 61 -4.49 -12.33 -13.07
CA MET C 61 -4.73 -13.10 -14.28
C MET C 61 -3.68 -14.17 -14.42
N TYR C 62 -4.00 -15.17 -15.24
CA TYR C 62 -3.03 -16.14 -15.73
C TYR C 62 -2.62 -15.64 -17.11
N PHE C 63 -1.39 -15.18 -17.21
CA PHE C 63 -0.87 -14.57 -18.43
C PHE C 63 -0.02 -15.59 -19.17
N GLN C 64 -0.49 -16.01 -20.34
CA GLN C 64 0.15 -17.05 -21.13
C GLN C 64 0.78 -16.45 -22.37
N GLN C 65 1.96 -16.95 -22.73
CA GLN C 65 2.65 -16.54 -23.94
C GLN C 65 3.10 -17.78 -24.69
N ALA C 66 3.00 -17.74 -26.01
CA ALA C 66 3.35 -18.87 -26.86
C ALA C 66 4.14 -18.38 -28.05
N TRP C 67 5.24 -19.05 -28.34
CA TRP C 67 6.02 -18.79 -29.54
C TRP C 67 6.71 -20.08 -29.93
N ARG C 68 7.56 -20.01 -30.94
CA ARG C 68 8.33 -21.17 -31.40
C ARG C 68 9.81 -20.83 -31.38
N ASP C 69 10.62 -21.74 -30.84
CA ASP C 69 12.08 -21.64 -30.86
C ASP C 69 12.61 -22.92 -31.48
N LYS C 70 13.17 -22.82 -32.69
CA LYS C 70 13.70 -24.01 -33.34
C LYS C 70 14.86 -24.61 -32.57
N ARG C 71 15.53 -23.83 -31.71
CA ARG C 71 16.60 -24.39 -30.90
C ARG C 71 16.06 -25.46 -29.95
N LEU C 72 14.85 -25.26 -29.43
CA LEU C 72 14.26 -26.18 -28.46
C LEU C 72 13.37 -27.22 -29.14
N SER C 73 13.86 -27.86 -30.18
CA SER C 73 13.11 -28.90 -30.88
C SER C 73 13.73 -30.26 -30.60
N TYR C 74 12.88 -31.24 -30.33
CA TYR C 74 13.33 -32.57 -29.97
C TYR C 74 12.42 -33.60 -30.62
N ASN C 75 12.98 -34.78 -30.91
CA ASN C 75 12.24 -35.79 -31.65
C ASN C 75 12.38 -37.19 -31.07
N VAL C 76 13.17 -37.39 -30.01
CA VAL C 76 13.30 -38.72 -29.45
C VAL C 76 12.15 -39.01 -28.49
N ILE C 77 11.65 -37.99 -27.81
CA ILE C 77 10.54 -38.12 -26.86
C ILE C 77 9.27 -37.73 -27.59
N PRO C 78 8.18 -38.51 -27.48
CA PRO C 78 6.96 -38.18 -28.21
C PRO C 78 6.03 -37.20 -27.51
N LEU C 79 6.18 -36.99 -26.21
CA LEU C 79 5.21 -36.20 -25.45
C LEU C 79 5.76 -34.83 -25.10
N ASN C 80 4.87 -34.01 -24.55
CA ASN C 80 5.15 -32.63 -24.22
C ASN C 80 5.80 -32.53 -22.85
N LEU C 81 6.94 -31.86 -22.79
CA LEU C 81 7.73 -31.78 -21.57
C LEU C 81 7.26 -30.58 -20.75
N THR C 82 6.60 -30.85 -19.63
CA THR C 82 6.41 -29.85 -18.59
C THR C 82 7.62 -29.89 -17.68
N LEU C 83 8.36 -28.79 -17.64
CA LEU C 83 9.61 -28.72 -16.89
C LEU C 83 9.42 -27.86 -15.65
N ASP C 84 10.30 -28.11 -14.67
CA ASP C 84 10.30 -27.27 -13.47
C ASP C 84 10.45 -25.81 -13.86
N ASN C 85 9.67 -24.95 -13.21
CA ASN C 85 9.58 -23.57 -13.63
C ASN C 85 10.93 -22.87 -13.64
N ARG C 86 11.89 -23.34 -12.83
CA ARG C 86 13.18 -22.67 -12.74
C ARG C 86 13.98 -22.74 -14.02
N VAL C 87 13.59 -23.57 -14.99
CA VAL C 87 14.32 -23.60 -16.25
C VAL C 87 14.01 -22.39 -17.10
N ALA C 88 12.91 -21.68 -16.83
CA ALA C 88 12.60 -20.47 -17.57
C ALA C 88 13.68 -19.41 -17.42
N ASP C 89 14.48 -19.48 -16.37
CA ASP C 89 15.61 -18.58 -16.21
C ASP C 89 16.73 -18.87 -17.20
N GLN C 90 16.66 -19.98 -17.92
CA GLN C 90 17.71 -20.43 -18.82
C GLN C 90 17.25 -20.38 -20.28
N LEU C 91 16.08 -19.81 -20.55
CA LEU C 91 15.51 -19.76 -21.89
C LEU C 91 15.20 -18.32 -22.25
N TRP C 92 15.13 -18.06 -23.55
CA TRP C 92 14.65 -16.77 -24.01
C TRP C 92 13.14 -16.68 -23.82
N VAL C 93 12.69 -15.60 -23.20
CA VAL C 93 11.27 -15.30 -23.09
C VAL C 93 11.08 -13.87 -23.60
N PRO C 94 9.92 -13.52 -24.13
CA PRO C 94 9.72 -12.15 -24.62
C PRO C 94 9.72 -11.14 -23.47
N ASP C 95 10.15 -9.92 -23.80
CA ASP C 95 10.27 -8.85 -22.81
C ASP C 95 8.98 -8.04 -22.73
N THR C 96 7.90 -8.77 -22.42
CA THR C 96 6.58 -8.16 -22.37
C THR C 96 6.45 -7.32 -21.11
N TYR C 97 5.72 -6.20 -21.22
CA TYR C 97 5.48 -5.35 -20.07
C TYR C 97 4.14 -4.64 -20.26
N PHE C 98 3.66 -4.05 -19.17
CA PHE C 98 2.38 -3.37 -19.17
C PHE C 98 2.62 -1.88 -18.98
N LEU C 99 2.30 -1.10 -20.00
CA LEU C 99 2.72 0.29 -20.00
C LEU C 99 2.09 1.08 -18.85
N ASN C 100 0.83 0.78 -18.53
CA ASN C 100 0.12 1.57 -17.52
C ASN C 100 0.20 0.99 -16.11
N ASP C 101 0.80 -0.18 -15.93
CA ASP C 101 0.84 -0.75 -14.58
C ASP C 101 1.65 0.14 -13.64
N LYS C 102 1.22 0.22 -12.39
CA LYS C 102 1.92 0.97 -11.36
C LYS C 102 2.77 0.07 -10.47
N LYS C 103 2.18 -1.00 -9.93
CA LYS C 103 2.92 -2.00 -9.18
C LYS C 103 2.36 -3.37 -9.49
N SER C 104 3.24 -4.34 -9.71
CA SER C 104 2.81 -5.68 -10.09
C SER C 104 3.81 -6.70 -9.59
N PHE C 105 3.38 -7.96 -9.51
CA PHE C 105 4.24 -9.03 -9.08
C PHE C 105 3.72 -10.35 -9.63
N VAL C 106 4.61 -11.34 -9.70
CA VAL C 106 4.25 -12.72 -9.94
C VAL C 106 4.15 -13.41 -8.59
N HIS C 107 3.04 -14.11 -8.37
CA HIS C 107 2.85 -14.81 -7.11
C HIS C 107 3.95 -15.83 -6.89
N GLY C 108 4.44 -15.91 -5.67
CA GLY C 108 5.62 -16.71 -5.39
C GLY C 108 5.48 -17.77 -4.32
N VAL C 109 4.27 -18.28 -4.12
CA VAL C 109 4.00 -19.31 -3.12
C VAL C 109 3.18 -20.42 -3.78
N THR C 110 3.56 -21.68 -3.58
CA THR C 110 4.70 -22.12 -2.77
C THR C 110 6.02 -21.88 -3.50
N VAL C 111 5.96 -21.88 -4.83
CA VAL C 111 7.09 -21.52 -5.67
C VAL C 111 6.62 -20.41 -6.58
N LYS C 112 7.49 -19.91 -7.45
CA LYS C 112 7.05 -18.89 -8.40
C LYS C 112 5.97 -19.45 -9.30
N ASN C 113 4.85 -18.74 -9.42
CA ASN C 113 3.69 -19.25 -10.15
C ASN C 113 3.90 -19.02 -11.65
N ARG C 114 4.84 -19.77 -12.22
CA ARG C 114 5.06 -19.72 -13.65
C ARG C 114 5.15 -21.13 -14.21
N MET C 115 4.77 -21.25 -15.48
CA MET C 115 4.66 -22.51 -16.18
C MET C 115 5.56 -22.47 -17.41
N ILE C 116 6.31 -23.54 -17.62
CA ILE C 116 7.10 -23.70 -18.83
C ILE C 116 6.77 -25.07 -19.41
N ARG C 117 6.38 -25.10 -20.68
CA ARG C 117 5.94 -26.34 -21.32
C ARG C 117 6.44 -26.33 -22.75
N LEU C 118 7.28 -27.30 -23.09
CA LEU C 118 7.85 -27.42 -24.43
C LEU C 118 7.08 -28.44 -25.25
N HIS C 119 7.18 -28.29 -26.57
CA HIS C 119 6.58 -29.19 -27.53
C HIS C 119 7.64 -29.64 -28.53
N PRO C 120 7.50 -30.83 -29.09
CA PRO C 120 8.58 -31.36 -29.95
C PRO C 120 8.95 -30.45 -31.10
N ASP C 121 7.98 -29.76 -31.71
CA ASP C 121 8.31 -28.84 -32.79
C ASP C 121 9.08 -27.62 -32.31
N GLY C 122 9.17 -27.40 -31.01
CA GLY C 122 9.88 -26.27 -30.46
C GLY C 122 9.00 -25.20 -29.85
N THR C 123 7.69 -25.36 -29.89
CA THR C 123 6.79 -24.36 -29.31
C THR C 123 6.95 -24.34 -27.80
N VAL C 124 6.99 -23.13 -27.25
CA VAL C 124 7.11 -22.90 -25.81
C VAL C 124 5.84 -22.24 -25.33
N LEU C 125 5.20 -22.81 -24.33
CA LEU C 125 4.07 -22.20 -23.66
C LEU C 125 4.54 -21.67 -22.31
N TYR C 126 4.48 -20.35 -22.14
CA TYR C 126 5.03 -19.67 -20.98
C TYR C 126 3.89 -18.99 -20.25
N GLY C 127 3.72 -19.33 -18.98
CA GLY C 127 2.57 -18.86 -18.21
C GLY C 127 2.99 -18.24 -16.90
N LEU C 128 2.28 -17.19 -16.51
CA LEU C 128 2.54 -16.47 -15.27
C LEU C 128 1.23 -16.11 -14.60
N ARG C 129 1.19 -16.19 -13.29
CA ARG C 129 0.10 -15.65 -12.49
C ARG C 129 0.52 -14.28 -11.97
N ILE C 130 -0.11 -13.24 -12.47
CA ILE C 130 0.31 -11.86 -12.21
C ILE C 130 -0.82 -11.11 -11.54
N THR C 131 -0.46 -10.16 -10.70
CA THR C 131 -1.37 -9.14 -10.18
C THR C 131 -0.78 -7.78 -10.53
N THR C 132 -1.48 -7.03 -11.38
CA THR C 132 -1.07 -5.69 -11.78
C THR C 132 -2.05 -4.67 -11.23
N THR C 133 -1.52 -3.55 -10.74
CA THR C 133 -2.31 -2.38 -10.36
C THR C 133 -2.22 -1.39 -11.51
N ALA C 134 -3.10 -1.54 -12.50
CA ALA C 134 -3.09 -0.71 -13.68
C ALA C 134 -3.71 0.67 -13.43
N ALA C 135 -3.09 1.70 -13.98
CA ALA C 135 -3.63 3.05 -13.88
C ALA C 135 -4.95 3.14 -14.63
N CYS C 136 -5.96 3.76 -14.00
CA CYS C 136 -7.33 3.81 -14.52
C CYS C 136 -7.85 5.25 -14.36
N MET C 137 -7.41 6.15 -15.23
CA MET C 137 -7.91 7.51 -15.18
C MET C 137 -9.42 7.52 -15.44
N MET C 138 -10.18 8.06 -14.49
CA MET C 138 -11.64 8.02 -14.55
C MET C 138 -12.21 9.43 -14.63
N ASP C 139 -13.20 9.61 -15.50
CA ASP C 139 -13.92 10.88 -15.59
C ASP C 139 -15.16 10.76 -14.71
N LEU C 140 -15.20 11.54 -13.64
CA LEU C 140 -16.25 11.45 -12.64
C LEU C 140 -17.31 12.53 -12.79
N ARG C 141 -17.43 13.12 -13.98
CA ARG C 141 -18.42 14.17 -14.18
C ARG C 141 -19.84 13.65 -13.98
N ARG C 142 -20.07 12.36 -14.17
CA ARG C 142 -21.38 11.74 -14.00
C ARG C 142 -21.43 10.81 -12.80
N TYR C 143 -20.46 10.91 -11.91
CA TYR C 143 -20.43 10.05 -10.73
C TYR C 143 -21.67 10.29 -9.88
N PRO C 144 -22.36 9.23 -9.42
CA PRO C 144 -22.11 7.79 -9.57
C PRO C 144 -22.86 7.13 -10.71
N LEU C 145 -23.42 7.92 -11.63
CA LEU C 145 -24.05 7.37 -12.82
C LEU C 145 -23.07 7.31 -13.99
N ASP C 146 -21.87 6.81 -13.75
CA ASP C 146 -20.79 6.89 -14.72
C ASP C 146 -20.39 5.52 -15.20
N GLU C 147 -19.88 5.48 -16.44
CA GLU C 147 -19.40 4.26 -17.07
C GLU C 147 -17.92 4.48 -17.37
N GLN C 148 -17.07 3.61 -16.85
CA GLN C 148 -15.62 3.80 -16.92
C GLN C 148 -14.98 2.79 -17.86
N ASN C 149 -13.97 3.23 -18.60
CA ASN C 149 -13.25 2.40 -19.56
C ASN C 149 -11.75 2.53 -19.32
N CYS C 150 -11.17 1.60 -18.58
CA CYS C 150 -9.73 1.53 -18.43
C CYS C 150 -9.24 0.16 -18.89
N THR C 151 -7.95 0.10 -19.22
CA THR C 151 -7.42 -1.01 -20.00
C THR C 151 -6.07 -1.44 -19.48
N LEU C 152 -5.53 -2.47 -20.15
CA LEU C 152 -4.19 -2.96 -19.90
C LEU C 152 -3.46 -2.94 -21.23
N GLU C 153 -2.38 -2.17 -21.31
CA GLU C 153 -1.57 -2.08 -22.52
C GLU C 153 -0.41 -3.04 -22.41
N ILE C 154 -0.30 -3.94 -23.38
CA ILE C 154 0.72 -4.99 -23.41
C ILE C 154 1.67 -4.70 -24.56
N GLU C 155 2.94 -4.50 -24.24
CA GLU C 155 3.91 -4.10 -25.26
C GLU C 155 5.26 -4.75 -24.97
N SER C 156 6.03 -4.94 -26.04
CA SER C 156 7.41 -5.41 -25.91
C SER C 156 8.31 -4.22 -25.63
N TYR C 157 9.12 -4.31 -24.59
CA TYR C 157 9.95 -3.17 -24.23
C TYR C 157 11.07 -2.93 -25.25
N GLY C 158 11.80 -3.98 -25.60
CA GLY C 158 13.02 -3.78 -26.35
C GLY C 158 12.99 -4.17 -27.80
N TYR C 159 12.01 -4.98 -28.21
CA TYR C 159 11.97 -5.53 -29.55
C TYR C 159 10.97 -4.75 -30.40
N THR C 160 11.48 -4.12 -31.46
CA THR C 160 10.59 -3.39 -32.35
C THR C 160 9.78 -4.37 -33.18
N THR C 161 8.86 -3.83 -33.97
CA THR C 161 7.89 -4.66 -34.67
C THR C 161 8.53 -5.56 -35.72
N ASP C 162 9.79 -5.32 -36.10
CA ASP C 162 10.49 -6.23 -36.99
C ASP C 162 11.29 -7.29 -36.25
N ASP C 163 11.32 -7.26 -34.93
CA ASP C 163 11.91 -8.33 -34.14
C ASP C 163 10.87 -9.28 -33.56
N ILE C 164 9.65 -8.80 -33.30
CA ILE C 164 8.66 -9.57 -32.57
C ILE C 164 7.28 -9.16 -33.05
N GLU C 165 6.33 -10.08 -32.97
CA GLU C 165 4.94 -9.87 -33.36
C GLU C 165 4.02 -10.39 -32.28
N PHE C 166 3.09 -9.55 -31.81
CA PHE C 166 2.10 -9.94 -30.84
C PHE C 166 0.77 -10.21 -31.51
N TYR C 167 0.06 -11.23 -31.03
CA TYR C 167 -1.30 -11.48 -31.47
C TYR C 167 -2.03 -12.22 -30.36
N TRP C 168 -3.36 -12.20 -30.42
CA TRP C 168 -4.21 -12.88 -29.45
C TRP C 168 -4.49 -14.29 -29.95
N ARG C 169 -4.03 -15.32 -29.23
CA ARG C 169 -4.31 -16.69 -29.64
C ARG C 169 -5.79 -16.96 -29.48
N GLY C 170 -6.49 -17.08 -30.60
CA GLY C 170 -7.94 -17.20 -30.63
C GLY C 170 -8.54 -15.99 -31.31
N ASP C 171 -8.01 -14.82 -30.96
CA ASP C 171 -8.34 -13.54 -31.59
C ASP C 171 -9.75 -13.08 -31.23
N ASP C 172 -10.55 -13.97 -30.66
CA ASP C 172 -11.80 -13.59 -30.02
C ASP C 172 -12.06 -14.32 -28.72
N ASN C 173 -11.46 -15.49 -28.51
CA ASN C 173 -11.56 -16.24 -27.27
C ASN C 173 -10.25 -16.23 -26.50
N ALA C 174 -9.34 -15.32 -26.84
CA ALA C 174 -8.04 -15.26 -26.19
C ALA C 174 -8.14 -14.87 -24.73
N VAL C 175 -9.22 -14.23 -24.31
CA VAL C 175 -9.42 -13.81 -22.93
C VAL C 175 -10.63 -14.52 -22.36
N THR C 176 -10.47 -15.12 -21.19
CA THR C 176 -11.52 -15.90 -20.56
C THR C 176 -11.67 -15.47 -19.10
N GLY C 177 -12.81 -15.83 -18.52
CA GLY C 177 -13.09 -15.52 -17.13
C GLY C 177 -13.73 -14.18 -16.88
N VAL C 178 -14.00 -13.39 -17.93
CA VAL C 178 -14.55 -12.06 -17.72
C VAL C 178 -15.99 -12.14 -17.24
N THR C 179 -16.77 -13.08 -17.78
CA THR C 179 -18.18 -13.17 -17.41
C THR C 179 -18.37 -13.64 -15.98
N LYS C 180 -17.36 -14.26 -15.37
CA LYS C 180 -17.44 -14.75 -14.00
C LYS C 180 -16.95 -13.74 -12.98
N ILE C 181 -16.53 -12.55 -13.40
CA ILE C 181 -16.03 -11.54 -12.48
C ILE C 181 -17.21 -10.86 -11.81
N GLU C 182 -17.16 -10.79 -10.48
CA GLU C 182 -18.19 -10.12 -9.69
C GLU C 182 -17.53 -8.98 -8.92
N LEU C 183 -17.79 -7.75 -9.37
CA LEU C 183 -17.38 -6.53 -8.68
C LEU C 183 -18.54 -6.01 -7.84
N PRO C 184 -18.35 -5.72 -6.56
CA PRO C 184 -19.48 -5.23 -5.76
C PRO C 184 -20.10 -3.95 -6.28
N GLN C 185 -19.29 -3.05 -6.84
CA GLN C 185 -19.79 -1.73 -7.22
C GLN C 185 -19.99 -1.56 -8.72
N PHE C 186 -19.38 -2.39 -9.55
CA PHE C 186 -19.47 -2.27 -11.00
C PHE C 186 -20.03 -3.58 -11.57
N SER C 187 -20.24 -3.56 -12.88
CA SER C 187 -20.57 -4.76 -13.63
C SER C 187 -19.91 -4.65 -15.00
N ILE C 188 -19.11 -5.65 -15.37
CA ILE C 188 -18.40 -5.60 -16.64
C ILE C 188 -19.44 -5.67 -17.75
N VAL C 189 -19.64 -4.57 -18.45
CA VAL C 189 -20.64 -4.51 -19.51
C VAL C 189 -20.07 -4.99 -20.84
N ASP C 190 -18.77 -4.85 -21.06
CA ASP C 190 -18.19 -5.11 -22.36
C ASP C 190 -16.67 -5.11 -22.24
N TYR C 191 -16.01 -5.94 -23.04
CA TYR C 191 -14.55 -5.94 -23.13
C TYR C 191 -14.12 -6.15 -24.57
N LYS C 192 -12.96 -5.61 -24.92
CA LYS C 192 -12.48 -5.63 -26.30
C LYS C 192 -10.99 -5.95 -26.35
N LEU C 193 -10.59 -6.60 -27.43
CA LEU C 193 -9.20 -6.92 -27.71
C LEU C 193 -8.77 -6.15 -28.96
N ILE C 194 -7.61 -5.50 -28.88
CA ILE C 194 -7.10 -4.69 -29.97
C ILE C 194 -5.65 -5.08 -30.23
N THR C 195 -5.26 -5.02 -31.50
CA THR C 195 -3.87 -5.17 -31.92
C THR C 195 -3.45 -3.89 -32.60
N LYS C 196 -2.34 -3.31 -32.14
CA LYS C 196 -1.86 -2.03 -32.65
C LYS C 196 -0.35 -2.10 -32.87
N LYS C 197 0.16 -1.07 -33.53
CA LYS C 197 1.58 -0.76 -33.55
C LYS C 197 1.75 0.67 -33.07
N VAL C 198 2.58 0.86 -32.06
CA VAL C 198 2.82 2.18 -31.48
C VAL C 198 4.22 2.62 -31.85
N VAL C 199 4.38 3.93 -32.04
CA VAL C 199 5.60 4.52 -32.55
C VAL C 199 6.23 5.38 -31.45
N PHE C 200 7.47 5.07 -31.11
CA PHE C 200 8.28 5.88 -30.23
C PHE C 200 9.50 6.36 -31.00
N SER C 201 10.29 7.21 -30.35
CA SER C 201 11.50 7.70 -30.99
C SER C 201 12.53 6.61 -31.20
N THR C 202 12.41 5.49 -30.49
CA THR C 202 13.34 4.37 -30.61
C THR C 202 12.86 3.29 -31.57
N GLY C 203 11.72 3.48 -32.21
CA GLY C 203 11.21 2.53 -33.18
C GLY C 203 9.71 2.41 -33.04
N SER C 204 9.17 1.32 -33.61
CA SER C 204 7.75 1.03 -33.54
C SER C 204 7.57 -0.37 -32.96
N TYR C 205 6.58 -0.54 -32.09
CA TYR C 205 6.50 -1.70 -31.22
C TYR C 205 5.12 -2.33 -31.30
N PRO C 206 5.04 -3.66 -31.23
CA PRO C 206 3.72 -4.30 -31.16
C PRO C 206 3.06 -4.03 -29.83
N ARG C 207 1.75 -3.81 -29.88
CA ARG C 207 0.98 -3.54 -28.68
C ARG C 207 -0.35 -4.28 -28.76
N LEU C 208 -0.74 -4.89 -27.65
CA LEU C 208 -2.06 -5.47 -27.48
C LEU C 208 -2.78 -4.73 -26.35
N SER C 209 -4.04 -4.40 -26.57
CA SER C 209 -4.85 -3.70 -25.58
C SER C 209 -6.04 -4.57 -25.20
N LEU C 210 -6.20 -4.78 -23.90
CA LEU C 210 -7.39 -5.40 -23.34
C LEU C 210 -8.14 -4.33 -22.57
N SER C 211 -9.40 -4.09 -22.95
CA SER C 211 -10.20 -3.04 -22.36
C SER C 211 -11.43 -3.62 -21.69
N PHE C 212 -11.91 -2.93 -20.66
CA PHE C 212 -13.11 -3.30 -19.92
C PHE C 212 -14.01 -2.08 -19.83
N LYS C 213 -15.30 -2.27 -20.02
CA LYS C 213 -16.28 -1.20 -19.86
C LYS C 213 -17.07 -1.49 -18.58
N LEU C 214 -16.89 -0.64 -17.58
CA LEU C 214 -17.49 -0.81 -16.27
C LEU C 214 -18.65 0.15 -16.10
N LYS C 215 -19.81 -0.39 -15.78
CA LYS C 215 -20.98 0.41 -15.42
C LYS C 215 -21.13 0.37 -13.91
N ARG C 216 -21.23 1.53 -13.28
CA ARG C 216 -21.29 1.62 -11.83
C ARG C 216 -22.71 1.37 -11.34
N ASN C 217 -22.86 0.44 -10.40
CA ASN C 217 -24.15 0.24 -9.76
C ASN C 217 -24.48 1.41 -8.85
N ILE C 218 -25.76 1.78 -8.82
CA ILE C 218 -26.19 3.00 -8.14
C ILE C 218 -26.91 2.74 -6.82
N GLY C 219 -27.30 1.50 -6.53
CA GLY C 219 -28.10 1.24 -5.34
C GLY C 219 -27.43 1.70 -4.06
N TYR C 220 -26.13 1.44 -3.92
CA TYR C 220 -25.41 1.89 -2.74
C TYR C 220 -25.56 3.39 -2.54
N PHE C 221 -25.45 4.17 -3.60
CA PHE C 221 -25.55 5.60 -3.47
C PHE C 221 -26.97 6.04 -3.16
N ILE C 222 -27.97 5.33 -3.68
CA ILE C 222 -29.34 5.60 -3.26
C ILE C 222 -29.48 5.40 -1.76
N LEU C 223 -28.91 4.33 -1.23
CA LEU C 223 -29.02 4.08 0.21
C LEU C 223 -28.22 5.09 1.02
N GLN C 224 -27.13 5.61 0.48
CA GLN C 224 -26.17 6.38 1.26
C GLN C 224 -26.37 7.89 1.18
N THR C 225 -26.62 8.46 0.01
CA THR C 225 -26.57 9.91 -0.13
C THR C 225 -27.80 10.51 -0.80
N TYR C 226 -28.47 9.76 -1.67
CA TYR C 226 -29.60 10.32 -2.39
C TYR C 226 -30.86 10.33 -1.52
N MET C 227 -31.23 9.19 -0.95
CA MET C 227 -32.41 9.12 -0.09
C MET C 227 -32.31 10.05 1.12
N PRO C 228 -31.20 10.07 1.86
CA PRO C 228 -31.14 10.98 3.02
C PRO C 228 -31.40 12.43 2.67
N SER C 229 -30.81 12.92 1.57
CA SER C 229 -30.98 14.33 1.23
C SER C 229 -32.39 14.61 0.76
N ILE C 230 -33.00 13.69 0.02
CA ILE C 230 -34.40 13.84 -0.36
C ILE C 230 -35.27 13.94 0.89
N LEU C 231 -35.06 13.05 1.85
CA LEU C 231 -35.85 13.07 3.07
C LEU C 231 -35.63 14.37 3.85
N ILE C 232 -34.40 14.87 3.85
CA ILE C 232 -34.11 16.13 4.54
C ILE C 232 -34.84 17.29 3.87
N THR C 233 -34.97 17.26 2.54
CA THR C 233 -35.74 18.29 1.87
C THR C 233 -37.23 18.19 2.20
N ILE C 234 -37.76 16.97 2.24
CA ILE C 234 -39.15 16.79 2.67
C ILE C 234 -39.33 17.40 4.05
N LEU C 235 -38.40 17.09 4.96
CA LEU C 235 -38.42 17.69 6.29
C LEU C 235 -38.45 19.21 6.21
N SER C 236 -37.58 19.79 5.38
CA SER C 236 -37.57 21.24 5.22
C SER C 236 -38.95 21.77 4.91
N TRP C 237 -39.70 21.06 4.06
CA TRP C 237 -41.01 21.56 3.67
C TRP C 237 -41.99 21.64 4.84
N VAL C 238 -41.74 20.91 5.93
CA VAL C 238 -42.69 20.93 7.04
C VAL C 238 -42.82 22.35 7.61
N SER C 239 -41.78 23.16 7.47
CA SER C 239 -41.80 24.51 8.02
C SER C 239 -43.02 25.29 7.57
N PHE C 240 -43.48 25.07 6.33
CA PHE C 240 -44.59 25.86 5.81
C PHE C 240 -45.92 25.44 6.40
N TRP C 241 -46.01 24.27 7.04
CA TRP C 241 -47.22 23.85 7.72
C TRP C 241 -47.26 24.30 9.17
N ILE C 242 -46.18 24.85 9.70
CA ILE C 242 -46.12 25.33 11.07
C ILE C 242 -46.54 26.79 11.08
N ASN C 243 -47.38 27.15 12.04
CA ASN C 243 -47.86 28.52 12.16
C ASN C 243 -46.70 29.50 12.09
N TYR C 244 -46.86 30.53 11.27
CA TYR C 244 -45.80 31.54 11.13
C TYR C 244 -45.70 32.47 12.30
N ASP C 245 -46.44 32.18 13.38
CA ASP C 245 -46.24 32.89 14.62
C ASP C 245 -45.04 32.38 15.40
N ALA C 246 -44.60 31.15 15.14
CA ALA C 246 -43.51 30.52 15.86
C ALA C 246 -42.20 30.81 15.14
N SER C 247 -41.30 31.52 15.82
CA SER C 247 -39.99 31.80 15.25
C SER C 247 -38.96 30.75 15.63
N ALA C 248 -38.93 30.36 16.90
CA ALA C 248 -37.93 29.39 17.34
C ALA C 248 -38.11 28.05 16.62
N ALA C 249 -39.35 27.62 16.46
CA ALA C 249 -39.60 26.31 15.83
C ALA C 249 -39.17 26.32 14.37
N ARG C 250 -39.62 27.31 13.60
CA ARG C 250 -39.35 27.33 12.17
C ARG C 250 -37.85 27.51 11.90
N VAL C 251 -37.20 28.40 12.66
CA VAL C 251 -35.76 28.58 12.48
C VAL C 251 -35.03 27.30 12.88
N ALA C 252 -35.52 26.61 13.91
CA ALA C 252 -34.92 25.34 14.28
C ALA C 252 -34.99 24.35 13.12
N LEU C 253 -36.18 24.20 12.53
CA LEU C 253 -36.32 23.33 11.35
C LEU C 253 -35.34 23.71 10.26
N GLY C 254 -35.33 24.98 9.87
CA GLY C 254 -34.52 25.39 8.73
C GLY C 254 -33.04 25.22 8.98
N ILE C 255 -32.56 25.67 10.12
CA ILE C 255 -31.14 25.58 10.43
C ILE C 255 -30.70 24.13 10.56
N THR C 256 -31.49 23.32 11.27
CA THR C 256 -31.14 21.91 11.42
C THR C 256 -31.08 21.23 10.06
N THR C 257 -32.02 21.55 9.18
CA THR C 257 -32.03 20.95 7.85
C THR C 257 -30.79 21.33 7.06
N VAL C 258 -30.45 22.62 7.08
CA VAL C 258 -29.25 23.08 6.37
C VAL C 258 -28.03 22.32 6.87
N LEU C 259 -27.88 22.26 8.20
CA LEU C 259 -26.70 21.63 8.77
C LEU C 259 -26.65 20.14 8.48
N THR C 260 -27.82 19.47 8.49
CA THR C 260 -27.85 18.06 8.14
C THR C 260 -27.39 17.83 6.71
N MET C 261 -27.81 18.71 5.80
CA MET C 261 -27.34 18.59 4.42
C MET C 261 -25.82 18.75 4.34
N THR C 262 -25.29 19.74 5.07
CA THR C 262 -23.84 19.93 5.07
C THR C 262 -23.14 18.68 5.61
N THR C 263 -23.71 18.05 6.63
CA THR C 263 -23.12 16.83 7.16
C THR C 263 -23.12 15.72 6.13
N ILE C 264 -24.22 15.56 5.39
CA ILE C 264 -24.27 14.56 4.33
C ILE C 264 -23.13 14.82 3.34
N ASN C 265 -22.97 16.07 2.92
CA ASN C 265 -21.92 16.39 1.96
C ASN C 265 -20.53 16.09 2.52
N THR C 266 -20.27 16.51 3.76
CA THR C 266 -18.93 16.34 4.32
C THR C 266 -18.59 14.87 4.45
N HIS C 267 -19.54 14.06 4.90
CA HIS C 267 -19.27 12.62 4.97
C HIS C 267 -19.07 12.02 3.58
N LEU C 268 -19.76 12.54 2.57
CA LEU C 268 -19.60 11.99 1.24
C LEU C 268 -18.23 12.33 0.65
N ARG C 269 -17.78 13.56 0.82
CA ARG C 269 -16.57 14.01 0.13
C ARG C 269 -15.30 13.42 0.71
N GLU C 270 -15.37 12.79 1.88
CA GLU C 270 -14.17 12.24 2.51
C GLU C 270 -13.76 10.91 1.88
N THR C 271 -14.45 10.48 0.85
CA THR C 271 -14.18 9.20 0.21
C THR C 271 -13.93 9.35 -1.29
N LEU C 272 -13.72 10.56 -1.78
CA LEU C 272 -13.45 10.82 -3.18
C LEU C 272 -12.13 11.56 -3.32
N PRO C 273 -11.57 11.67 -4.52
CA PRO C 273 -10.39 12.52 -4.72
C PRO C 273 -10.76 13.99 -4.89
N LYS C 274 -9.75 14.84 -4.69
CA LYS C 274 -9.94 16.28 -4.86
C LYS C 274 -10.06 16.61 -6.34
N ILE C 275 -11.29 16.67 -6.84
CA ILE C 275 -11.54 16.79 -8.28
C ILE C 275 -12.01 18.22 -8.56
N PRO C 276 -11.55 18.86 -9.65
CA PRO C 276 -11.95 20.26 -9.89
C PRO C 276 -13.41 20.41 -10.27
N TYR C 277 -13.85 19.63 -11.25
CA TYR C 277 -15.18 19.79 -11.83
C TYR C 277 -16.25 19.23 -10.90
N VAL C 278 -17.50 19.49 -11.26
CA VAL C 278 -18.65 19.14 -10.44
C VAL C 278 -19.16 17.76 -10.85
N LYS C 279 -19.27 16.86 -9.90
CA LYS C 279 -19.84 15.55 -10.14
C LYS C 279 -21.37 15.62 -10.06
N ALA C 280 -22.03 14.60 -10.60
CA ALA C 280 -23.49 14.59 -10.61
C ALA C 280 -24.05 14.54 -9.19
N ILE C 281 -23.43 13.73 -8.32
CA ILE C 281 -23.83 13.72 -6.92
C ILE C 281 -23.64 15.08 -6.29
N ASP C 282 -22.57 15.78 -6.67
CA ASP C 282 -22.38 17.15 -6.19
C ASP C 282 -23.50 18.06 -6.67
N MET C 283 -23.93 17.89 -7.93
CA MET C 283 -25.02 18.69 -8.44
C MET C 283 -26.29 18.48 -7.63
N TYR C 284 -26.60 17.21 -7.33
CA TYR C 284 -27.81 16.91 -6.57
C TYR C 284 -27.72 17.48 -5.16
N LEU C 285 -26.59 17.31 -4.50
CA LEU C 285 -26.46 17.82 -3.13
C LEU C 285 -26.53 19.35 -3.11
N MET C 286 -25.92 20.00 -4.08
CA MET C 286 -25.99 21.46 -4.15
C MET C 286 -27.43 21.92 -4.38
N GLY C 287 -28.16 21.25 -5.27
CA GLY C 287 -29.55 21.63 -5.50
C GLY C 287 -30.40 21.44 -4.26
N CYS C 288 -30.21 20.33 -3.56
CA CYS C 288 -30.95 20.10 -2.33
C CYS C 288 -30.62 21.14 -1.27
N PHE C 289 -29.34 21.51 -1.15
CA PHE C 289 -28.97 22.55 -0.22
C PHE C 289 -29.62 23.87 -0.59
N VAL C 290 -29.69 24.17 -1.88
CA VAL C 290 -30.34 25.41 -2.31
C VAL C 290 -31.82 25.38 -1.96
N PHE C 291 -32.46 24.21 -2.07
CA PHE C 291 -33.87 24.10 -1.69
C PHE C 291 -34.07 24.35 -0.21
N VAL C 292 -33.22 23.74 0.62
CA VAL C 292 -33.34 23.95 2.07
C VAL C 292 -33.08 25.41 2.42
N PHE C 293 -32.07 26.01 1.80
CA PHE C 293 -31.76 27.41 2.03
C PHE C 293 -32.93 28.30 1.60
N MET C 294 -33.58 27.96 0.49
CA MET C 294 -34.72 28.74 0.04
C MET C 294 -35.89 28.62 1.01
N ALA C 295 -36.08 27.44 1.61
CA ALA C 295 -37.12 27.32 2.63
C ALA C 295 -36.81 28.23 3.81
N LEU C 296 -35.56 28.25 4.26
CA LEU C 296 -35.18 29.13 5.36
C LEU C 296 -35.37 30.61 4.99
N LEU C 297 -34.98 30.99 3.76
CA LEU C 297 -35.13 32.37 3.33
C LEU C 297 -36.59 32.76 3.16
N GLU C 298 -37.43 31.83 2.72
CA GLU C 298 -38.86 32.08 2.65
C GLU C 298 -39.43 32.33 4.03
N TYR C 299 -39.01 31.56 5.02
CA TYR C 299 -39.47 31.84 6.38
C TYR C 299 -39.00 33.22 6.84
N ALA C 300 -37.76 33.58 6.54
CA ALA C 300 -37.28 34.91 6.91
C ALA C 300 -38.12 36.00 6.26
N LEU C 301 -38.47 35.82 4.99
CA LEU C 301 -39.32 36.78 4.30
C LEU C 301 -40.68 36.89 4.97
N VAL C 302 -41.27 35.75 5.35
CA VAL C 302 -42.54 35.77 6.06
C VAL C 302 -42.40 36.55 7.36
N ASN C 303 -41.36 36.25 8.13
CA ASN C 303 -41.15 36.90 9.42
C ASN C 303 -40.93 38.41 9.26
N TYR C 304 -40.39 38.83 8.12
CA TYR C 304 -40.17 40.25 7.92
C TYR C 304 -41.47 41.01 7.74
N ILE C 305 -42.52 40.35 7.25
CA ILE C 305 -43.81 41.00 7.02
C ILE C 305 -44.91 40.42 7.91
N PHE C 306 -44.54 39.66 8.94
CA PHE C 306 -45.54 39.06 9.82
C PHE C 306 -46.45 40.12 10.41
N PHE C 307 -45.89 41.02 11.22
CA PHE C 307 -46.72 41.96 11.97
C PHE C 307 -47.49 42.88 11.04
N SER C 308 -46.85 43.40 10.00
CA SER C 308 -47.46 44.47 9.21
C SER C 308 -48.66 43.98 8.40
N GLN C 309 -48.65 42.73 7.97
CA GLN C 309 -49.67 42.26 7.06
C GLN C 309 -49.75 40.74 7.07
N PRO C 310 -50.41 40.14 8.07
CA PRO C 310 -50.44 38.68 8.17
C PRO C 310 -51.15 37.99 7.02
N ALA C 311 -52.03 38.69 6.30
CA ALA C 311 -52.75 38.06 5.20
C ALA C 311 -51.79 37.64 4.09
N ARG C 312 -50.94 38.57 3.63
CA ARG C 312 -49.99 38.22 2.60
C ARG C 312 -48.95 37.21 3.10
N ALA C 313 -48.62 37.26 4.39
CA ALA C 313 -47.72 36.26 4.95
C ALA C 313 -48.32 34.87 4.86
N ALA C 314 -49.61 34.74 5.21
CA ALA C 314 -50.28 33.46 5.08
C ALA C 314 -50.37 33.03 3.62
N ALA C 315 -50.61 33.99 2.71
CA ALA C 315 -50.64 33.66 1.29
C ALA C 315 -49.29 33.10 0.84
N ILE C 316 -48.20 33.71 1.29
CA ILE C 316 -46.87 33.24 0.93
C ILE C 316 -46.63 31.85 1.50
N ASP C 317 -47.03 31.61 2.75
CA ASP C 317 -46.89 30.26 3.31
C ASP C 317 -47.67 29.23 2.50
N ARG C 318 -48.89 29.56 2.10
CA ARG C 318 -49.68 28.65 1.29
C ARG C 318 -49.01 28.38 -0.06
N TRP C 319 -48.56 29.44 -0.72
CA TRP C 319 -47.91 29.26 -2.02
C TRP C 319 -46.66 28.40 -1.88
N SER C 320 -45.89 28.60 -0.81
CA SER C 320 -44.72 27.75 -0.58
C SER C 320 -45.13 26.30 -0.39
N ARG C 321 -46.17 26.07 0.43
CA ARG C 321 -46.68 24.72 0.62
C ARG C 321 -47.00 24.07 -0.72
N ILE C 322 -47.48 24.87 -1.67
CA ILE C 322 -47.87 24.30 -2.97
C ILE C 322 -46.64 24.09 -3.86
N PHE C 323 -45.70 25.03 -3.86
CA PHE C 323 -44.73 25.15 -4.93
C PHE C 323 -43.31 24.75 -4.54
N PHE C 324 -43.06 24.36 -3.31
CA PHE C 324 -41.74 23.82 -3.05
C PHE C 324 -41.70 22.37 -3.52
N PRO C 325 -42.70 21.55 -3.18
CA PRO C 325 -42.70 20.18 -3.72
C PRO C 325 -42.75 20.12 -5.23
N VAL C 326 -43.48 21.03 -5.89
CA VAL C 326 -43.61 20.99 -7.34
C VAL C 326 -42.29 21.33 -8.02
N VAL C 327 -41.63 22.40 -7.56
CA VAL C 327 -40.34 22.76 -8.14
C VAL C 327 -39.30 21.69 -7.84
N PHE C 328 -39.38 21.08 -6.65
CA PHE C 328 -38.47 19.98 -6.34
C PHE C 328 -38.69 18.81 -7.27
N SER C 329 -39.96 18.49 -7.58
CA SER C 329 -40.24 17.41 -8.51
C SER C 329 -39.73 17.73 -9.90
N PHE C 330 -39.89 18.97 -10.34
CA PHE C 330 -39.36 19.36 -11.64
C PHE C 330 -37.84 19.21 -11.68
N PHE C 331 -37.17 19.68 -10.63
CA PHE C 331 -35.71 19.55 -10.58
C PHE C 331 -35.29 18.09 -10.59
N ASN C 332 -36.03 17.24 -9.86
CA ASN C 332 -35.71 15.82 -9.86
C ASN C 332 -35.88 15.22 -11.24
N ILE C 333 -36.96 15.57 -11.94
CA ILE C 333 -37.18 15.00 -13.27
C ILE C 333 -36.09 15.44 -14.22
N VAL C 334 -35.73 16.72 -14.20
CA VAL C 334 -34.65 17.20 -15.06
C VAL C 334 -33.36 16.46 -14.73
N TYR C 335 -33.02 16.34 -13.45
CA TYR C 335 -31.77 15.70 -13.06
C TYR C 335 -31.74 14.24 -13.47
N TRP C 336 -32.83 13.51 -13.23
CA TRP C 336 -32.85 12.08 -13.48
C TRP C 336 -33.09 11.72 -14.93
N LEU C 337 -33.50 12.68 -15.77
CA LEU C 337 -33.53 12.43 -17.20
C LEU C 337 -32.26 12.91 -17.90
N TYR C 338 -31.54 13.86 -17.31
CA TYR C 338 -30.29 14.29 -17.90
C TYR C 338 -29.26 13.16 -17.86
N TYR C 339 -29.16 12.47 -16.73
CA TYR C 339 -28.12 11.47 -16.53
C TYR C 339 -28.59 10.07 -16.90
N VAL C 340 -29.64 9.59 -16.26
CA VAL C 340 -30.15 8.25 -16.53
C VAL C 340 -30.46 8.11 -18.00
N ASP D 10 22.88 -21.05 -39.98
CA ASP D 10 22.77 -21.07 -38.52
C ASP D 10 23.35 -19.79 -37.94
N ASN D 11 22.58 -18.70 -38.05
CA ASN D 11 23.07 -17.40 -37.59
C ASN D 11 23.39 -17.40 -36.11
N THR D 12 22.83 -18.35 -35.36
CA THR D 12 23.05 -18.40 -33.93
C THR D 12 24.53 -18.43 -33.58
N THR D 13 25.29 -19.32 -34.22
CA THR D 13 26.69 -19.50 -33.83
C THR D 13 27.53 -18.26 -34.17
N VAL D 14 27.30 -17.66 -35.33
CA VAL D 14 28.08 -16.48 -35.71
C VAL D 14 27.77 -15.32 -34.78
N PHE D 15 26.49 -15.15 -34.42
CA PHE D 15 26.15 -14.04 -33.53
C PHE D 15 26.62 -14.29 -32.11
N THR D 16 26.59 -15.55 -31.66
CA THR D 16 27.17 -15.89 -30.37
C THR D 16 28.66 -15.57 -30.36
N ARG D 17 29.36 -15.86 -31.46
CA ARG D 17 30.76 -15.51 -31.57
C ARG D 17 30.97 -14.01 -31.50
N ILE D 18 30.11 -13.24 -32.17
CA ILE D 18 30.24 -11.79 -32.15
C ILE D 18 30.10 -11.28 -30.72
N LEU D 19 29.10 -11.75 -30.00
CA LEU D 19 28.91 -11.30 -28.62
C LEU D 19 30.08 -11.74 -27.74
N ASP D 20 30.52 -12.98 -27.87
CA ASP D 20 31.63 -13.47 -27.05
C ASP D 20 32.90 -12.67 -27.31
N ARG D 21 33.15 -12.31 -28.57
CA ARG D 21 34.29 -11.48 -28.90
C ARG D 21 34.14 -10.07 -28.32
N LEU D 22 32.91 -9.56 -28.30
CA LEU D 22 32.68 -8.25 -27.69
C LEU D 22 33.01 -8.26 -26.21
N LEU D 23 32.64 -9.33 -25.50
CA LEU D 23 32.84 -9.40 -24.07
C LEU D 23 34.17 -10.01 -23.65
N ASP D 24 35.04 -10.35 -24.60
CA ASP D 24 36.32 -10.94 -24.28
C ASP D 24 37.33 -9.85 -23.99
N GLY D 25 37.97 -9.93 -22.82
CA GLY D 25 38.89 -8.89 -22.41
C GLY D 25 38.23 -7.54 -22.24
N TYR D 26 36.96 -7.52 -21.83
CA TYR D 26 36.22 -6.29 -21.61
C TYR D 26 36.07 -6.08 -20.11
N ASP D 27 36.43 -4.88 -19.65
CA ASP D 27 36.43 -4.54 -18.23
C ASP D 27 35.33 -3.51 -17.98
N ASN D 28 34.26 -3.93 -17.31
CA ASN D 28 33.13 -3.03 -17.07
C ASN D 28 33.33 -2.15 -15.85
N ARG D 29 34.46 -2.25 -15.15
CA ARG D 29 34.78 -1.31 -14.08
C ARG D 29 35.43 -0.04 -14.60
N LEU D 30 35.75 0.02 -15.88
CA LEU D 30 36.42 1.16 -16.49
C LEU D 30 35.49 1.82 -17.49
N ARG D 31 35.29 3.12 -17.34
CA ARG D 31 34.45 3.85 -18.28
C ARG D 31 35.13 3.94 -19.65
N PRO D 32 34.36 4.04 -20.72
CA PRO D 32 34.97 4.14 -22.04
C PRO D 32 35.85 5.38 -22.16
N GLY D 33 37.00 5.22 -22.81
CA GLY D 33 37.93 6.33 -22.97
C GLY D 33 38.50 6.84 -21.66
N LEU D 34 38.71 5.96 -20.70
CA LEU D 34 39.20 6.40 -19.39
C LEU D 34 40.55 7.08 -19.51
N GLY D 35 41.43 6.54 -20.34
CA GLY D 35 42.78 7.06 -20.38
C GLY D 35 42.88 8.47 -20.93
N GLU D 36 42.11 8.78 -21.98
CA GLU D 36 42.42 9.96 -22.78
C GLU D 36 41.18 10.72 -23.23
N ARG D 37 40.09 10.67 -22.47
CA ARG D 37 38.87 11.29 -22.92
C ARG D 37 37.95 11.53 -21.73
N VAL D 38 36.88 12.28 -21.99
CA VAL D 38 35.76 12.43 -21.08
C VAL D 38 34.56 11.73 -21.71
N THR D 39 33.89 10.89 -20.94
CA THR D 39 32.74 10.13 -21.45
C THR D 39 31.54 11.07 -21.55
N GLU D 40 30.98 11.19 -22.74
CA GLU D 40 29.86 12.07 -23.00
C GLU D 40 28.60 11.24 -23.16
N VAL D 41 27.65 11.41 -22.25
CA VAL D 41 26.41 10.65 -22.24
C VAL D 41 25.29 11.57 -22.70
N LYS D 42 24.66 11.22 -23.82
CA LYS D 42 23.54 11.98 -24.35
C LYS D 42 22.25 11.43 -23.77
N THR D 43 21.49 12.29 -23.09
CA THR D 43 20.33 11.85 -22.34
C THR D 43 19.06 12.44 -22.93
N ASP D 44 17.97 11.75 -22.68
CA ASP D 44 16.67 12.07 -23.25
C ASP D 44 15.61 11.40 -22.40
N ILE D 45 14.51 12.12 -22.15
CA ILE D 45 13.44 11.62 -21.30
C ILE D 45 12.14 11.67 -22.08
N PHE D 46 11.40 10.56 -22.05
CA PHE D 46 10.03 10.52 -22.56
C PHE D 46 9.11 10.21 -21.39
N VAL D 47 8.25 11.16 -21.05
CA VAL D 47 7.36 11.02 -19.90
C VAL D 47 6.06 10.37 -20.37
N THR D 48 5.88 9.11 -20.00
CA THR D 48 4.65 8.41 -20.36
C THR D 48 3.48 8.82 -19.48
N SER D 49 3.73 9.27 -18.26
CA SER D 49 2.65 9.76 -17.41
C SER D 49 3.23 10.63 -16.30
N PHE D 50 2.70 11.84 -16.16
CA PHE D 50 3.09 12.74 -15.09
C PHE D 50 2.14 12.47 -13.94
N GLY D 51 2.61 11.72 -12.94
CA GLY D 51 1.76 11.15 -11.94
C GLY D 51 1.12 12.19 -11.08
N PRO D 52 0.36 11.74 -10.08
CA PRO D 52 -0.25 12.69 -9.16
C PRO D 52 0.80 13.43 -8.34
N VAL D 53 0.49 14.67 -8.01
CA VAL D 53 1.31 15.47 -7.12
C VAL D 53 0.77 15.30 -5.71
N SER D 54 1.65 15.04 -4.76
CA SER D 54 1.28 14.87 -3.36
C SER D 54 1.67 16.13 -2.60
N ASP D 55 0.67 16.94 -2.26
CA ASP D 55 0.94 18.13 -1.44
C ASP D 55 1.51 17.74 -0.08
N HIS D 56 0.93 16.73 0.56
CA HIS D 56 1.33 16.40 1.92
C HIS D 56 2.81 16.04 2.00
N ASP D 57 3.31 15.31 1.02
CA ASP D 57 4.71 14.92 1.02
C ASP D 57 5.59 15.87 0.21
N MET D 58 5.00 16.90 -0.37
CA MET D 58 5.71 17.83 -1.25
C MET D 58 6.54 17.05 -2.27
N GLU D 59 5.84 16.26 -3.08
CA GLU D 59 6.48 15.40 -4.05
C GLU D 59 5.51 15.15 -5.20
N TYR D 60 6.05 14.57 -6.27
CA TYR D 60 5.27 14.19 -7.43
C TYR D 60 5.84 12.90 -7.98
N THR D 61 5.01 12.19 -8.74
CA THR D 61 5.41 10.96 -9.39
C THR D 61 5.46 11.16 -10.90
N ILE D 62 6.45 10.55 -11.54
CA ILE D 62 6.62 10.66 -12.97
C ILE D 62 7.11 9.33 -13.51
N ASP D 63 6.48 8.85 -14.58
CA ASP D 63 6.90 7.63 -15.27
C ASP D 63 7.58 8.03 -16.56
N VAL D 64 8.79 7.52 -16.77
CA VAL D 64 9.60 7.95 -17.91
C VAL D 64 10.24 6.75 -18.59
N PHE D 65 10.53 6.92 -19.88
CA PHE D 65 11.59 6.16 -20.54
C PHE D 65 12.84 7.01 -20.42
N PHE D 66 13.83 6.55 -19.68
CA PHE D 66 15.07 7.27 -19.50
C PHE D 66 16.10 6.73 -20.46
N ARG D 67 16.48 7.55 -21.44
CA ARG D 67 17.37 7.11 -22.51
C ARG D 67 18.75 7.74 -22.34
N GLN D 68 19.78 6.91 -22.42
CA GLN D 68 21.16 7.35 -22.37
C GLN D 68 21.89 6.77 -23.58
N SER D 69 22.90 7.49 -24.06
CA SER D 69 23.63 7.07 -25.24
C SER D 69 25.06 7.59 -25.15
N TRP D 70 26.03 6.69 -25.26
CA TRP D 70 27.44 7.04 -25.23
C TRP D 70 28.19 6.13 -26.19
N LYS D 71 29.42 6.51 -26.49
CA LYS D 71 30.25 5.76 -27.42
C LYS D 71 31.26 4.93 -26.64
N ASP D 72 31.30 3.63 -26.93
CA ASP D 72 32.30 2.72 -26.37
C ASP D 72 33.07 2.08 -27.52
N GLU D 73 34.32 2.50 -27.71
CA GLU D 73 35.12 1.97 -28.80
C GLU D 73 35.38 0.47 -28.62
N ARG D 74 35.40 -0.01 -27.38
CA ARG D 74 35.66 -1.42 -27.13
C ARG D 74 34.56 -2.32 -27.63
N LEU D 75 33.40 -1.77 -28.01
CA LEU D 75 32.26 -2.55 -28.44
C LEU D 75 31.98 -2.41 -29.93
N LYS D 76 33.02 -2.16 -30.71
CA LYS D 76 32.90 -2.16 -32.16
C LYS D 76 32.81 -3.59 -32.66
N PHE D 77 32.01 -3.80 -33.71
CA PHE D 77 31.87 -5.12 -34.30
C PHE D 77 31.58 -4.94 -35.78
N LYS D 78 31.76 -6.03 -36.53
CA LYS D 78 31.49 -6.03 -37.97
C LYS D 78 30.79 -7.34 -38.29
N GLY D 79 29.51 -7.27 -38.62
CA GLY D 79 28.73 -8.45 -38.88
C GLY D 79 27.61 -8.21 -39.88
N PRO D 80 26.77 -9.23 -40.08
CA PRO D 80 25.63 -9.06 -40.99
C PRO D 80 24.64 -7.98 -40.54
N MET D 81 24.50 -7.75 -39.24
CA MET D 81 23.60 -6.73 -38.73
C MET D 81 24.37 -5.45 -38.44
N THR D 82 23.77 -4.32 -38.82
CA THR D 82 24.35 -3.02 -38.47
C THR D 82 24.08 -2.65 -37.02
N VAL D 83 22.99 -3.15 -36.44
CA VAL D 83 22.62 -2.89 -35.05
C VAL D 83 22.31 -4.21 -34.38
N LEU D 84 22.73 -4.35 -33.13
CA LEU D 84 22.39 -5.51 -32.31
C LEU D 84 21.34 -5.09 -31.28
N ARG D 85 20.07 -5.40 -31.56
CA ARG D 85 19.01 -5.18 -30.58
C ARG D 85 19.17 -6.26 -29.54
N LEU D 86 19.88 -5.96 -28.47
CA LEU D 86 20.27 -6.95 -27.49
C LEU D 86 19.35 -6.98 -26.27
N ASN D 87 19.42 -8.09 -25.56
CA ASN D 87 18.57 -8.31 -24.40
C ASN D 87 18.98 -7.38 -23.26
N ASN D 88 18.09 -7.28 -22.28
CA ASN D 88 18.32 -6.40 -21.13
C ASN D 88 19.40 -6.92 -20.20
N LEU D 89 19.87 -8.15 -20.37
CA LEU D 89 20.89 -8.71 -19.49
C LEU D 89 22.31 -8.50 -20.00
N MET D 90 22.48 -8.18 -21.28
CA MET D 90 23.79 -7.80 -21.78
C MET D 90 24.30 -6.52 -21.12
N ALA D 91 23.40 -5.60 -20.80
CA ALA D 91 23.79 -4.33 -20.20
C ALA D 91 24.54 -4.54 -18.90
N SER D 92 24.22 -5.60 -18.16
CA SER D 92 24.90 -5.86 -16.89
C SER D 92 26.38 -6.16 -17.09
N LYS D 93 26.77 -6.63 -18.27
CA LYS D 93 28.16 -7.03 -18.50
C LYS D 93 29.03 -5.90 -19.02
N ILE D 94 28.46 -4.76 -19.38
CA ILE D 94 29.21 -3.65 -19.93
C ILE D 94 29.17 -2.48 -18.93
N TRP D 95 30.04 -1.51 -19.16
CA TRP D 95 29.96 -0.28 -18.39
C TRP D 95 28.75 0.52 -18.84
N THR D 96 27.99 1.02 -17.87
CA THR D 96 26.90 1.94 -18.10
C THR D 96 27.10 3.12 -17.16
N PRO D 97 26.56 4.27 -17.49
CA PRO D 97 26.64 5.41 -16.57
C PRO D 97 25.80 5.17 -15.33
N ASP D 98 26.29 5.66 -14.19
CA ASP D 98 25.60 5.51 -12.92
C ASP D 98 24.79 6.77 -12.60
N THR D 99 23.86 7.06 -13.50
CA THR D 99 23.00 8.22 -13.33
C THR D 99 22.10 8.02 -12.12
N PHE D 100 21.86 9.11 -11.39
CA PHE D 100 20.95 9.09 -10.26
C PHE D 100 20.24 10.42 -10.18
N PHE D 101 19.14 10.45 -9.43
CA PHE D 101 18.29 11.62 -9.34
C PHE D 101 18.59 12.36 -8.04
N HIS D 102 19.13 13.57 -8.16
CA HIS D 102 19.54 14.35 -7.00
C HIS D 102 18.39 14.60 -6.03
N ASN D 103 17.19 14.85 -6.54
CA ASN D 103 16.03 15.08 -5.69
C ASN D 103 15.07 13.89 -5.69
N GLY D 104 15.55 12.71 -6.05
CA GLY D 104 14.70 11.54 -6.03
C GLY D 104 14.54 11.02 -4.62
N LYS D 105 13.34 10.55 -4.31
CA LYS D 105 13.04 10.03 -2.98
C LYS D 105 13.02 8.49 -2.99
N LYS D 106 12.18 7.89 -3.81
CA LYS D 106 12.07 6.44 -3.86
C LYS D 106 11.61 6.06 -5.25
N SER D 107 12.55 5.72 -6.12
CA SER D 107 12.25 5.33 -7.48
C SER D 107 12.28 3.82 -7.62
N VAL D 108 11.60 3.32 -8.65
CA VAL D 108 11.52 1.90 -8.91
C VAL D 108 11.87 1.66 -10.37
N ALA D 109 12.60 0.58 -10.63
CA ALA D 109 12.82 0.07 -11.97
C ALA D 109 11.94 -1.16 -12.15
N HIS D 110 11.12 -1.15 -13.19
CA HIS D 110 10.16 -2.22 -13.40
C HIS D 110 10.83 -3.42 -14.05
N ASN D 111 10.55 -4.62 -13.53
CA ASN D 111 11.00 -5.86 -14.14
C ASN D 111 9.84 -6.85 -14.22
N MET D 112 8.69 -6.36 -14.66
CA MET D 112 7.54 -7.19 -15.02
C MET D 112 7.30 -7.03 -16.52
N THR D 113 7.25 -8.13 -17.26
CA THR D 113 7.48 -9.49 -16.81
C THR D 113 8.97 -9.79 -16.74
N MET D 114 9.75 -8.91 -17.36
CA MET D 114 11.21 -8.99 -17.38
C MET D 114 11.74 -7.59 -17.12
N PRO D 115 13.02 -7.42 -16.80
CA PRO D 115 13.55 -6.06 -16.65
C PRO D 115 13.20 -5.16 -17.83
N ASN D 116 12.54 -4.04 -17.55
CA ASN D 116 12.08 -3.11 -18.58
C ASN D 116 13.27 -2.26 -19.05
N LYS D 117 14.23 -2.93 -19.68
CA LYS D 117 15.44 -2.30 -20.15
C LYS D 117 15.68 -2.66 -21.61
N LEU D 118 16.68 -2.01 -22.19
CA LEU D 118 16.90 -2.02 -23.63
C LEU D 118 18.35 -1.65 -23.89
N LEU D 119 19.03 -2.43 -24.72
CA LEU D 119 20.41 -2.15 -25.10
C LEU D 119 20.58 -2.38 -26.59
N ARG D 120 21.03 -1.34 -27.31
CA ARG D 120 21.22 -1.41 -28.80
C ARG D 120 22.63 -0.95 -29.15
N ILE D 121 23.47 -1.84 -29.65
CA ILE D 121 24.87 -1.58 -29.97
C ILE D 121 24.97 -1.41 -31.47
N THR D 122 25.37 -0.21 -31.91
CA THR D 122 25.67 0.02 -33.31
C THR D 122 27.07 -0.48 -33.64
N GLU D 123 27.30 -0.78 -34.92
CA GLU D 123 28.58 -1.35 -35.31
C GLU D 123 29.75 -0.42 -34.99
N ASP D 124 29.52 0.89 -34.98
CA ASP D 124 30.59 1.83 -34.68
C ASP D 124 30.89 1.93 -33.19
N GLY D 125 30.18 1.18 -32.34
CA GLY D 125 30.39 1.23 -30.92
C GLY D 125 29.49 2.20 -30.18
N THR D 126 28.49 2.77 -30.82
CA THR D 126 27.54 3.64 -30.13
C THR D 126 26.50 2.78 -29.43
N LEU D 127 26.22 3.09 -28.18
CA LEU D 127 25.27 2.35 -27.37
C LEU D 127 24.03 3.20 -27.15
N LEU D 128 22.87 2.56 -27.18
CA LEU D 128 21.63 3.15 -26.71
C LEU D 128 21.13 2.31 -25.54
N TYR D 129 20.77 2.96 -24.45
CA TYR D 129 20.38 2.29 -23.22
C TYR D 129 19.19 3.03 -22.65
N THR D 130 18.03 2.39 -22.63
CA THR D 130 16.83 3.00 -22.06
C THR D 130 16.25 2.08 -20.99
N MET D 131 15.56 2.68 -20.03
CA MET D 131 14.93 1.94 -18.96
C MET D 131 13.65 2.64 -18.57
N ARG D 132 12.69 1.87 -18.07
CA ARG D 132 11.42 2.40 -17.62
C ARG D 132 11.48 2.59 -16.11
N LEU D 133 11.21 3.80 -15.64
CA LEU D 133 11.26 4.13 -14.23
C LEU D 133 9.96 4.79 -13.81
N THR D 134 9.63 4.62 -12.53
CA THR D 134 8.75 5.53 -11.82
C THR D 134 9.61 6.29 -10.84
N VAL D 135 9.69 7.61 -11.01
CA VAL D 135 10.50 8.47 -10.18
C VAL D 135 9.57 9.24 -9.26
N ARG D 136 9.88 9.25 -7.98
CA ARG D 136 9.23 10.11 -7.01
C ARG D 136 10.26 11.13 -6.55
N ALA D 137 9.94 12.41 -6.71
CA ALA D 137 10.91 13.47 -6.52
C ALA D 137 10.34 14.57 -5.64
N GLU D 138 11.22 15.16 -4.84
CA GLU D 138 10.83 16.27 -3.98
C GLU D 138 10.55 17.51 -4.82
N CYS D 139 9.41 18.14 -4.57
CA CYS D 139 9.02 19.40 -5.21
C CYS D 139 8.72 20.40 -4.10
N PRO D 140 9.73 21.14 -3.63
CA PRO D 140 9.48 22.06 -2.52
C PRO D 140 8.50 23.18 -2.91
N MET D 141 7.33 23.18 -2.30
CA MET D 141 6.27 24.11 -2.65
C MET D 141 6.19 25.22 -1.61
N HIS D 142 5.87 26.42 -2.08
CA HIS D 142 5.67 27.59 -1.22
C HIS D 142 4.20 27.95 -1.29
N LEU D 143 3.45 27.55 -0.27
CA LEU D 143 1.99 27.59 -0.31
C LEU D 143 1.44 28.88 0.29
N GLU D 144 1.96 30.02 -0.13
CA GLU D 144 1.43 31.29 0.39
C GLU D 144 0.20 31.73 -0.36
N ASP D 145 0.10 31.41 -1.65
CA ASP D 145 -1.04 31.78 -2.48
C ASP D 145 -2.06 30.65 -2.62
N PHE D 146 -1.90 29.59 -1.84
CA PHE D 146 -2.79 28.43 -1.97
C PHE D 146 -4.25 28.87 -1.78
N PRO D 147 -5.19 28.35 -2.58
CA PRO D 147 -5.02 27.39 -3.67
C PRO D 147 -4.87 28.02 -5.05
N MET D 148 -4.36 29.25 -5.11
CA MET D 148 -4.12 29.94 -6.38
C MET D 148 -2.64 29.93 -6.73
N ASP D 149 -1.96 28.83 -6.45
CA ASP D 149 -0.52 28.75 -6.49
C ASP D 149 -0.03 27.96 -7.71
N ALA D 150 1.09 28.40 -8.27
CA ALA D 150 1.77 27.72 -9.35
C ALA D 150 3.17 27.33 -8.87
N HIS D 151 3.66 26.20 -9.38
CA HIS D 151 4.92 25.64 -8.90
C HIS D 151 5.77 25.19 -10.06
N ALA D 152 7.07 25.15 -9.83
CA ALA D 152 8.04 24.60 -10.78
C ALA D 152 8.70 23.41 -10.10
N CYS D 153 8.30 22.20 -10.49
CA CYS D 153 8.79 20.99 -9.84
C CYS D 153 10.06 20.52 -10.54
N PRO D 154 11.19 20.47 -9.86
CA PRO D 154 12.44 20.12 -10.54
C PRO D 154 12.65 18.62 -10.66
N LEU D 155 13.51 18.25 -11.59
CA LEU D 155 13.96 16.86 -11.75
C LEU D 155 15.43 16.93 -12.12
N LYS D 156 16.30 16.79 -11.12
CA LYS D 156 17.74 16.91 -11.30
C LYS D 156 18.36 15.52 -11.30
N PHE D 157 19.17 15.24 -12.31
CA PHE D 157 19.88 13.99 -12.37
C PHE D 157 21.31 14.25 -12.81
N GLY D 158 22.18 13.33 -12.44
CA GLY D 158 23.58 13.44 -12.78
C GLY D 158 24.29 12.16 -12.44
N SER D 159 25.60 12.20 -12.54
CA SER D 159 26.41 11.03 -12.25
C SER D 159 26.86 11.05 -10.81
N TYR D 160 26.43 10.04 -10.06
CA TYR D 160 27.17 9.65 -8.87
C TYR D 160 28.52 9.11 -9.30
N ALA D 161 29.56 9.42 -8.54
CA ALA D 161 30.89 8.83 -8.62
C ALA D 161 31.75 9.35 -9.77
N TYR D 162 31.22 10.11 -10.73
CA TYR D 162 32.04 10.60 -11.84
C TYR D 162 31.92 12.12 -11.92
N THR D 163 33.04 12.81 -11.77
CA THR D 163 33.11 14.25 -11.84
C THR D 163 33.10 14.72 -13.29
N ARG D 164 33.00 16.04 -13.48
CA ARG D 164 32.89 16.61 -14.82
C ARG D 164 34.13 16.36 -15.65
N ALA D 165 35.25 16.01 -15.03
CA ALA D 165 36.45 15.65 -15.76
C ALA D 165 36.41 14.23 -16.30
N GLU D 166 35.40 13.45 -15.92
CA GLU D 166 35.32 12.04 -16.31
C GLU D 166 34.05 11.74 -17.10
N VAL D 167 32.89 12.20 -16.62
CA VAL D 167 31.62 11.97 -17.31
C VAL D 167 30.87 13.29 -17.39
N VAL D 168 30.40 13.63 -18.58
CA VAL D 168 29.54 14.78 -18.79
C VAL D 168 28.25 14.29 -19.42
N TYR D 169 27.18 15.04 -19.18
CA TYR D 169 25.87 14.75 -19.74
C TYR D 169 25.47 15.87 -20.68
N GLU D 170 24.82 15.51 -21.78
CA GLU D 170 24.26 16.48 -22.70
C GLU D 170 22.90 15.96 -23.18
N TRP D 171 22.03 16.89 -23.57
CA TRP D 171 20.75 16.49 -24.14
C TRP D 171 20.94 15.94 -25.54
N THR D 172 20.19 14.90 -25.88
CA THR D 172 20.41 14.19 -27.14
C THR D 172 19.97 15.03 -28.34
N ARG D 173 18.92 15.83 -28.19
CA ARG D 173 18.41 16.73 -29.21
C ARG D 173 18.49 18.15 -28.69
N GLU D 174 17.94 19.09 -29.45
CA GLU D 174 17.84 20.45 -28.96
C GLU D 174 17.29 20.43 -27.54
N PRO D 175 17.85 21.20 -26.62
CA PRO D 175 17.38 21.14 -25.24
C PRO D 175 15.88 21.32 -25.09
N ALA D 176 15.28 22.18 -25.90
CA ALA D 176 13.84 22.41 -25.83
C ALA D 176 13.03 21.20 -26.30
N ARG D 177 13.66 20.20 -26.92
CA ARG D 177 12.96 19.04 -27.42
C ARG D 177 13.44 17.74 -26.80
N SER D 178 14.22 17.80 -25.72
CA SER D 178 14.85 16.62 -25.17
C SER D 178 14.06 15.98 -24.03
N VAL D 179 13.01 16.63 -23.54
CA VAL D 179 12.07 16.05 -22.59
C VAL D 179 10.70 16.14 -23.22
N VAL D 180 10.10 15.00 -23.52
CA VAL D 180 8.84 14.93 -24.24
C VAL D 180 7.81 14.25 -23.35
N VAL D 181 6.63 14.85 -23.26
CA VAL D 181 5.54 14.32 -22.46
C VAL D 181 4.50 13.72 -23.42
N ALA D 182 4.02 12.53 -23.09
CA ALA D 182 2.99 11.90 -23.91
C ALA D 182 1.71 12.73 -23.86
N GLU D 183 0.97 12.73 -24.98
CA GLU D 183 -0.23 13.54 -25.06
C GLU D 183 -1.28 13.07 -24.06
N ASP D 184 -1.47 11.76 -23.94
CA ASP D 184 -2.46 11.20 -23.02
C ASP D 184 -1.88 10.86 -21.66
N GLY D 185 -0.62 11.22 -21.39
CA GLY D 185 0.02 10.82 -20.17
C GLY D 185 -0.13 11.82 -19.04
N SER D 186 -1.36 12.10 -18.64
CA SER D 186 -1.63 13.03 -17.54
C SER D 186 -2.41 12.31 -16.47
N ARG D 187 -1.80 12.18 -15.30
CA ARG D 187 -2.44 11.61 -14.13
C ARG D 187 -2.69 12.67 -13.07
N LEU D 188 -2.68 13.93 -13.47
CA LEU D 188 -2.96 15.04 -12.58
C LEU D 188 -4.46 15.26 -12.53
N ASN D 189 -4.99 15.38 -11.33
CA ASN D 189 -6.39 15.75 -11.14
C ASN D 189 -6.57 17.07 -10.42
N GLN D 190 -5.63 17.46 -9.57
CA GLN D 190 -5.68 18.73 -8.87
C GLN D 190 -4.84 19.81 -9.54
N TYR D 191 -4.03 19.47 -10.53
CA TYR D 191 -3.11 20.40 -11.16
C TYR D 191 -3.30 20.42 -12.66
N ASP D 192 -2.53 21.27 -13.31
CA ASP D 192 -2.46 21.35 -14.76
C ASP D 192 -1.01 21.60 -15.16
N LEU D 193 -0.55 20.90 -16.19
CA LEU D 193 0.85 20.93 -16.61
C LEU D 193 1.01 21.94 -17.73
N LEU D 194 1.69 23.05 -17.44
CA LEU D 194 1.75 24.15 -18.40
C LEU D 194 2.86 23.95 -19.43
N GLY D 195 3.90 23.22 -19.08
CA GLY D 195 5.03 23.05 -19.98
C GLY D 195 6.25 22.62 -19.20
N GLN D 196 7.35 22.47 -19.93
CA GLN D 196 8.61 22.02 -19.35
C GLN D 196 9.72 23.03 -19.65
N THR D 197 10.85 22.80 -19.00
CA THR D 197 12.01 23.67 -19.08
C THR D 197 13.22 22.88 -18.62
N VAL D 198 14.26 22.85 -19.44
CA VAL D 198 15.47 22.12 -19.10
C VAL D 198 16.62 23.10 -18.92
N ASP D 199 17.65 22.63 -18.24
CA ASP D 199 18.90 23.36 -18.09
C ASP D 199 19.99 22.35 -17.78
N SER D 200 21.23 22.80 -17.91
CA SER D 200 22.39 22.00 -17.57
C SER D 200 23.34 22.84 -16.73
N GLY D 201 23.99 22.22 -15.76
CA GLY D 201 24.80 22.98 -14.84
C GLY D 201 25.86 22.14 -14.17
N ILE D 202 26.49 22.74 -13.18
CA ILE D 202 27.58 22.14 -12.42
C ILE D 202 27.32 22.39 -10.95
N VAL D 203 27.60 21.41 -10.11
CA VAL D 203 27.47 21.53 -8.67
C VAL D 203 28.80 21.19 -8.02
N GLN D 204 29.26 22.06 -7.14
CA GLN D 204 30.44 21.80 -6.32
C GLN D 204 30.08 20.86 -5.18
N SER D 205 30.96 19.91 -4.91
CA SER D 205 30.75 18.96 -3.84
C SER D 205 32.08 18.71 -3.13
N SER D 206 31.99 18.20 -1.91
CA SER D 206 33.19 17.88 -1.16
C SER D 206 34.03 16.81 -1.83
N THR D 207 33.44 16.03 -2.74
CA THR D 207 34.14 15.01 -3.49
C THR D 207 34.53 15.46 -4.89
N GLY D 208 34.22 16.70 -5.27
CA GLY D 208 34.60 17.21 -6.56
C GLY D 208 33.52 18.03 -7.25
N GLU D 209 33.54 18.03 -8.57
CA GLU D 209 32.70 18.89 -9.38
C GLU D 209 31.94 18.03 -10.38
N TYR D 210 30.61 18.11 -10.36
CA TYR D 210 29.76 17.18 -11.09
C TYR D 210 28.80 17.93 -12.00
N VAL D 211 28.43 17.29 -13.10
CA VAL D 211 27.45 17.82 -14.03
C VAL D 211 26.05 17.44 -13.52
N VAL D 212 25.12 18.38 -13.61
CA VAL D 212 23.74 18.16 -13.22
C VAL D 212 22.84 18.61 -14.35
N MET D 213 21.90 17.75 -14.73
CA MET D 213 20.90 18.07 -15.73
C MET D 213 19.57 18.28 -15.04
N THR D 214 18.93 19.42 -15.32
CA THR D 214 17.70 19.80 -14.64
C THR D 214 16.55 19.88 -15.61
N THR D 215 15.38 19.48 -15.15
CA THR D 215 14.13 19.72 -15.82
C THR D 215 13.19 20.36 -14.82
N HIS D 216 12.36 21.29 -15.30
CA HIS D 216 11.34 21.90 -14.47
C HIS D 216 10.00 21.69 -15.13
N PHE D 217 9.05 21.14 -14.37
CA PHE D 217 7.68 20.98 -14.82
C PHE D 217 6.85 22.07 -14.15
N HIS D 218 6.24 22.93 -14.96
CA HIS D 218 5.50 24.07 -14.45
C HIS D 218 4.04 23.68 -14.28
N LEU D 219 3.59 23.68 -13.02
CA LEU D 219 2.27 23.21 -12.67
C LEU D 219 1.44 24.34 -12.09
N LYS D 220 0.14 24.28 -12.33
CA LYS D 220 -0.81 25.32 -11.93
C LYS D 220 -2.01 24.64 -11.29
N ARG D 221 -2.28 24.94 -10.03
CA ARG D 221 -3.36 24.28 -9.33
C ARG D 221 -4.71 24.72 -9.86
N LYS D 222 -5.60 23.76 -10.07
CA LYS D 222 -6.98 24.06 -10.43
C LYS D 222 -7.77 24.34 -9.17
N ILE D 223 -8.68 25.33 -9.26
CA ILE D 223 -9.33 25.90 -8.09
C ILE D 223 -10.73 25.37 -7.86
N GLY D 224 -11.31 24.64 -8.82
CA GLY D 224 -12.72 24.30 -8.73
C GLY D 224 -13.07 23.56 -7.46
N TYR D 225 -12.24 22.60 -7.06
CA TYR D 225 -12.55 21.84 -5.85
C TYR D 225 -12.61 22.74 -4.64
N PHE D 226 -11.62 23.60 -4.48
CA PHE D 226 -11.57 24.47 -3.30
C PHE D 226 -12.68 25.49 -3.33
N VAL D 227 -13.02 26.01 -4.51
CA VAL D 227 -14.22 26.84 -4.61
C VAL D 227 -15.40 26.08 -4.00
N ILE D 228 -15.74 24.94 -4.59
CA ILE D 228 -16.95 24.20 -4.24
C ILE D 228 -16.96 23.80 -2.77
N GLN D 229 -15.80 23.50 -2.19
CA GLN D 229 -15.77 22.88 -0.87
C GLN D 229 -15.41 23.82 0.26
N THR D 230 -14.78 24.96 -0.02
CA THR D 230 -14.48 25.93 1.02
C THR D 230 -15.06 27.31 0.73
N TYR D 231 -14.89 27.83 -0.48
CA TYR D 231 -15.24 29.23 -0.71
C TYR D 231 -16.74 29.41 -0.75
N LEU D 232 -17.45 28.59 -1.52
CA LEU D 232 -18.90 28.67 -1.55
C LEU D 232 -19.52 28.37 -0.18
N PRO D 233 -19.10 27.33 0.54
CA PRO D 233 -19.65 27.16 1.90
C PRO D 233 -19.44 28.37 2.80
N CYS D 234 -18.28 29.01 2.74
CA CYS D 234 -18.04 30.17 3.59
C CYS D 234 -18.93 31.35 3.17
N ILE D 235 -19.09 31.56 1.87
CA ILE D 235 -19.94 32.65 1.40
C ILE D 235 -21.39 32.41 1.81
N MET D 236 -21.86 31.17 1.67
CA MET D 236 -23.21 30.83 2.10
C MET D 236 -23.38 31.05 3.59
N THR D 237 -22.38 30.69 4.39
CA THR D 237 -22.48 30.89 5.83
C THR D 237 -22.55 32.38 6.17
N VAL D 238 -21.76 33.21 5.48
CA VAL D 238 -21.83 34.65 5.73
C VAL D 238 -23.20 35.20 5.34
N ILE D 239 -23.74 34.73 4.21
CA ILE D 239 -25.06 35.19 3.79
C ILE D 239 -26.11 34.79 4.83
N LEU D 240 -26.04 33.56 5.31
CA LEU D 240 -27.00 33.11 6.32
C LEU D 240 -26.90 33.93 7.58
N SER D 241 -25.67 34.25 8.01
CA SER D 241 -25.51 35.10 9.18
C SER D 241 -26.14 36.47 8.96
N GLN D 242 -25.98 37.04 7.77
CA GLN D 242 -26.56 38.35 7.50
C GLN D 242 -28.07 38.30 7.34
N VAL D 243 -28.63 37.14 6.99
CA VAL D 243 -30.09 37.04 6.93
C VAL D 243 -30.71 37.38 8.27
N SER D 244 -29.98 37.13 9.36
CA SER D 244 -30.52 37.34 10.70
C SER D 244 -30.93 38.79 10.93
N PHE D 245 -30.40 39.74 10.16
CA PHE D 245 -30.71 41.16 10.37
C PHE D 245 -32.15 41.49 9.99
N TRP D 246 -32.82 40.66 9.21
CA TRP D 246 -34.18 40.94 8.77
C TRP D 246 -35.23 40.38 9.70
N LEU D 247 -34.83 39.64 10.73
CA LEU D 247 -35.78 39.12 11.70
C LEU D 247 -36.10 40.19 12.73
N ASN D 248 -37.34 40.21 13.20
CA ASN D 248 -37.77 41.27 14.09
C ASN D 248 -37.06 41.13 15.43
N ARG D 249 -36.95 42.26 16.14
CA ARG D 249 -36.20 42.29 17.38
C ARG D 249 -36.85 41.47 18.49
N GLU D 250 -38.09 41.04 18.30
CA GLU D 250 -38.78 40.25 19.33
C GLU D 250 -38.41 38.77 19.26
N SER D 251 -37.98 38.27 18.11
CA SER D 251 -37.67 36.85 17.94
C SER D 251 -36.22 36.58 18.36
N VAL D 252 -35.98 36.72 19.65
CA VAL D 252 -34.61 36.61 20.17
C VAL D 252 -34.02 35.23 19.94
N PRO D 253 -34.65 34.12 20.35
CA PRO D 253 -34.01 32.82 20.15
C PRO D 253 -33.71 32.52 18.69
N ALA D 254 -34.52 33.03 17.76
CA ALA D 254 -34.23 32.83 16.34
C ALA D 254 -32.88 33.42 15.96
N ARG D 255 -32.68 34.70 16.29
CA ARG D 255 -31.42 35.35 15.92
C ARG D 255 -30.25 34.76 16.70
N THR D 256 -30.47 34.37 17.95
CA THR D 256 -29.41 33.72 18.71
C THR D 256 -28.99 32.42 18.04
N VAL D 257 -29.96 31.63 17.57
CA VAL D 257 -29.63 30.38 16.88
C VAL D 257 -28.88 30.68 15.60
N PHE D 258 -29.32 31.68 14.85
CA PHE D 258 -28.58 32.06 13.64
C PHE D 258 -27.12 32.32 13.95
N GLY D 259 -26.85 33.19 14.93
CA GLY D 259 -25.48 33.54 15.24
C GLY D 259 -24.67 32.34 15.69
N VAL D 260 -25.22 31.57 16.62
CA VAL D 260 -24.47 30.44 17.19
C VAL D 260 -24.15 29.42 16.11
N THR D 261 -25.15 29.03 15.33
CA THR D 261 -24.94 27.99 14.33
C THR D 261 -24.01 28.46 13.24
N THR D 262 -24.11 29.73 12.82
CA THR D 262 -23.19 30.23 11.81
C THR D 262 -21.75 30.20 12.33
N VAL D 263 -21.53 30.60 13.59
CA VAL D 263 -20.15 30.58 14.10
C VAL D 263 -19.64 29.15 14.19
N LEU D 264 -20.47 28.21 14.67
CA LEU D 264 -20.03 26.82 14.73
C LEU D 264 -19.71 26.28 13.35
N THR D 265 -20.55 26.60 12.37
CA THR D 265 -20.30 26.20 10.99
C THR D 265 -18.96 26.74 10.51
N MET D 266 -18.68 28.02 10.79
CA MET D 266 -17.43 28.60 10.33
C MET D 266 -16.24 27.91 10.99
N THR D 267 -16.34 27.57 12.26
CA THR D 267 -15.23 26.87 12.91
C THR D 267 -15.00 25.51 12.26
N THR D 268 -16.08 24.76 12.01
CA THR D 268 -15.99 23.45 11.34
C THR D 268 -15.38 23.70 9.95
N LEU D 269 -15.93 24.63 9.17
CA LEU D 269 -15.43 24.96 7.81
C LEU D 269 -13.94 25.32 7.86
N SER D 270 -13.47 25.93 8.95
CA SER D 270 -12.05 26.36 9.10
C SER D 270 -11.16 25.14 9.34
N ILE D 271 -11.55 24.25 10.24
CA ILE D 271 -10.82 23.01 10.51
C ILE D 271 -10.70 22.19 9.24
N SER D 272 -11.84 21.97 8.56
CA SER D 272 -11.83 21.13 7.37
C SER D 272 -10.92 21.70 6.28
N ALA D 273 -11.02 23.00 6.03
CA ALA D 273 -10.20 23.60 4.99
C ALA D 273 -8.72 23.56 5.34
N ARG D 274 -8.38 23.56 6.63
CA ARG D 274 -6.99 23.34 6.99
C ARG D 274 -6.57 21.89 6.89
N ASN D 275 -7.52 20.95 6.89
CA ASN D 275 -7.17 19.53 6.79
C ASN D 275 -6.43 19.21 5.50
N SER D 276 -6.89 19.76 4.38
CA SER D 276 -6.42 19.31 3.06
C SER D 276 -4.95 19.60 2.82
N LEU D 277 -4.32 20.43 3.63
CA LEU D 277 -3.02 20.99 3.33
C LEU D 277 -1.92 20.37 4.18
N PRO D 278 -0.67 20.44 3.73
CA PRO D 278 0.45 20.20 4.66
C PRO D 278 0.41 21.19 5.80
N LYS D 279 0.83 20.74 6.97
CA LYS D 279 0.78 21.58 8.15
C LYS D 279 1.83 22.68 8.09
N VAL D 280 1.75 23.53 7.07
CA VAL D 280 2.65 24.67 6.98
C VAL D 280 2.39 25.62 8.14
N ALA D 281 3.42 26.37 8.52
CA ALA D 281 3.37 27.22 9.70
C ALA D 281 2.86 28.63 9.40
N TYR D 282 2.59 28.95 8.16
CA TYR D 282 2.14 30.28 7.78
C TYR D 282 0.69 30.22 7.31
N ALA D 283 0.15 31.37 6.96
CA ALA D 283 -1.25 31.50 6.55
C ALA D 283 -1.34 31.55 5.03
N THR D 284 -2.26 30.79 4.46
CA THR D 284 -2.48 30.79 3.03
C THR D 284 -3.58 31.79 2.68
N ALA D 285 -3.85 31.95 1.39
CA ALA D 285 -4.94 32.83 0.98
C ALA D 285 -6.28 32.30 1.48
N MET D 286 -6.46 30.97 1.45
CA MET D 286 -7.68 30.38 1.96
C MET D 286 -7.85 30.69 3.43
N ASP D 287 -6.76 30.67 4.19
CA ASP D 287 -6.83 31.01 5.61
C ASP D 287 -7.34 32.42 5.82
N TRP D 288 -6.85 33.36 5.02
CA TRP D 288 -7.30 34.75 5.16
C TRP D 288 -8.77 34.88 4.79
N PHE D 289 -9.21 34.24 3.70
CA PHE D 289 -10.62 34.31 3.34
C PHE D 289 -11.49 33.73 4.46
N ILE D 290 -11.09 32.60 5.02
CA ILE D 290 -11.85 31.99 6.11
C ILE D 290 -11.87 32.91 7.32
N ALA D 291 -10.74 33.53 7.63
CA ALA D 291 -10.67 34.40 8.79
C ALA D 291 -11.58 35.62 8.63
N VAL D 292 -11.63 36.18 7.43
CA VAL D 292 -12.49 37.33 7.19
C VAL D 292 -13.97 36.92 7.26
N CYS D 293 -14.31 35.76 6.69
CA CYS D 293 -15.69 35.32 6.78
C CYS D 293 -16.09 35.06 8.23
N TYR D 294 -15.18 34.49 9.02
CA TYR D 294 -15.47 34.30 10.43
C TYR D 294 -15.65 35.63 11.13
N ALA D 295 -14.84 36.63 10.78
CA ALA D 295 -15.00 37.94 11.36
C ALA D 295 -16.36 38.53 11.03
N PHE D 296 -16.83 38.36 9.80
CA PHE D 296 -18.14 38.88 9.43
C PHE D 296 -19.24 38.18 10.22
N VAL D 297 -19.16 36.86 10.35
CA VAL D 297 -20.19 36.13 11.10
C VAL D 297 -20.19 36.56 12.57
N PHE D 298 -18.99 36.69 13.16
CA PHE D 298 -18.90 37.14 14.54
C PHE D 298 -19.44 38.56 14.70
N SER D 299 -19.16 39.43 13.74
CA SER D 299 -19.67 40.79 13.81
C SER D 299 -21.19 40.81 13.71
N ALA D 300 -21.76 39.90 12.92
CA ALA D 300 -23.22 39.79 12.90
C ALA D 300 -23.78 39.40 14.26
N LEU D 301 -23.13 38.41 14.91
CA LEU D 301 -23.58 38.04 16.25
C LEU D 301 -23.45 39.19 17.22
N ILE D 302 -22.34 39.92 17.16
CA ILE D 302 -22.11 41.06 18.04
C ILE D 302 -23.17 42.13 17.81
N GLU D 303 -23.50 42.37 16.54
CA GLU D 303 -24.52 43.36 16.23
C GLU D 303 -25.87 42.97 16.79
N PHE D 304 -26.23 41.69 16.68
CA PHE D 304 -27.49 41.27 17.28
C PHE D 304 -27.45 41.44 18.80
N ALA D 305 -26.32 41.11 19.42
CA ALA D 305 -26.21 41.30 20.87
C ALA D 305 -26.40 42.77 21.25
N THR D 306 -25.81 43.67 20.46
CA THR D 306 -25.98 45.10 20.73
C THR D 306 -27.44 45.52 20.55
N VAL D 307 -28.09 45.03 19.51
CA VAL D 307 -29.50 45.36 19.29
C VAL D 307 -30.33 44.90 20.47
N ASN D 308 -30.12 43.67 20.91
CA ASN D 308 -30.90 43.12 22.02
C ASN D 308 -30.62 43.89 23.31
N TYR D 309 -29.36 44.31 23.51
CA TYR D 309 -29.04 45.12 24.67
C TYR D 309 -29.77 46.46 24.62
N PHE D 310 -29.84 47.06 23.44
CA PHE D 310 -30.48 48.36 23.28
C PHE D 310 -31.97 48.28 22.98
N THR D 311 -32.55 47.08 22.96
CA THR D 311 -33.99 46.94 22.76
C THR D 311 -34.73 47.15 24.09
N LYS D 312 -35.93 47.73 23.99
CA LYS D 312 -36.81 48.04 25.10
C LYS D 312 -36.26 49.15 25.99
N SER D 313 -35.11 49.71 25.67
CA SER D 313 -34.56 50.90 26.32
C SER D 313 -34.42 52.06 25.37
N GLN D 314 -33.90 51.83 24.17
CA GLN D 314 -33.78 52.84 23.13
C GLN D 314 -34.22 52.24 21.81
N PRO D 315 -35.53 51.98 21.65
CA PRO D 315 -35.98 51.26 20.46
C PRO D 315 -35.58 51.92 19.15
N ALA D 316 -35.60 53.26 19.11
CA ALA D 316 -35.21 53.95 17.90
C ALA D 316 -33.77 53.65 17.54
N ARG D 317 -32.89 53.62 18.54
CA ARG D 317 -31.47 53.30 18.29
C ARG D 317 -31.32 51.88 17.77
N ALA D 318 -32.04 50.92 18.36
CA ALA D 318 -31.96 49.54 17.91
C ALA D 318 -32.41 49.41 16.46
N ALA D 319 -33.54 50.04 16.13
CA ALA D 319 -34.01 50.02 14.75
C ALA D 319 -33.01 50.67 13.81
N LYS D 320 -32.40 51.77 14.25
CA LYS D 320 -31.44 52.47 13.39
C LYS D 320 -30.23 51.61 13.09
N ILE D 321 -29.64 51.00 14.13
CA ILE D 321 -28.46 50.16 13.90
C ILE D 321 -28.83 48.95 13.06
N ASP D 322 -30.02 48.37 13.27
CA ASP D 322 -30.41 47.22 12.49
C ASP D 322 -30.56 47.57 11.00
N ARG D 323 -31.26 48.67 10.71
CA ARG D 323 -31.46 49.06 9.33
C ARG D 323 -30.20 49.57 8.67
N LEU D 324 -29.22 50.05 9.45
CA LEU D 324 -27.92 50.38 8.87
C LEU D 324 -27.12 49.12 8.55
N SER D 325 -27.13 48.14 9.46
CA SER D 325 -26.40 46.91 9.22
C SER D 325 -26.94 46.20 8.00
N ARG D 326 -28.27 46.24 7.79
CA ARG D 326 -28.86 45.55 6.66
C ARG D 326 -28.23 45.97 5.33
N ILE D 327 -27.76 47.20 5.23
CA ILE D 327 -27.10 47.65 4.01
C ILE D 327 -25.58 47.55 4.13
N ALA D 328 -25.05 47.78 5.32
CA ALA D 328 -23.59 47.84 5.48
C ALA D 328 -22.96 46.46 5.31
N PHE D 329 -23.50 45.43 5.97
CA PHE D 329 -22.82 44.14 5.98
C PHE D 329 -22.69 43.52 4.60
N PRO D 330 -23.75 43.39 3.81
CA PRO D 330 -23.57 42.86 2.45
C PRO D 330 -22.62 43.69 1.61
N LEU D 331 -22.67 45.02 1.76
CA LEU D 331 -21.81 45.88 0.96
C LEU D 331 -20.35 45.64 1.28
N LEU D 332 -20.01 45.59 2.58
CA LEU D 332 -18.62 45.35 2.95
C LEU D 332 -18.16 43.96 2.55
N PHE D 333 -19.02 42.95 2.69
CA PHE D 333 -18.60 41.62 2.27
C PHE D 333 -18.36 41.56 0.77
N GLY D 334 -19.22 42.21 -0.02
CA GLY D 334 -18.99 42.26 -1.45
C GLY D 334 -17.71 42.98 -1.81
N ILE D 335 -17.44 44.11 -1.13
CA ILE D 335 -16.19 44.83 -1.39
C ILE D 335 -14.99 43.95 -1.06
N PHE D 336 -15.04 43.25 0.07
CA PHE D 336 -13.94 42.35 0.42
C PHE D 336 -13.77 41.26 -0.62
N ASN D 337 -14.87 40.65 -1.05
CA ASN D 337 -14.77 39.59 -2.04
C ASN D 337 -14.16 40.10 -3.34
N LEU D 338 -14.59 41.27 -3.80
CA LEU D 338 -14.04 41.82 -5.03
C LEU D 338 -12.56 42.07 -4.89
N VAL D 339 -12.13 42.69 -3.79
CA VAL D 339 -10.72 42.98 -3.60
C VAL D 339 -9.92 41.69 -3.52
N TYR D 340 -10.40 40.73 -2.73
CA TYR D 340 -9.67 39.48 -2.53
C TYR D 340 -9.47 38.74 -3.84
N TRP D 341 -10.55 38.58 -4.61
CA TRP D 341 -10.46 37.85 -5.86
C TRP D 341 -9.63 38.62 -6.88
N ALA D 342 -9.78 39.95 -6.93
CA ALA D 342 -8.98 40.74 -7.86
C ALA D 342 -7.50 40.62 -7.55
N THR D 343 -7.14 40.54 -6.28
CA THR D 343 -5.72 40.49 -5.93
C THR D 343 -5.14 39.09 -6.02
N TYR D 344 -5.95 38.04 -5.91
CA TYR D 344 -5.43 36.68 -5.99
C TYR D 344 -5.67 36.02 -7.35
N LEU D 345 -6.31 36.72 -8.29
CA LEU D 345 -6.49 36.20 -9.64
C LEU D 345 -5.83 37.06 -10.71
N ASN D 346 -5.87 38.39 -10.56
CA ASN D 346 -5.15 39.24 -11.51
C ASN D 346 -3.66 38.94 -11.51
N ARG D 347 -3.13 38.47 -10.38
CA ARG D 347 -1.76 37.99 -10.32
C ARG D 347 -1.47 37.04 -11.48
N GLY E 62 43.33 -0.16 -19.80
CA GLY E 62 44.44 -1.00 -20.20
C GLY E 62 45.24 -1.51 -19.03
N ASP E 63 46.06 -0.64 -18.44
CA ASP E 63 46.85 -0.99 -17.28
C ASP E 63 46.16 -0.68 -15.96
N VAL E 64 45.02 0.02 -15.99
CA VAL E 64 44.19 0.09 -14.80
C VAL E 64 43.52 -1.25 -14.56
N THR E 65 43.23 -1.99 -15.62
CA THR E 65 42.75 -3.36 -15.45
C THR E 65 43.81 -4.22 -14.78
N VAL E 66 45.07 -4.05 -15.17
CA VAL E 66 46.15 -4.83 -14.56
C VAL E 66 46.28 -4.48 -13.08
N ILE E 67 46.22 -3.19 -12.76
CA ILE E 67 46.30 -2.76 -11.37
C ILE E 67 45.15 -3.35 -10.57
N LEU E 68 43.93 -3.27 -11.11
CA LEU E 68 42.77 -3.79 -10.39
C LEU E 68 42.88 -5.30 -10.18
N ASN E 69 43.29 -6.03 -11.21
CA ASN E 69 43.41 -7.48 -11.08
C ASN E 69 44.47 -7.86 -10.06
N ASN E 70 45.59 -7.13 -10.04
CA ASN E 70 46.62 -7.41 -9.05
C ASN E 70 46.16 -7.08 -7.64
N LEU E 71 45.36 -6.02 -7.47
CA LEU E 71 44.89 -5.66 -6.14
C LEU E 71 44.00 -6.75 -5.56
N LEU E 72 43.12 -7.33 -6.37
CA LEU E 72 42.12 -8.25 -5.88
C LEU E 72 42.62 -9.69 -5.83
N GLU E 73 43.68 -10.01 -6.55
CA GLU E 73 44.20 -11.37 -6.52
C GLU E 73 44.71 -11.70 -5.13
N GLY E 74 44.32 -12.88 -4.63
CA GLY E 74 44.78 -13.31 -3.32
C GLY E 74 44.34 -12.38 -2.20
N TYR E 75 43.14 -11.82 -2.33
CA TYR E 75 42.61 -10.84 -1.39
C TYR E 75 41.38 -11.44 -0.71
N ASP E 76 41.31 -11.32 0.60
CA ASP E 76 40.21 -11.85 1.39
C ASP E 76 39.42 -10.68 1.97
N ASN E 77 38.19 -10.51 1.51
CA ASN E 77 37.33 -9.45 2.02
C ASN E 77 36.54 -9.89 3.25
N LYS E 78 36.78 -11.09 3.76
CA LYS E 78 36.24 -11.50 5.05
C LYS E 78 37.06 -10.98 6.21
N LEU E 79 38.25 -10.45 5.96
CA LEU E 79 39.16 -10.01 7.01
C LEU E 79 39.36 -8.51 6.90
N ARG E 80 39.15 -7.80 8.00
CA ARG E 80 39.40 -6.37 8.01
C ARG E 80 40.90 -6.11 7.91
N PRO E 81 41.30 -4.98 7.35
CA PRO E 81 42.73 -4.65 7.32
C PRO E 81 43.28 -4.54 8.73
N ASP E 82 44.49 -5.05 8.94
CA ASP E 82 45.11 -5.11 10.25
C ASP E 82 44.29 -5.99 11.19
N ILE E 83 44.05 -7.23 10.74
CA ILE E 83 43.13 -8.11 11.45
C ILE E 83 43.62 -8.41 12.85
N GLY E 84 44.92 -8.73 12.99
CA GLY E 84 45.45 -9.08 14.29
C GLY E 84 46.61 -8.21 14.71
N VAL E 85 46.55 -6.92 14.35
CA VAL E 85 47.64 -6.00 14.66
C VAL E 85 47.10 -4.84 15.50
N LYS E 86 46.16 -4.08 14.93
CA LYS E 86 45.67 -2.87 15.57
C LYS E 86 44.26 -2.60 15.04
N PRO E 87 43.46 -1.81 15.77
CA PRO E 87 42.12 -1.51 15.29
C PRO E 87 42.16 -0.72 13.99
N THR E 88 41.17 -0.97 13.14
CA THR E 88 40.99 -0.21 11.92
C THR E 88 40.35 1.14 12.27
N LEU E 89 41.02 2.22 11.88
CA LEU E 89 40.51 3.56 12.12
C LEU E 89 39.72 4.03 10.91
N ILE E 90 38.50 4.51 11.14
CA ILE E 90 37.62 4.95 10.08
C ILE E 90 37.22 6.39 10.37
N HIS E 91 37.49 7.28 9.42
CA HIS E 91 37.06 8.66 9.50
C HIS E 91 35.77 8.81 8.71
N THR E 92 34.77 9.44 9.33
CA THR E 92 33.43 9.51 8.77
C THR E 92 33.06 10.95 8.48
N ASP E 93 32.40 11.18 7.35
CA ASP E 93 31.81 12.46 7.00
C ASP E 93 30.35 12.25 6.64
N MET E 94 29.55 13.29 6.88
CA MET E 94 28.13 13.24 6.61
C MET E 94 27.73 14.53 5.92
N TYR E 95 27.11 14.41 4.75
CA TYR E 95 26.47 15.54 4.10
C TYR E 95 24.96 15.32 4.18
N VAL E 96 24.27 16.25 4.82
CA VAL E 96 22.84 16.13 5.06
C VAL E 96 22.10 16.82 3.93
N ASN E 97 21.48 16.03 3.06
CA ASN E 97 20.68 16.60 1.98
C ASN E 97 19.43 17.27 2.52
N SER E 98 18.71 16.58 3.41
CA SER E 98 17.50 17.14 3.99
C SER E 98 17.17 16.37 5.26
N ILE E 99 16.55 17.07 6.20
CA ILE E 99 15.99 16.46 7.39
C ILE E 99 14.48 16.49 7.21
N GLY E 100 13.88 15.32 7.07
CA GLY E 100 12.52 15.19 6.61
C GLY E 100 11.53 15.54 7.69
N PRO E 101 10.26 15.21 7.45
CA PRO E 101 9.23 15.53 8.44
C PRO E 101 9.48 14.80 9.76
N VAL E 102 9.04 15.43 10.84
CA VAL E 102 9.21 14.89 12.18
C VAL E 102 7.84 14.54 12.74
N ASN E 103 7.39 13.30 12.55
CA ASN E 103 6.06 12.90 13.01
C ASN E 103 6.16 12.40 14.46
N ALA E 104 5.55 13.15 15.38
CA ALA E 104 5.55 12.76 16.78
C ALA E 104 4.66 11.55 17.04
N ILE E 105 3.77 11.20 16.10
CA ILE E 105 2.90 10.05 16.31
C ILE E 105 3.74 8.79 16.47
N ASN E 106 4.71 8.60 15.58
CA ASN E 106 5.61 7.47 15.65
C ASN E 106 6.92 7.80 16.33
N MET E 107 7.10 9.04 16.80
CA MET E 107 8.34 9.49 17.41
C MET E 107 9.55 9.10 16.56
N GLU E 108 9.56 9.62 15.32
CA GLU E 108 10.63 9.35 14.39
C GLU E 108 10.76 10.53 13.44
N TYR E 109 11.91 10.64 12.79
CA TYR E 109 12.14 11.66 11.78
C TYR E 109 12.96 11.07 10.64
N THR E 110 12.77 11.61 9.45
CA THR E 110 13.46 11.14 8.24
C THR E 110 14.63 12.06 7.94
N ILE E 111 15.71 11.47 7.43
CA ILE E 111 16.91 12.22 7.05
C ILE E 111 17.55 11.55 5.85
N ASP E 112 17.95 12.36 4.87
CA ASP E 112 18.64 11.90 3.68
C ASP E 112 20.05 12.46 3.69
N ILE E 113 21.05 11.58 3.58
CA ILE E 113 22.44 11.97 3.73
C ILE E 113 23.30 11.28 2.67
N PHE E 114 24.46 11.86 2.44
CA PHE E 114 25.58 11.17 1.80
C PHE E 114 26.56 10.80 2.90
N PHE E 115 26.84 9.51 3.03
CA PHE E 115 27.64 8.99 4.14
C PHE E 115 28.98 8.54 3.58
N ALA E 116 30.04 9.25 3.97
CA ALA E 116 31.39 8.97 3.50
C ALA E 116 32.20 8.31 4.61
N GLN E 117 32.96 7.28 4.24
CA GLN E 117 33.85 6.57 5.16
C GLN E 117 35.19 6.38 4.48
N THR E 118 36.27 6.64 5.22
CA THR E 118 37.60 6.47 4.68
C THR E 118 38.48 5.71 5.68
N TRP E 119 39.28 4.79 5.16
CA TRP E 119 40.14 3.95 5.98
C TRP E 119 41.31 3.50 5.12
N TYR E 120 42.31 2.91 5.77
CA TYR E 120 43.51 2.45 5.09
C TYR E 120 43.51 0.93 4.97
N ASP E 121 43.81 0.44 3.77
CA ASP E 121 43.96 -0.99 3.52
C ASP E 121 45.29 -1.18 2.78
N ARG E 122 46.31 -1.64 3.50
CA ARG E 122 47.61 -1.84 2.89
C ARG E 122 47.59 -2.89 1.80
N ARG E 123 46.54 -3.71 1.74
CA ARG E 123 46.40 -4.65 0.64
C ARG E 123 45.98 -3.94 -0.64
N LEU E 124 45.31 -2.79 -0.53
CA LEU E 124 44.90 -2.01 -1.69
C LEU E 124 45.95 -0.95 -2.01
N LYS E 125 47.20 -1.39 -2.10
CA LYS E 125 48.34 -0.53 -2.30
C LYS E 125 48.95 -0.86 -3.66
N PHE E 126 49.13 0.16 -4.50
CA PHE E 126 49.69 -0.05 -5.83
C PHE E 126 50.65 1.07 -6.15
N ASN E 127 51.47 0.85 -7.17
CA ASN E 127 52.44 1.83 -7.65
C ASN E 127 52.22 2.03 -9.13
N SER E 128 51.82 3.24 -9.52
CA SER E 128 51.69 3.57 -10.93
C SER E 128 51.63 5.08 -11.07
N THR E 129 51.66 5.53 -12.32
CA THR E 129 51.43 6.95 -12.60
C THR E 129 50.02 7.35 -12.19
N ILE E 130 49.06 6.44 -12.27
CA ILE E 130 47.73 6.71 -11.74
C ILE E 130 47.84 6.87 -10.23
N LYS E 131 47.35 8.00 -9.72
CA LYS E 131 47.44 8.27 -8.29
C LYS E 131 46.19 7.81 -7.54
N VAL E 132 45.03 7.92 -8.16
CA VAL E 132 43.77 7.52 -7.56
C VAL E 132 42.99 6.68 -8.56
N LEU E 133 42.37 5.61 -8.07
CA LEU E 133 41.43 4.82 -8.85
C LEU E 133 40.02 5.28 -8.53
N ARG E 134 39.34 5.84 -9.52
CA ARG E 134 37.98 6.36 -9.34
C ARG E 134 37.01 5.31 -9.89
N LEU E 135 36.27 4.68 -8.98
CA LEU E 135 35.45 3.53 -9.31
C LEU E 135 34.00 3.78 -8.94
N ASN E 136 33.12 3.00 -9.56
CA ASN E 136 31.71 2.95 -9.22
C ASN E 136 31.49 1.83 -8.23
N SER E 137 30.22 1.44 -8.04
CA SER E 137 29.84 0.42 -7.06
C SER E 137 30.24 -0.99 -7.48
N ASN E 138 30.72 -1.21 -8.71
CA ASN E 138 31.02 -2.56 -9.16
C ASN E 138 31.98 -3.27 -8.22
N MET E 139 32.99 -2.57 -7.73
CA MET E 139 34.06 -3.18 -6.96
C MET E 139 33.84 -3.09 -5.46
N VAL E 140 32.72 -2.53 -5.01
CA VAL E 140 32.48 -2.39 -3.59
C VAL E 140 32.41 -3.76 -2.91
N GLY E 141 31.73 -4.71 -3.54
CA GLY E 141 31.53 -6.01 -2.93
C GLY E 141 32.74 -6.90 -2.93
N LYS E 142 33.83 -6.50 -3.58
CA LYS E 142 35.02 -7.34 -3.69
C LYS E 142 36.09 -7.00 -2.65
N ILE E 143 36.00 -5.86 -1.99
CA ILE E 143 36.95 -5.47 -0.97
C ILE E 143 36.24 -5.49 0.38
N TRP E 144 37.03 -5.28 1.44
CA TRP E 144 36.46 -5.20 2.78
C TRP E 144 35.81 -3.83 2.97
N ILE E 145 34.58 -3.83 3.46
CA ILE E 145 33.84 -2.61 3.74
C ILE E 145 33.48 -2.66 5.22
N PRO E 146 33.57 -1.56 5.96
CA PRO E 146 33.09 -1.58 7.35
C PRO E 146 31.59 -1.82 7.41
N ASP E 147 31.17 -2.55 8.43
CA ASP E 147 29.76 -2.91 8.62
C ASP E 147 29.03 -1.87 9.47
N THR E 148 29.11 -0.61 9.07
CA THR E 148 28.52 0.46 9.85
C THR E 148 27.00 0.41 9.75
N PHE E 149 26.33 0.54 10.89
CA PHE E 149 24.88 0.57 10.93
C PHE E 149 24.44 1.72 11.82
N PHE E 150 23.20 2.14 11.63
CA PHE E 150 22.64 3.24 12.39
C PHE E 150 21.77 2.67 13.51
N ARG E 151 22.10 3.03 14.75
CA ARG E 151 21.57 2.33 15.91
C ARG E 151 20.14 2.70 16.24
N ASN E 152 19.73 3.94 16.00
CA ASN E 152 18.38 4.38 16.34
C ASN E 152 17.51 4.52 15.11
N SER E 153 17.74 3.70 14.10
CA SER E 153 17.00 3.77 12.86
C SER E 153 15.87 2.73 12.87
N LYS E 154 14.62 3.21 12.78
CA LYS E 154 13.51 2.29 12.60
C LYS E 154 13.64 1.53 11.29
N LYS E 155 14.03 2.23 10.22
CA LYS E 155 14.31 1.61 8.94
C LYS E 155 15.16 2.55 8.12
N ALA E 156 15.91 1.98 7.20
CA ALA E 156 16.80 2.74 6.34
C ALA E 156 16.98 1.98 5.04
N ASP E 157 17.40 2.71 4.01
CA ASP E 157 17.62 2.09 2.72
C ASP E 157 18.64 2.91 1.94
N ALA E 158 19.45 2.20 1.16
CA ALA E 158 20.27 2.83 0.15
C ALA E 158 19.40 3.18 -1.05
N HIS E 159 20.01 3.78 -2.05
CA HIS E 159 19.32 4.14 -3.28
C HIS E 159 19.92 3.34 -4.42
N TRP E 160 19.07 2.95 -5.37
CA TRP E 160 19.46 1.96 -6.36
C TRP E 160 19.11 2.34 -7.79
N ILE E 161 18.62 3.55 -8.02
CA ILE E 161 18.23 4.01 -9.35
C ILE E 161 19.19 5.11 -9.78
N THR E 162 19.75 5.01 -10.98
CA THR E 162 19.53 3.93 -11.94
C THR E 162 20.45 2.75 -11.64
N THR E 163 21.51 3.03 -10.89
CA THR E 163 22.45 2.05 -10.38
C THR E 163 22.65 2.34 -8.91
N PRO E 164 23.27 1.43 -8.16
CA PRO E 164 23.52 1.71 -6.73
C PRO E 164 24.23 3.04 -6.52
N ASN E 165 23.63 3.94 -5.74
CA ASN E 165 24.21 5.26 -5.49
C ASN E 165 25.38 5.08 -4.53
N ARG E 166 26.51 4.65 -5.09
CA ARG E 166 27.70 4.31 -4.32
C ARG E 166 28.93 4.75 -5.09
N MET E 167 30.01 4.99 -4.35
CA MET E 167 31.24 5.53 -4.89
C MET E 167 32.41 4.92 -4.16
N LEU E 168 33.46 4.56 -4.90
CA LEU E 168 34.67 4.01 -4.32
C LEU E 168 35.88 4.66 -4.97
N ARG E 169 36.81 5.14 -4.15
CA ARG E 169 38.06 5.69 -4.62
C ARG E 169 39.19 5.12 -3.79
N ILE E 170 40.20 4.60 -4.46
CA ILE E 170 41.36 4.00 -3.81
C ILE E 170 42.58 4.81 -4.20
N TRP E 171 43.35 5.24 -3.22
CA TRP E 171 44.51 6.07 -3.47
C TRP E 171 45.78 5.22 -3.56
N ASN E 172 46.86 5.90 -3.91
CA ASN E 172 48.13 5.24 -4.14
C ASN E 172 48.62 4.53 -2.88
N ASP E 173 48.50 5.19 -1.73
CA ASP E 173 48.97 4.69 -0.45
C ASP E 173 48.00 3.73 0.23
N GLY E 174 46.95 3.30 -0.45
CA GLY E 174 45.99 2.39 0.14
C GLY E 174 44.84 3.03 0.87
N ARG E 175 44.75 4.36 0.88
CA ARG E 175 43.58 5.00 1.45
C ARG E 175 42.35 4.69 0.60
N VAL E 176 41.25 4.37 1.26
CA VAL E 176 39.99 4.04 0.60
C VAL E 176 38.96 5.08 1.03
N LEU E 177 38.21 5.60 0.06
CA LEU E 177 37.04 6.43 0.35
C LEU E 177 35.81 5.72 -0.20
N TYR E 178 34.78 5.61 0.62
CA TYR E 178 33.58 4.87 0.27
C TYR E 178 32.37 5.69 0.68
N THR E 179 31.58 6.12 -0.29
CA THR E 179 30.44 6.99 -0.07
C THR E 179 29.18 6.31 -0.60
N LEU E 180 28.07 6.51 0.10
CA LEU E 180 26.78 6.06 -0.41
C LEU E 180 25.69 6.99 0.09
N ARG E 181 24.59 7.01 -0.65
CA ARG E 181 23.45 7.85 -0.34
C ARG E 181 22.42 7.05 0.47
N LEU E 182 21.92 7.63 1.55
CA LEU E 182 21.00 6.94 2.44
C LEU E 182 19.86 7.84 2.86
N THR E 183 18.67 7.24 2.94
CA THR E 183 17.52 7.84 3.61
C THR E 183 17.21 6.99 4.84
N ILE E 184 17.03 7.64 5.98
CA ILE E 184 16.91 6.96 7.26
C ILE E 184 15.70 7.49 8.01
N ASP E 185 14.91 6.58 8.58
CA ASP E 185 13.87 6.93 9.55
C ASP E 185 14.46 6.66 10.93
N ALA E 186 14.93 7.71 11.58
CA ALA E 186 15.65 7.61 12.84
C ALA E 186 14.70 7.80 14.02
N GLU E 187 14.76 6.88 14.97
CA GLU E 187 13.93 6.96 16.16
C GLU E 187 14.44 8.06 17.09
N CYS E 188 13.53 8.90 17.56
CA CYS E 188 13.86 9.75 18.71
C CYS E 188 12.63 10.00 19.56
N GLN E 189 12.82 9.89 20.87
CA GLN E 189 11.74 9.98 21.84
C GLN E 189 11.49 11.44 22.18
N LEU E 190 10.33 11.95 21.77
CA LEU E 190 10.00 13.35 21.95
C LEU E 190 9.26 13.54 23.28
N GLN E 191 9.91 14.22 24.22
CA GLN E 191 9.26 14.61 25.47
C GLN E 191 8.34 15.77 25.16
N LEU E 192 7.05 15.50 25.02
CA LEU E 192 6.08 16.51 24.59
C LEU E 192 5.44 17.21 25.79
N HIS E 193 6.27 17.62 26.73
CA HIS E 193 5.87 18.64 27.68
C HIS E 193 6.28 19.98 27.09
N ASN E 194 5.43 20.98 27.27
CA ASN E 194 5.60 22.31 26.71
C ASN E 194 5.21 22.33 25.23
N PHE E 195 4.79 21.22 24.66
CA PHE E 195 4.21 21.26 23.33
C PHE E 195 3.00 22.18 23.34
N PRO E 196 2.83 23.03 22.31
CA PRO E 196 3.59 23.17 21.07
C PRO E 196 4.77 24.13 21.16
N MET E 197 5.15 24.55 22.36
CA MET E 197 6.38 25.33 22.54
C MET E 197 7.50 24.41 23.01
N ASP E 198 7.77 23.40 22.20
CA ASP E 198 8.69 22.33 22.54
C ASP E 198 9.88 22.31 21.61
N GLU E 199 11.07 22.17 22.20
CA GLU E 199 12.32 22.09 21.46
C GLU E 199 12.97 20.74 21.71
N HIS E 200 13.56 20.16 20.68
CA HIS E 200 14.14 18.84 20.77
C HIS E 200 15.51 18.84 20.12
N SER E 201 16.37 17.96 20.61
CA SER E 201 17.69 17.71 20.01
C SER E 201 17.81 16.20 19.91
N CYS E 202 17.46 15.63 18.76
CA CYS E 202 17.45 14.19 18.78
C CYS E 202 18.41 13.59 17.75
N PRO E 203 18.89 12.37 18.03
CA PRO E 203 20.18 11.95 17.48
C PRO E 203 20.13 11.13 16.21
N LEU E 204 21.32 10.87 15.68
CA LEU E 204 21.54 9.86 14.66
C LEU E 204 22.81 9.13 15.08
N GLU E 205 22.66 7.91 15.58
CA GLU E 205 23.78 7.16 16.12
C GLU E 205 24.17 6.04 15.16
N PHE E 206 25.46 5.79 15.05
CA PHE E 206 25.94 4.70 14.21
C PHE E 206 27.22 4.14 14.81
N SER E 207 27.45 2.87 14.52
CA SER E 207 28.61 2.15 15.01
C SER E 207 28.81 0.93 14.14
N SER E 208 29.85 0.16 14.43
CA SER E 208 30.04 -1.12 13.78
C SER E 208 29.16 -2.17 14.43
N TYR E 209 28.66 -3.10 13.63
CA TYR E 209 27.77 -4.11 14.19
C TYR E 209 28.54 -5.18 14.95
N GLY E 210 29.58 -5.74 14.34
CA GLY E 210 30.25 -6.88 14.91
C GLY E 210 31.66 -6.64 15.40
N TYR E 211 32.21 -5.45 15.14
CA TYR E 211 33.60 -5.17 15.48
C TYR E 211 33.65 -4.30 16.72
N PRO E 212 34.16 -4.79 17.86
CA PRO E 212 34.26 -3.95 19.05
C PRO E 212 35.38 -2.93 18.95
N ARG E 213 35.55 -2.12 20.00
CA ARG E 213 36.50 -1.01 19.95
C ARG E 213 37.91 -1.46 19.62
N GLU E 214 38.28 -2.68 20.03
CA GLU E 214 39.61 -3.20 19.74
C GLU E 214 39.84 -3.45 18.26
N GLU E 215 38.80 -3.45 17.45
CA GLU E 215 38.88 -3.79 16.04
C GLU E 215 38.54 -2.64 15.11
N ILE E 216 37.53 -1.85 15.42
CA ILE E 216 37.17 -0.68 14.62
C ILE E 216 36.92 0.50 15.54
N VAL E 217 37.51 1.64 15.18
CA VAL E 217 37.31 2.90 15.88
C VAL E 217 36.91 3.94 14.84
N TYR E 218 35.82 4.66 15.10
CA TYR E 218 35.37 5.73 14.25
C TYR E 218 35.86 7.06 14.79
N GLN E 219 35.96 8.03 13.89
CA GLN E 219 36.57 9.32 14.25
C GLN E 219 35.93 10.41 13.38
N TRP E 220 35.37 11.42 14.03
CA TRP E 220 34.83 12.56 13.29
C TRP E 220 35.97 13.40 12.74
N LYS E 221 35.84 13.81 11.49
CA LYS E 221 36.79 14.73 10.90
C LYS E 221 36.55 16.15 11.45
N ARG E 222 37.43 17.07 11.07
CA ARG E 222 37.30 18.45 11.55
C ARG E 222 36.01 19.09 11.06
N SER E 223 35.66 18.89 9.79
CA SER E 223 34.45 19.44 9.18
C SER E 223 33.49 18.33 8.81
N SER E 224 33.31 17.38 9.73
CA SER E 224 32.72 16.09 9.41
C SER E 224 31.28 16.23 8.90
N VAL E 225 30.43 16.91 9.65
CA VAL E 225 29.01 17.02 9.32
C VAL E 225 28.77 18.36 8.65
N GLU E 226 28.26 18.33 7.43
CA GLU E 226 27.94 19.52 6.66
C GLU E 226 26.48 19.46 6.24
N VAL E 227 25.78 20.58 6.42
CA VAL E 227 24.38 20.67 6.01
C VAL E 227 24.33 21.51 4.74
N GLY E 228 23.20 21.43 4.06
CA GLY E 228 23.06 22.12 2.80
C GLY E 228 22.53 23.53 2.96
N ASP E 229 21.33 23.78 2.43
CA ASP E 229 20.72 25.10 2.48
C ASP E 229 19.73 25.28 3.60
N THR E 230 18.95 24.25 3.92
CA THR E 230 17.88 24.22 4.90
C THR E 230 16.63 24.93 4.38
N ARG E 231 16.70 25.60 3.23
CA ARG E 231 15.52 26.25 2.68
C ARG E 231 14.62 25.26 1.95
N SER E 232 15.18 24.17 1.44
CA SER E 232 14.43 23.17 0.68
C SER E 232 14.08 21.95 1.51
N TRP E 233 14.24 22.01 2.84
CA TRP E 233 13.97 20.86 3.69
C TRP E 233 12.47 20.73 3.95
N ARG E 234 12.09 19.58 4.49
CA ARG E 234 10.70 19.24 4.76
C ARG E 234 10.33 19.40 6.23
N LEU E 235 10.87 20.42 6.89
CA LEU E 235 10.54 20.72 8.27
C LEU E 235 9.44 21.77 8.30
N TYR E 236 8.23 21.36 8.70
CA TYR E 236 7.09 22.27 8.79
C TYR E 236 6.84 22.72 10.23
N GLN E 237 6.63 21.77 11.14
CA GLN E 237 6.43 22.15 12.52
C GLN E 237 7.70 22.63 13.19
N PHE E 238 8.86 22.29 12.65
CA PHE E 238 10.13 22.53 13.32
C PHE E 238 11.07 23.33 12.44
N SER E 239 12.04 23.98 13.08
CA SER E 239 13.11 24.69 12.41
C SER E 239 14.44 24.16 12.90
N PHE E 240 15.36 23.93 11.98
CA PHE E 240 16.70 23.47 12.34
C PHE E 240 17.51 24.64 12.88
N VAL E 241 18.07 24.46 14.08
CA VAL E 241 18.78 25.54 14.76
C VAL E 241 20.24 25.24 15.02
N GLY E 242 20.73 24.07 14.63
CA GLY E 242 22.12 23.73 14.84
C GLY E 242 22.28 22.25 15.06
N LEU E 243 23.54 21.85 15.24
CA LEU E 243 23.86 20.44 15.42
C LEU E 243 25.16 20.32 16.19
N ARG E 244 25.50 19.08 16.54
CA ARG E 244 26.77 18.77 17.18
C ARG E 244 27.02 17.28 17.02
N ASN E 245 28.30 16.91 17.07
CA ASN E 245 28.73 15.54 16.95
C ASN E 245 29.34 15.07 18.27
N THR E 246 29.31 13.76 18.49
CA THR E 246 29.78 13.19 19.74
C THR E 246 30.28 11.79 19.49
N THR E 247 31.16 11.33 20.39
CA THR E 247 31.69 9.98 20.36
C THR E 247 31.65 9.42 21.77
N GLU E 248 31.55 8.10 21.87
CA GLU E 248 31.53 7.45 23.18
C GLU E 248 31.72 5.95 22.96
N VAL E 249 31.71 5.20 24.05
CA VAL E 249 31.84 3.76 24.03
C VAL E 249 30.65 3.18 24.78
N VAL E 250 29.98 2.21 24.18
CA VAL E 250 28.83 1.57 24.80
C VAL E 250 29.16 0.11 25.01
N LYS E 251 28.63 -0.45 26.09
CA LYS E 251 28.86 -1.84 26.46
C LYS E 251 27.65 -2.66 26.06
N THR E 252 27.89 -3.79 25.41
CA THR E 252 26.82 -4.70 25.00
C THR E 252 27.26 -6.12 25.26
N THR E 253 26.32 -7.05 25.09
CA THR E 253 26.63 -8.46 25.28
C THR E 253 27.73 -8.91 24.34
N SER E 254 27.95 -8.20 23.24
CA SER E 254 28.99 -8.54 22.28
C SER E 254 30.35 -7.95 22.66
N GLY E 255 30.37 -6.77 23.26
CA GLY E 255 31.60 -6.12 23.61
C GLY E 255 31.41 -4.62 23.70
N ASP E 256 32.53 -3.91 23.76
CA ASP E 256 32.54 -2.46 23.82
C ASP E 256 32.65 -1.89 22.42
N TYR E 257 31.74 -0.99 22.06
CA TYR E 257 31.67 -0.47 20.71
C TYR E 257 31.78 1.05 20.73
N VAL E 258 32.60 1.58 19.81
CA VAL E 258 32.67 3.02 19.60
C VAL E 258 31.39 3.46 18.90
N VAL E 259 30.65 4.37 19.52
CA VAL E 259 29.35 4.81 19.02
C VAL E 259 29.46 6.29 18.70
N MET E 260 29.12 6.64 17.47
CA MET E 260 29.16 8.01 16.99
C MET E 260 27.75 8.57 16.94
N SER E 261 27.61 9.85 17.29
CA SER E 261 26.30 10.46 17.40
C SER E 261 26.32 11.84 16.77
N VAL E 262 25.24 12.16 16.07
CA VAL E 262 24.99 13.50 15.56
C VAL E 262 23.64 13.95 16.11
N TYR E 263 23.61 15.11 16.73
CA TYR E 263 22.41 15.66 17.34
C TYR E 263 21.94 16.84 16.50
N PHE E 264 20.70 16.78 16.04
CA PHE E 264 20.08 17.85 15.30
C PHE E 264 19.10 18.58 16.22
N ASP E 265 19.28 19.89 16.35
CA ASP E 265 18.45 20.69 17.23
C ASP E 265 17.27 21.22 16.45
N LEU E 266 16.07 20.81 16.85
CA LEU E 266 14.84 21.25 16.20
C LEU E 266 13.94 21.94 17.22
N SER E 267 13.44 23.11 16.86
CA SER E 267 12.49 23.86 17.68
C SER E 267 11.16 23.93 16.93
N ARG E 268 10.08 23.57 17.61
CA ARG E 268 8.77 23.66 16.98
C ARG E 268 8.41 25.13 16.75
N ARG E 269 7.81 25.40 15.61
CA ARG E 269 7.32 26.74 15.29
C ARG E 269 5.80 26.74 15.44
N MET E 270 5.30 27.67 16.25
CA MET E 270 3.90 27.66 16.67
C MET E 270 3.07 28.55 15.76
N GLY E 271 2.97 28.15 14.50
CA GLY E 271 2.14 28.87 13.55
C GLY E 271 0.99 28.03 13.04
N TYR E 272 1.21 26.73 12.88
CA TYR E 272 0.12 25.85 12.51
C TYR E 272 -0.83 25.64 13.68
N PHE E 273 -0.26 25.36 14.85
CA PHE E 273 -1.10 25.11 16.01
C PHE E 273 -1.81 26.37 16.47
N THR E 274 -1.19 27.53 16.26
CA THR E 274 -1.87 28.78 16.59
C THR E 274 -3.22 28.81 15.89
N ILE E 275 -3.23 28.85 14.56
CA ILE E 275 -4.48 28.99 13.84
C ILE E 275 -5.34 27.73 13.90
N GLN E 276 -4.76 26.58 14.27
CA GLN E 276 -5.59 25.37 14.30
C GLN E 276 -6.31 25.20 15.64
N THR E 277 -5.69 25.58 16.76
CA THR E 277 -6.28 25.37 18.07
C THR E 277 -6.45 26.63 18.89
N TYR E 278 -5.46 27.51 18.93
CA TYR E 278 -5.53 28.62 19.89
C TYR E 278 -6.58 29.65 19.48
N ILE E 279 -6.56 30.07 18.21
CA ILE E 279 -7.54 31.05 17.75
C ILE E 279 -8.97 30.50 17.85
N PRO E 280 -9.28 29.31 17.33
CA PRO E 280 -10.65 28.82 17.48
C PRO E 280 -11.10 28.69 18.93
N CYS E 281 -10.24 28.26 19.83
CA CYS E 281 -10.65 28.07 21.22
C CYS E 281 -10.96 29.40 21.89
N THR E 282 -10.10 30.40 21.73
CA THR E 282 -10.37 31.70 22.33
C THR E 282 -11.59 32.35 21.70
N LEU E 283 -11.79 32.16 20.40
CA LEU E 283 -12.97 32.71 19.77
C LEU E 283 -14.23 32.05 20.32
N ILE E 284 -14.18 30.74 20.57
CA ILE E 284 -15.31 30.07 21.20
C ILE E 284 -15.54 30.61 22.61
N VAL E 285 -14.46 30.94 23.31
CA VAL E 285 -14.60 31.49 24.66
C VAL E 285 -15.27 32.86 24.63
N VAL E 286 -14.85 33.73 23.71
CA VAL E 286 -15.49 35.04 23.63
C VAL E 286 -16.95 34.89 23.19
N LEU E 287 -17.22 33.92 22.31
CA LEU E 287 -18.59 33.63 21.96
C LEU E 287 -19.41 33.26 23.18
N SER E 288 -18.82 32.47 24.08
CA SER E 288 -19.49 32.17 25.34
C SER E 288 -19.74 33.43 26.14
N TRP E 289 -18.77 34.35 26.14
CA TRP E 289 -18.95 35.61 26.87
C TRP E 289 -20.18 36.35 26.35
N VAL E 290 -20.38 36.34 25.03
CA VAL E 290 -21.48 37.10 24.43
C VAL E 290 -22.79 36.90 25.18
N SER E 291 -22.97 35.73 25.82
CA SER E 291 -24.22 35.45 26.51
C SER E 291 -24.52 36.47 27.60
N PHE E 292 -23.48 37.02 28.25
CA PHE E 292 -23.71 37.89 29.39
C PHE E 292 -24.44 39.17 29.02
N TRP E 293 -24.47 39.52 27.74
CA TRP E 293 -25.19 40.71 27.29
C TRP E 293 -26.60 40.42 26.82
N ILE E 294 -26.93 39.16 26.54
CA ILE E 294 -28.27 38.83 26.10
C ILE E 294 -29.25 39.04 27.26
N ASN E 295 -30.47 39.43 26.91
CA ASN E 295 -31.49 39.68 27.92
C ASN E 295 -31.68 38.43 28.76
N LYS E 296 -31.73 38.61 30.07
CA LYS E 296 -31.83 37.47 30.98
C LYS E 296 -33.15 36.72 30.82
N ASP E 297 -34.16 37.35 30.23
CA ASP E 297 -35.45 36.69 30.08
C ASP E 297 -35.45 35.65 28.96
N ALA E 298 -34.64 35.85 27.93
CA ALA E 298 -34.59 34.90 26.81
C ALA E 298 -33.85 33.63 27.23
N VAL E 299 -34.57 32.68 27.82
CA VAL E 299 -33.92 31.49 28.36
C VAL E 299 -33.44 30.59 27.22
N PRO E 300 -34.27 30.22 26.23
CA PRO E 300 -33.74 29.28 25.22
C PRO E 300 -32.52 29.81 24.51
N ALA E 301 -32.48 31.12 24.24
CA ALA E 301 -31.35 31.70 23.53
C ALA E 301 -30.05 31.45 24.28
N ARG E 302 -30.01 31.83 25.55
CA ARG E 302 -28.77 31.74 26.31
C ARG E 302 -28.42 30.29 26.61
N THR E 303 -29.41 29.45 26.91
CA THR E 303 -29.13 28.05 27.14
C THR E 303 -28.50 27.41 25.91
N SER E 304 -29.11 27.64 24.73
CA SER E 304 -28.57 27.08 23.50
C SER E 304 -27.18 27.62 23.21
N LEU E 305 -26.98 28.92 23.42
CA LEU E 305 -25.66 29.51 23.24
C LEU E 305 -24.61 28.77 24.06
N GLY E 306 -24.87 28.61 25.36
CA GLY E 306 -23.90 27.96 26.22
C GLY E 306 -23.64 26.51 25.81
N ILE E 307 -24.70 25.75 25.57
CA ILE E 307 -24.53 24.32 25.34
C ILE E 307 -23.86 24.06 23.99
N THR E 308 -24.21 24.84 22.96
CA THR E 308 -23.51 24.73 21.69
C THR E 308 -22.04 25.10 21.83
N THR E 309 -21.74 26.15 22.61
CA THR E 309 -20.36 26.46 22.89
C THR E 309 -19.64 25.25 23.48
N VAL E 310 -20.30 24.54 24.40
CA VAL E 310 -19.68 23.39 25.05
C VAL E 310 -19.39 22.29 24.02
N LEU E 311 -20.35 22.00 23.15
CA LEU E 311 -20.12 20.90 22.20
C LEU E 311 -19.01 21.27 21.21
N THR E 312 -18.96 22.54 20.78
CA THR E 312 -17.87 22.97 19.92
C THR E 312 -16.54 22.85 20.63
N MET E 313 -16.51 23.17 21.93
CA MET E 313 -15.30 23.03 22.72
C MET E 313 -14.83 21.58 22.75
N THR E 314 -15.75 20.65 22.94
CA THR E 314 -15.31 19.25 23.04
C THR E 314 -14.81 18.73 21.70
N THR E 315 -15.47 19.12 20.60
CA THR E 315 -14.95 18.73 19.29
C THR E 315 -13.54 19.29 19.07
N LEU E 316 -13.34 20.56 19.41
CA LEU E 316 -12.01 21.16 19.23
C LEU E 316 -10.96 20.46 20.08
N SER E 317 -11.32 20.11 21.32
CA SER E 317 -10.40 19.40 22.18
C SER E 317 -10.01 18.05 21.58
N THR E 318 -11.01 17.32 21.08
CA THR E 318 -10.72 16.03 20.46
C THR E 318 -9.72 16.19 19.33
N ILE E 319 -9.97 17.13 18.42
CA ILE E 319 -9.07 17.31 17.27
C ILE E 319 -7.67 17.68 17.75
N ALA E 320 -7.58 18.69 18.62
CA ALA E 320 -6.28 19.19 19.04
C ALA E 320 -5.45 18.07 19.67
N ARG E 321 -6.05 17.30 20.57
CA ARG E 321 -5.31 16.19 21.18
C ARG E 321 -4.98 15.11 20.16
N LYS E 322 -5.86 14.92 19.17
CA LYS E 322 -5.59 13.96 18.11
C LYS E 322 -4.39 14.35 17.27
N SER E 323 -3.95 15.62 17.36
CA SER E 323 -2.74 16.02 16.66
C SER E 323 -1.56 15.11 16.98
N LEU E 324 -1.38 14.73 18.25
CA LEU E 324 -0.15 14.11 18.74
C LEU E 324 -0.37 12.70 19.30
N PRO E 325 0.68 11.98 19.69
CA PRO E 325 0.48 10.62 20.23
C PRO E 325 -0.23 10.60 21.59
N LYS E 326 -0.71 9.42 21.95
CA LYS E 326 -1.52 9.22 23.15
C LYS E 326 -0.61 9.11 24.38
N VAL E 327 -0.19 10.25 24.89
CA VAL E 327 0.65 10.33 26.07
C VAL E 327 -0.22 10.67 27.27
N SER E 328 0.05 10.03 28.41
CA SER E 328 -0.81 10.19 29.57
C SER E 328 -0.61 11.50 30.30
N TYR E 329 0.53 12.16 30.13
CA TYR E 329 0.77 13.40 30.84
C TYR E 329 0.13 14.58 30.10
N VAL E 330 0.16 15.74 30.74
CA VAL E 330 -0.54 16.92 30.28
C VAL E 330 0.44 17.81 29.52
N THR E 331 0.08 18.16 28.28
CA THR E 331 0.88 19.07 27.48
C THR E 331 0.42 20.51 27.72
N ALA E 332 1.14 21.46 27.13
CA ALA E 332 0.74 22.86 27.27
C ALA E 332 -0.52 23.15 26.48
N MET E 333 -0.72 22.46 25.35
CA MET E 333 -1.88 22.72 24.51
C MET E 333 -3.16 22.30 25.20
N ASP E 334 -3.19 21.09 25.76
CA ASP E 334 -4.42 20.61 26.36
C ASP E 334 -4.72 21.25 27.71
N LEU E 335 -3.71 21.80 28.39
CA LEU E 335 -4.02 22.66 29.54
C LEU E 335 -4.80 23.89 29.09
N PHE E 336 -4.37 24.51 27.99
CA PHE E 336 -5.09 25.64 27.44
C PHE E 336 -6.51 25.24 27.05
N VAL E 337 -6.66 24.13 26.34
CA VAL E 337 -7.98 23.69 25.92
C VAL E 337 -8.86 23.38 27.13
N SER E 338 -8.30 22.75 28.16
CA SER E 338 -9.08 22.43 29.35
C SER E 338 -9.52 23.71 30.06
N VAL E 339 -8.65 24.71 30.14
CA VAL E 339 -9.06 25.97 30.78
C VAL E 339 -10.16 26.63 29.96
N CYS E 340 -10.07 26.58 28.63
CA CYS E 340 -11.15 27.13 27.80
C CYS E 340 -12.47 26.39 28.04
N PHE E 341 -12.40 25.06 28.18
CA PHE E 341 -13.60 24.31 28.48
C PHE E 341 -14.17 24.70 29.83
N ILE E 342 -13.30 24.89 30.83
CA ILE E 342 -13.77 25.33 32.15
C ILE E 342 -14.46 26.69 32.03
N PHE E 343 -13.92 27.58 31.21
CA PHE E 343 -14.52 28.90 31.04
C PHE E 343 -15.92 28.80 30.43
N VAL E 344 -16.07 27.99 29.38
CA VAL E 344 -17.38 27.84 28.74
C VAL E 344 -18.37 27.21 29.71
N PHE E 345 -17.94 26.17 30.42
CA PHE E 345 -18.77 25.54 31.43
C PHE E 345 -19.18 26.55 32.51
N SER E 346 -18.25 27.42 32.90
CA SER E 346 -18.55 28.44 33.88
C SER E 346 -19.61 29.39 33.38
N ALA E 347 -19.53 29.80 32.11
CA ALA E 347 -20.55 30.69 31.57
C ALA E 347 -21.92 30.04 31.61
N LEU E 348 -22.01 28.77 31.19
CA LEU E 348 -23.32 28.11 31.16
C LEU E 348 -23.89 27.95 32.56
N VAL E 349 -23.08 27.45 33.50
CA VAL E 349 -23.58 27.27 34.86
C VAL E 349 -23.92 28.61 35.49
N GLU E 350 -23.17 29.66 35.15
CA GLU E 350 -23.47 30.98 35.67
C GLU E 350 -24.85 31.43 35.20
N TYR E 351 -25.18 31.21 33.93
CA TYR E 351 -26.52 31.56 33.47
C TYR E 351 -27.57 30.74 34.20
N GLY E 352 -27.31 29.44 34.40
CA GLY E 352 -28.26 28.62 35.11
C GLY E 352 -28.55 29.14 36.50
N THR E 353 -27.49 29.49 37.24
CA THR E 353 -27.66 30.03 38.58
C THR E 353 -28.36 31.38 38.57
N LEU E 354 -28.04 32.24 37.61
CA LEU E 354 -28.72 33.52 37.50
C LEU E 354 -30.22 33.31 37.30
N HIS E 355 -30.58 32.42 36.38
CA HIS E 355 -31.99 32.18 36.12
C HIS E 355 -32.68 31.58 37.34
N TYR E 356 -31.98 30.72 38.07
CA TYR E 356 -32.55 30.17 39.30
C TYR E 356 -32.80 31.26 40.33
N PHE E 357 -31.85 32.18 40.47
CA PHE E 357 -32.00 33.25 41.46
C PHE E 357 -33.02 34.30 41.03
N VAL E 358 -33.39 34.35 39.75
CA VAL E 358 -34.44 35.28 39.34
C VAL E 358 -35.70 35.06 40.17
N SER E 359 -36.09 33.80 40.36
CA SER E 359 -37.31 33.50 41.09
C SER E 359 -37.20 33.85 42.56
N SER E 360 -36.00 33.70 43.15
CA SER E 360 -35.83 34.00 44.56
C SER E 360 -35.58 35.49 44.79
N GLN E 361 -34.50 36.03 44.22
CA GLN E 361 -34.07 37.39 44.47
C GLN E 361 -33.76 38.07 43.14
N PRO E 362 -34.49 39.12 42.76
CA PRO E 362 -34.16 39.77 41.47
C PRO E 362 -32.86 40.56 41.49
N ALA E 363 -32.59 41.28 42.58
CA ALA E 363 -31.38 42.09 42.65
C ALA E 363 -30.13 41.23 42.56
N ARG E 364 -30.16 40.06 43.20
CA ARG E 364 -29.02 39.15 43.14
C ARG E 364 -28.65 38.82 41.70
N ALA E 365 -29.64 38.36 40.92
CA ALA E 365 -29.38 38.01 39.53
C ALA E 365 -28.97 39.24 38.72
N ALA E 366 -29.64 40.36 38.95
CA ALA E 366 -29.32 41.58 38.22
C ALA E 366 -27.86 41.94 38.36
N LYS E 367 -27.35 41.96 39.60
CA LYS E 367 -25.95 42.31 39.79
C LYS E 367 -25.01 41.17 39.40
N MET E 368 -25.48 39.93 39.47
CA MET E 368 -24.65 38.80 39.06
C MET E 368 -24.31 38.88 37.58
N ASP E 369 -25.28 39.26 36.75
CA ASP E 369 -24.99 39.38 35.32
C ASP E 369 -23.85 40.36 35.06
N SER E 370 -23.93 41.56 35.64
CA SER E 370 -22.91 42.56 35.41
C SER E 370 -21.57 42.15 36.01
N TYR E 371 -21.59 41.49 37.17
CA TYR E 371 -20.35 41.02 37.76
C TYR E 371 -19.66 39.99 36.87
N ALA E 372 -20.43 39.06 36.31
CA ALA E 372 -19.85 38.07 35.41
C ALA E 372 -19.29 38.73 34.16
N ARG E 373 -19.99 39.74 33.64
CA ARG E 373 -19.54 40.42 32.43
C ARG E 373 -18.11 40.90 32.53
N ILE E 374 -17.66 41.26 33.73
CA ILE E 374 -16.31 41.77 33.94
C ILE E 374 -15.38 40.68 34.46
N PHE E 375 -15.88 39.80 35.34
CA PHE E 375 -15.00 38.80 35.93
C PHE E 375 -14.56 37.74 34.93
N PHE E 376 -15.36 37.48 33.89
CA PHE E 376 -14.96 36.45 32.92
C PHE E 376 -13.82 36.94 32.04
N PRO E 377 -13.96 38.05 31.29
CA PRO E 377 -12.84 38.48 30.43
C PRO E 377 -11.57 38.79 31.19
N THR E 378 -11.68 39.39 32.38
CA THR E 378 -10.48 39.68 33.16
C THR E 378 -9.76 38.39 33.53
N ALA E 379 -10.51 37.38 33.98
CA ALA E 379 -9.90 36.10 34.31
C ALA E 379 -9.24 35.47 33.10
N PHE E 380 -9.89 35.54 31.93
CA PHE E 380 -9.30 34.95 30.74
C PHE E 380 -8.02 35.68 30.34
N CYS E 381 -8.01 37.01 30.39
CA CYS E 381 -6.80 37.74 30.07
C CYS E 381 -5.68 37.42 31.07
N LEU E 382 -6.03 37.31 32.35
CA LEU E 382 -5.03 36.97 33.37
C LEU E 382 -4.47 35.58 33.13
N PHE E 383 -5.33 34.60 32.82
CA PHE E 383 -4.86 33.26 32.52
C PHE E 383 -3.98 33.26 31.29
N ASN E 384 -4.35 34.02 30.26
CA ASN E 384 -3.51 34.11 29.07
C ASN E 384 -2.13 34.63 29.42
N LEU E 385 -2.07 35.71 30.21
CA LEU E 385 -0.78 36.27 30.59
C LEU E 385 0.06 35.24 31.33
N VAL E 386 -0.52 34.58 32.32
CA VAL E 386 0.24 33.60 33.10
C VAL E 386 0.73 32.47 32.21
N TYR E 387 -0.17 31.92 31.38
CA TYR E 387 0.16 30.79 30.53
C TYR E 387 1.30 31.13 29.58
N TRP E 388 1.16 32.24 28.85
CA TRP E 388 2.15 32.56 27.84
C TRP E 388 3.47 32.98 28.48
N VAL E 389 3.44 33.69 29.61
CA VAL E 389 4.69 34.05 30.26
C VAL E 389 5.41 32.80 30.73
N SER E 390 4.69 31.86 31.34
CA SER E 390 5.34 30.67 31.88
C SER E 390 5.90 29.80 30.76
N TYR E 391 5.13 29.58 29.69
CA TYR E 391 5.56 28.64 28.65
C TYR E 391 6.52 29.25 27.64
N LEU E 392 6.34 30.52 27.26
CA LEU E 392 7.25 31.10 26.27
C LEU E 392 8.64 31.33 26.86
N TYR E 393 8.71 31.74 28.12
CA TYR E 393 9.99 31.95 28.79
C TYR E 393 10.35 30.71 29.63
N LEU E 394 10.69 29.65 28.91
CA LEU E 394 11.07 28.38 29.52
C LEU E 394 12.16 27.71 28.70
N ASN F 1 -20.81 -42.22 14.14
CA ASN F 1 -20.06 -42.23 12.85
C ASN F 1 -20.84 -41.48 11.77
N ILE F 2 -20.62 -41.81 10.50
CA ILE F 2 -21.42 -41.32 9.38
C ILE F 2 -22.24 -42.49 8.84
N VAL F 3 -23.55 -42.37 8.90
CA VAL F 3 -24.46 -43.44 8.49
C VAL F 3 -24.78 -43.27 7.01
N MET F 4 -24.56 -44.32 6.24
CA MET F 4 -24.85 -44.33 4.80
C MET F 4 -26.12 -45.14 4.58
N THR F 5 -27.25 -44.46 4.40
CA THR F 5 -28.53 -45.13 4.17
C THR F 5 -28.69 -45.38 2.68
N GLN F 6 -28.63 -46.65 2.30
CA GLN F 6 -28.70 -47.07 0.91
C GLN F 6 -30.08 -47.66 0.63
N SER F 7 -30.75 -47.15 -0.41
CA SER F 7 -32.08 -47.60 -0.77
C SER F 7 -32.16 -47.80 -2.28
N PRO F 8 -32.99 -48.74 -2.74
CA PRO F 8 -33.83 -49.67 -1.97
C PRO F 8 -33.04 -50.85 -1.40
N LYS F 9 -33.64 -51.58 -0.46
CA LYS F 9 -32.99 -52.76 0.07
C LYS F 9 -32.74 -53.78 -1.04
N SER F 10 -33.68 -53.89 -1.98
CA SER F 10 -33.53 -54.75 -3.14
C SER F 10 -34.42 -54.22 -4.25
N MET F 11 -34.14 -54.67 -5.46
CA MET F 11 -34.99 -54.31 -6.60
C MET F 11 -34.60 -55.18 -7.78
N SER F 12 -35.56 -55.42 -8.67
CA SER F 12 -35.37 -56.28 -9.82
C SER F 12 -35.74 -55.53 -11.09
N MET F 13 -34.98 -55.78 -12.15
CA MET F 13 -35.23 -55.16 -13.45
C MET F 13 -34.70 -56.07 -14.54
N SER F 14 -35.42 -56.12 -15.65
CA SER F 14 -35.03 -56.99 -16.76
C SER F 14 -33.76 -56.46 -17.42
N VAL F 15 -33.32 -57.15 -18.47
CA VAL F 15 -32.07 -56.81 -19.14
C VAL F 15 -32.40 -55.79 -20.23
N GLY F 16 -31.73 -54.65 -20.16
CA GLY F 16 -31.85 -53.60 -21.17
C GLY F 16 -32.33 -52.29 -20.62
N GLU F 17 -32.75 -52.24 -19.36
CA GLU F 17 -33.40 -51.09 -18.77
C GLU F 17 -32.39 -50.27 -17.96
N ARG F 18 -32.80 -49.06 -17.59
CA ARG F 18 -31.99 -48.18 -16.77
C ARG F 18 -32.48 -48.21 -15.32
N VAL F 19 -31.53 -48.27 -14.39
CA VAL F 19 -31.83 -48.30 -12.96
C VAL F 19 -31.01 -47.19 -12.29
N THR F 20 -31.49 -46.78 -11.12
CA THR F 20 -30.80 -45.76 -10.33
C THR F 20 -30.77 -46.22 -8.88
N LEU F 21 -29.58 -46.60 -8.40
CA LEU F 21 -29.37 -46.85 -6.98
C LEU F 21 -29.02 -45.54 -6.29
N SER F 22 -29.46 -45.40 -5.05
CA SER F 22 -29.26 -44.17 -4.29
C SER F 22 -28.70 -44.48 -2.92
N CYS F 23 -27.86 -43.57 -2.44
CA CYS F 23 -27.22 -43.71 -1.14
C CYS F 23 -27.26 -42.36 -0.44
N LYS F 24 -27.69 -42.35 0.81
CA LYS F 24 -27.83 -41.12 1.58
C LYS F 24 -26.82 -41.11 2.72
N ALA F 25 -26.08 -40.01 2.83
CA ALA F 25 -25.09 -39.84 3.88
C ALA F 25 -25.68 -39.03 5.02
N SER F 26 -25.37 -39.45 6.24
CA SER F 26 -25.86 -38.76 7.43
C SER F 26 -25.30 -37.34 7.50
N GLU F 27 -23.99 -37.22 7.60
CA GLU F 27 -23.31 -35.93 7.64
C GLU F 27 -22.79 -35.58 6.25
N TYR F 28 -21.97 -34.54 6.18
CA TYR F 28 -21.33 -34.17 4.92
C TYR F 28 -20.14 -35.08 4.67
N VAL F 29 -20.05 -35.63 3.46
CA VAL F 29 -18.94 -36.49 3.07
C VAL F 29 -18.23 -35.99 1.83
N GLY F 30 -18.63 -34.83 1.29
CA GLY F 30 -18.05 -34.33 0.06
C GLY F 30 -18.22 -35.33 -1.06
N THR F 31 -17.21 -35.45 -1.91
CA THR F 31 -17.22 -36.45 -2.98
C THR F 31 -16.33 -37.62 -2.62
N TYR F 32 -16.51 -38.20 -1.44
CA TYR F 32 -15.63 -39.26 -0.97
C TYR F 32 -16.41 -40.54 -0.77
N VAL F 33 -17.32 -40.83 -1.69
CA VAL F 33 -18.14 -42.02 -1.63
C VAL F 33 -17.75 -42.92 -2.79
N SER F 34 -17.66 -44.21 -2.53
CA SER F 34 -17.30 -45.17 -3.54
C SER F 34 -18.38 -46.25 -3.61
N TRP F 35 -18.55 -46.80 -4.81
CA TRP F 35 -19.55 -47.82 -5.07
C TRP F 35 -18.88 -49.14 -5.36
N TYR F 36 -19.40 -50.22 -4.77
CA TYR F 36 -18.80 -51.54 -4.88
C TYR F 36 -19.80 -52.53 -5.41
N GLN F 37 -19.36 -53.39 -6.32
CA GLN F 37 -20.16 -54.47 -6.86
C GLN F 37 -19.65 -55.77 -6.28
N GLN F 38 -20.52 -56.52 -5.62
CA GLN F 38 -20.14 -57.79 -5.00
C GLN F 38 -21.04 -58.88 -5.57
N LYS F 39 -20.51 -59.67 -6.49
CA LYS F 39 -21.22 -60.82 -7.00
C LYS F 39 -21.21 -61.94 -5.96
N PRO F 40 -22.14 -62.89 -6.05
CA PRO F 40 -22.22 -63.93 -5.01
C PRO F 40 -20.92 -64.70 -4.88
N GLU F 41 -20.59 -65.05 -3.65
CA GLU F 41 -19.34 -65.72 -3.27
C GLU F 41 -18.14 -65.13 -4.03
N GLN F 42 -17.97 -63.82 -3.85
CA GLN F 42 -16.82 -63.10 -4.40
C GLN F 42 -16.53 -61.89 -3.54
N SER F 43 -15.32 -61.36 -3.68
CA SER F 43 -14.95 -60.18 -2.92
C SER F 43 -15.41 -58.91 -3.64
N PRO F 44 -15.63 -57.82 -2.90
CA PRO F 44 -16.13 -56.60 -3.55
C PRO F 44 -15.17 -56.06 -4.59
N LYS F 45 -15.72 -55.38 -5.59
CA LYS F 45 -14.95 -54.75 -6.65
C LYS F 45 -15.31 -53.27 -6.71
N LEU F 46 -14.31 -52.41 -6.71
CA LEU F 46 -14.56 -50.99 -6.78
C LEU F 46 -15.03 -50.60 -8.18
N LEU F 47 -16.17 -49.91 -8.25
CA LEU F 47 -16.70 -49.40 -9.50
C LEU F 47 -16.48 -47.90 -9.64
N ILE F 48 -16.95 -47.13 -8.68
CA ILE F 48 -16.90 -45.68 -8.70
C ILE F 48 -16.12 -45.23 -7.48
N TYR F 49 -15.10 -44.41 -7.71
CA TYR F 49 -14.39 -43.73 -6.64
C TYR F 49 -14.62 -42.23 -6.80
N GLY F 50 -14.06 -41.46 -5.88
CA GLY F 50 -14.45 -40.05 -5.84
C GLY F 50 -15.93 -40.00 -5.54
N ALA F 51 -16.71 -39.43 -6.45
CA ALA F 51 -18.15 -39.64 -6.43
C ALA F 51 -18.62 -39.99 -7.84
N SER F 52 -17.93 -39.44 -8.84
CA SER F 52 -18.19 -39.71 -10.25
C SER F 52 -16.83 -39.93 -10.90
N ASN F 53 -16.33 -41.17 -10.82
CA ASN F 53 -15.03 -41.51 -11.41
C ASN F 53 -15.04 -43.03 -11.61
N ARG F 54 -15.12 -43.46 -12.86
CA ARG F 54 -15.17 -44.90 -13.13
C ARG F 54 -13.79 -45.51 -12.92
N TYR F 55 -13.73 -46.53 -12.08
CA TYR F 55 -12.48 -47.24 -11.86
C TYR F 55 -12.07 -47.98 -13.13
N THR F 56 -10.77 -48.19 -13.28
CA THR F 56 -10.25 -48.85 -14.48
C THR F 56 -10.89 -50.22 -14.65
N GLY F 57 -11.25 -50.53 -15.89
CA GLY F 57 -11.94 -51.78 -16.18
C GLY F 57 -13.42 -51.75 -15.93
N VAL F 58 -13.99 -50.60 -15.61
CA VAL F 58 -15.42 -50.46 -15.36
C VAL F 58 -16.10 -50.08 -16.67
N PRO F 59 -17.06 -50.87 -17.17
CA PRO F 59 -17.75 -50.48 -18.41
C PRO F 59 -18.31 -49.07 -18.34
N ASP F 60 -18.66 -48.52 -19.51
CA ASP F 60 -19.10 -47.13 -19.58
C ASP F 60 -20.57 -46.95 -19.19
N ARG F 61 -21.31 -48.04 -18.96
CA ARG F 61 -22.71 -47.87 -18.57
C ARG F 61 -22.84 -47.47 -17.10
N PHE F 62 -21.97 -48.00 -16.24
CA PHE F 62 -21.94 -47.57 -14.85
C PHE F 62 -21.51 -46.12 -14.76
N THR F 63 -22.18 -45.35 -13.90
CA THR F 63 -21.84 -43.95 -13.72
C THR F 63 -22.40 -43.46 -12.40
N GLY F 64 -21.61 -42.67 -11.68
CA GLY F 64 -22.01 -42.17 -10.38
C GLY F 64 -22.19 -40.67 -10.38
N SER F 65 -22.94 -40.15 -9.41
CA SER F 65 -23.18 -38.72 -9.33
C SER F 65 -23.50 -38.36 -7.89
N GLY F 66 -23.39 -37.08 -7.59
CA GLY F 66 -23.75 -36.59 -6.27
C GLY F 66 -22.62 -35.94 -5.50
N SER F 67 -22.99 -35.15 -4.49
CA SER F 67 -22.03 -34.48 -3.64
C SER F 67 -22.71 -34.22 -2.31
N ALA F 68 -21.91 -33.91 -1.30
CA ALA F 68 -22.41 -33.59 0.04
C ALA F 68 -23.08 -34.84 0.59
N THR F 69 -24.38 -34.84 0.87
CA THR F 69 -25.05 -36.00 1.42
C THR F 69 -25.78 -36.90 0.41
N ASP F 70 -26.10 -36.41 -0.79
CA ASP F 70 -26.90 -37.17 -1.74
C ASP F 70 -26.05 -37.76 -2.85
N PHE F 71 -26.18 -39.07 -3.08
CA PHE F 71 -25.41 -39.75 -4.10
C PHE F 71 -26.29 -40.78 -4.80
N THR F 72 -25.89 -41.14 -6.02
CA THR F 72 -26.66 -42.07 -6.83
C THR F 72 -25.74 -42.82 -7.78
N LEU F 73 -26.14 -44.02 -8.15
CA LEU F 73 -25.43 -44.86 -9.12
C LEU F 73 -26.43 -45.34 -10.15
N THR F 74 -26.34 -44.83 -11.37
CA THR F 74 -27.27 -45.18 -12.43
C THR F 74 -26.58 -46.19 -13.36
N ILE F 75 -27.17 -47.38 -13.46
CA ILE F 75 -26.70 -48.41 -14.39
C ILE F 75 -27.62 -48.33 -15.60
N GLY F 76 -27.12 -47.74 -16.69
CA GLY F 76 -27.90 -47.60 -17.91
C GLY F 76 -27.79 -48.83 -18.78
N SER F 77 -28.94 -49.38 -19.15
CA SER F 77 -29.01 -50.55 -20.03
C SER F 77 -28.29 -51.75 -19.39
N VAL F 78 -28.83 -52.20 -18.27
CA VAL F 78 -28.23 -53.30 -17.53
C VAL F 78 -28.15 -54.54 -18.40
N GLN F 79 -27.07 -55.30 -18.24
CA GLN F 79 -26.89 -56.58 -18.88
C GLN F 79 -27.14 -57.71 -17.87
N ALA F 80 -26.85 -58.95 -18.27
CA ALA F 80 -27.04 -60.10 -17.41
C ALA F 80 -25.91 -60.29 -16.41
N GLU F 81 -24.76 -59.65 -16.61
CA GLU F 81 -23.66 -59.73 -15.68
C GLU F 81 -23.68 -58.62 -14.64
N ASP F 82 -24.75 -57.82 -14.60
CA ASP F 82 -24.91 -56.76 -13.62
C ASP F 82 -25.74 -57.21 -12.42
N LEU F 83 -25.97 -58.50 -12.26
CA LEU F 83 -26.70 -59.03 -11.11
C LEU F 83 -25.71 -59.26 -9.97
N ALA F 84 -25.84 -58.47 -8.93
CA ALA F 84 -24.94 -58.55 -7.78
C ALA F 84 -25.51 -57.66 -6.67
N ASP F 85 -24.77 -57.59 -5.57
CA ASP F 85 -25.03 -56.60 -4.54
C ASP F 85 -24.22 -55.34 -4.82
N TYR F 86 -24.75 -54.20 -4.40
CA TYR F 86 -24.11 -52.92 -4.62
C TYR F 86 -24.02 -52.18 -3.31
N HIS F 87 -22.80 -51.95 -2.84
CA HIS F 87 -22.55 -51.29 -1.57
C HIS F 87 -22.03 -49.88 -1.84
N CYS F 88 -22.54 -48.92 -1.07
CA CYS F 88 -22.01 -47.56 -1.05
C CYS F 88 -21.27 -47.35 0.25
N GLY F 89 -20.11 -46.72 0.17
CA GLY F 89 -19.34 -46.38 1.35
C GLY F 89 -18.82 -44.97 1.25
N GLN F 90 -18.61 -44.36 2.40
CA GLN F 90 -17.97 -43.05 2.50
C GLN F 90 -16.57 -43.23 3.07
N SER F 91 -15.61 -42.48 2.53
CA SER F 91 -14.26 -42.43 3.06
C SER F 91 -13.88 -41.03 3.50
N TYR F 92 -14.85 -40.15 3.71
CA TYR F 92 -14.55 -38.82 4.24
C TYR F 92 -13.91 -38.94 5.62
N SER F 93 -14.52 -39.73 6.48
CA SER F 93 -14.02 -40.06 7.80
C SER F 93 -13.69 -41.54 7.80
N TYR F 94 -13.47 -42.09 8.97
CA TYR F 94 -13.28 -43.54 9.07
C TYR F 94 -14.41 -44.25 8.33
N PRO F 95 -14.10 -45.20 7.45
CA PRO F 95 -15.11 -45.67 6.50
C PRO F 95 -16.33 -46.28 7.15
N THR F 96 -17.48 -46.01 6.54
CA THR F 96 -18.73 -46.68 6.86
C THR F 96 -19.38 -47.09 5.54
N PHE F 97 -20.10 -48.21 5.57
CA PHE F 97 -20.70 -48.77 4.39
C PHE F 97 -22.22 -48.78 4.53
N GLY F 98 -22.90 -48.64 3.40
CA GLY F 98 -24.34 -48.86 3.38
C GLY F 98 -24.69 -50.32 3.53
N ALA F 99 -25.93 -50.57 3.93
CA ALA F 99 -26.36 -51.94 4.20
C ALA F 99 -26.35 -52.82 2.96
N GLY F 100 -26.40 -52.22 1.78
CA GLY F 100 -26.33 -52.96 0.53
C GLY F 100 -27.62 -52.90 -0.26
N THR F 101 -27.53 -53.34 -1.50
CA THR F 101 -28.67 -53.35 -2.41
C THR F 101 -28.51 -54.51 -3.38
N LYS F 102 -29.46 -55.45 -3.34
CA LYS F 102 -29.43 -56.62 -4.18
C LYS F 102 -30.17 -56.36 -5.49
N LEU F 103 -29.59 -56.80 -6.59
CA LEU F 103 -30.17 -56.60 -7.92
C LEU F 103 -30.51 -57.95 -8.53
N GLU F 104 -31.81 -58.19 -8.74
CA GLU F 104 -32.30 -59.37 -9.45
C GLU F 104 -32.85 -58.97 -10.80
N LEU F 105 -33.34 -59.96 -11.55
CA LEU F 105 -34.08 -59.72 -12.78
C LEU F 105 -35.59 -59.69 -12.51
N VAL G 2 -1.14 -55.02 -6.27
CA VAL G 2 -1.89 -55.52 -7.42
C VAL G 2 -2.56 -56.83 -7.04
N GLN G 3 -1.97 -57.53 -6.07
CA GLN G 3 -2.52 -58.79 -5.58
C GLN G 3 -2.46 -58.78 -4.06
N LEU G 4 -3.56 -59.16 -3.42
CA LEU G 4 -3.63 -59.35 -1.97
C LEU G 4 -4.10 -60.78 -1.72
N GLN G 5 -3.22 -61.61 -1.15
CA GLN G 5 -3.51 -63.01 -0.87
C GLN G 5 -3.71 -63.18 0.63
N GLN G 6 -4.85 -63.72 1.01
CA GLN G 6 -5.20 -63.95 2.40
C GLN G 6 -5.08 -65.43 2.75
N SER G 7 -5.07 -65.71 4.05
CA SER G 7 -5.01 -67.09 4.52
C SER G 7 -6.33 -67.80 4.27
N GLY G 8 -6.28 -69.13 4.27
CA GLY G 8 -7.46 -69.92 4.09
C GLY G 8 -8.31 -70.01 5.34
N ALA G 9 -9.52 -70.53 5.17
CA ALA G 9 -10.48 -70.58 6.25
C ALA G 9 -9.92 -71.38 7.43
N GLU G 10 -10.60 -71.26 8.58
CA GLU G 10 -10.18 -71.98 9.77
C GLU G 10 -11.32 -71.99 10.78
N LEU G 11 -11.52 -73.13 11.42
CA LEU G 11 -12.55 -73.32 12.42
C LEU G 11 -11.92 -73.36 13.80
N VAL G 12 -12.44 -72.56 14.72
CA VAL G 12 -11.93 -72.47 16.08
C VAL G 12 -13.10 -72.54 17.06
N LYS G 13 -12.76 -72.59 18.36
CA LYS G 13 -13.75 -72.72 19.42
C LYS G 13 -14.03 -71.38 20.07
N PRO G 14 -15.22 -71.19 20.66
CA PRO G 14 -15.52 -69.91 21.29
C PRO G 14 -14.54 -69.58 22.40
N GLY G 15 -14.28 -68.28 22.55
CA GLY G 15 -13.34 -67.80 23.53
C GLY G 15 -11.89 -67.90 23.12
N ALA G 16 -11.61 -68.43 21.93
CA ALA G 16 -10.24 -68.63 21.48
C ALA G 16 -9.72 -67.37 20.78
N SER G 17 -8.59 -67.49 20.10
CA SER G 17 -7.96 -66.38 19.41
C SER G 17 -7.61 -66.78 17.98
N VAL G 18 -7.69 -65.80 17.09
CA VAL G 18 -7.43 -65.99 15.67
C VAL G 18 -6.51 -64.88 15.19
N LYS G 19 -5.49 -65.24 14.41
CA LYS G 19 -4.57 -64.27 13.83
C LYS G 19 -4.57 -64.45 12.32
N LEU G 20 -5.38 -63.66 11.63
CA LEU G 20 -5.47 -63.73 10.18
C LEU G 20 -4.30 -63.00 9.54
N SER G 21 -4.04 -63.33 8.28
CA SER G 21 -2.89 -62.83 7.55
C SER G 21 -3.30 -62.37 6.17
N CYS G 22 -2.66 -61.29 5.70
CA CYS G 22 -2.95 -60.70 4.40
C CYS G 22 -1.62 -60.26 3.79
N THR G 23 -1.16 -60.99 2.77
CA THR G 23 0.13 -60.72 2.15
C THR G 23 -0.09 -59.87 0.90
N ALA G 24 0.63 -58.76 0.83
CA ALA G 24 0.55 -57.84 -0.29
C ALA G 24 1.68 -58.13 -1.26
N SER G 25 1.33 -58.41 -2.51
CA SER G 25 2.31 -58.59 -3.58
C SER G 25 2.05 -57.57 -4.67
N GLY G 26 3.11 -57.00 -5.22
CA GLY G 26 3.02 -55.99 -6.24
C GLY G 26 3.06 -54.56 -5.74
N PHE G 27 3.09 -54.35 -4.43
CA PHE G 27 3.20 -53.02 -3.87
C PHE G 27 3.71 -53.14 -2.44
N ASN G 28 4.17 -52.02 -1.89
CA ASN G 28 4.69 -51.97 -0.54
C ASN G 28 3.60 -51.44 0.39
N ILE G 29 3.33 -52.20 1.46
CA ILE G 29 2.27 -51.80 2.39
C ILE G 29 2.58 -50.45 3.02
N LYS G 30 3.87 -50.11 3.13
CA LYS G 30 4.23 -48.81 3.68
C LYS G 30 3.65 -47.65 2.87
N ASP G 31 3.31 -47.89 1.60
CA ASP G 31 2.84 -46.82 0.73
C ASP G 31 1.37 -46.47 0.95
N THR G 32 0.63 -47.29 1.70
CA THR G 32 -0.82 -47.11 1.82
C THR G 32 -1.29 -47.52 3.20
N TYR G 33 -2.56 -47.26 3.48
CA TYR G 33 -3.24 -47.80 4.63
C TYR G 33 -3.82 -49.16 4.28
N MET G 34 -3.91 -50.03 5.29
CA MET G 34 -4.46 -51.36 5.12
C MET G 34 -5.70 -51.48 6.00
N TYR G 35 -6.79 -51.98 5.42
CA TYR G 35 -8.09 -52.04 6.06
C TYR G 35 -8.51 -53.47 6.28
N TRP G 36 -9.27 -53.70 7.35
CA TRP G 36 -9.89 -54.98 7.63
C TRP G 36 -11.39 -54.78 7.73
N VAL G 37 -12.13 -55.54 6.95
CA VAL G 37 -13.58 -55.40 6.84
C VAL G 37 -14.23 -56.75 7.14
N LYS G 38 -15.38 -56.71 7.80
CA LYS G 38 -16.12 -57.89 8.20
C LYS G 38 -17.44 -57.95 7.44
N GLN G 39 -17.79 -59.14 6.94
CA GLN G 39 -19.05 -59.35 6.25
C GLN G 39 -19.73 -60.60 6.79
N ARG G 40 -20.76 -60.41 7.61
CA ARG G 40 -21.63 -61.50 7.99
C ARG G 40 -22.52 -61.87 6.80
N PRO G 41 -23.06 -63.09 6.77
CA PRO G 41 -23.90 -63.49 5.65
C PRO G 41 -25.12 -62.58 5.48
N GLU G 42 -25.49 -62.36 4.23
CA GLU G 42 -26.64 -61.53 3.85
C GLU G 42 -26.71 -60.25 4.68
N GLN G 43 -25.58 -59.53 4.71
CA GLN G 43 -25.51 -58.26 5.42
C GLN G 43 -24.51 -57.36 4.70
N GLY G 44 -24.44 -56.12 5.17
CA GLY G 44 -23.50 -55.16 4.61
C GLY G 44 -22.12 -55.27 5.22
N LEU G 45 -21.17 -54.58 4.59
CA LEU G 45 -19.80 -54.58 5.04
C LEU G 45 -19.65 -53.75 6.31
N GLU G 46 -18.62 -54.05 7.09
CA GLU G 46 -18.38 -53.37 8.35
C GLU G 46 -16.88 -53.16 8.52
N TRP G 47 -16.49 -51.91 8.71
CA TRP G 47 -15.08 -51.57 8.90
C TRP G 47 -14.62 -52.02 10.28
N ILE G 48 -13.59 -52.84 10.33
CA ILE G 48 -13.04 -53.33 11.59
C ILE G 48 -12.02 -52.32 12.10
N GLY G 49 -10.98 -52.09 11.31
CA GLY G 49 -9.92 -51.19 11.72
C GLY G 49 -9.04 -50.84 10.55
N ARG G 50 -7.99 -50.08 10.85
CA ARG G 50 -7.09 -49.55 9.84
C ARG G 50 -5.71 -49.43 10.43
N ILE G 51 -4.68 -49.55 9.59
CA ILE G 51 -3.30 -49.40 10.04
C ILE G 51 -2.50 -48.62 9.00
N ASP G 52 -1.57 -47.80 9.48
CA ASP G 52 -0.61 -47.09 8.64
C ASP G 52 0.76 -47.73 8.84
N PRO G 53 1.22 -48.59 7.93
CA PRO G 53 2.46 -49.35 8.18
C PRO G 53 3.70 -48.49 8.37
N ALA G 54 3.81 -47.37 7.67
CA ALA G 54 5.00 -46.55 7.82
C ALA G 54 5.13 -45.99 9.23
N ASN G 55 4.01 -45.70 9.87
CA ASN G 55 3.99 -45.19 11.24
C ASN G 55 3.60 -46.25 12.25
N GLY G 56 2.81 -47.24 11.84
CA GLY G 56 2.37 -48.31 12.72
C GLY G 56 1.12 -48.00 13.51
N ASP G 57 0.60 -46.78 13.43
CA ASP G 57 -0.57 -46.44 14.22
C ASP G 57 -1.82 -47.07 13.63
N THR G 58 -2.82 -47.24 14.48
CA THR G 58 -4.03 -47.95 14.11
C THR G 58 -5.26 -47.16 14.54
N LYS G 59 -6.35 -47.37 13.83
CA LYS G 59 -7.65 -46.86 14.22
C LYS G 59 -8.67 -47.97 14.07
N TYR G 60 -9.56 -48.10 15.04
CA TYR G 60 -10.54 -49.17 15.07
C TYR G 60 -11.94 -48.60 15.20
N ASP G 61 -12.92 -49.36 14.72
CA ASP G 61 -14.31 -49.00 14.96
C ASP G 61 -14.59 -49.06 16.46
N PRO G 62 -15.39 -48.14 17.00
CA PRO G 62 -15.64 -48.17 18.44
C PRO G 62 -16.24 -49.47 18.93
N LYS G 63 -16.98 -50.20 18.08
CA LYS G 63 -17.57 -51.46 18.49
C LYS G 63 -16.62 -52.64 18.30
N PHE G 64 -15.38 -52.38 17.86
CA PHE G 64 -14.33 -53.39 17.82
C PHE G 64 -13.13 -53.01 18.66
N GLN G 65 -13.12 -51.84 19.28
CA GLN G 65 -11.96 -51.38 20.03
C GLN G 65 -11.65 -52.36 21.16
N GLY G 66 -10.40 -52.75 21.26
CA GLY G 66 -9.96 -53.74 22.25
C GLY G 66 -10.09 -55.18 21.77
N LYS G 67 -11.22 -55.51 21.16
CA LYS G 67 -11.44 -56.87 20.69
C LYS G 67 -10.44 -57.25 19.60
N ALA G 68 -10.17 -56.33 18.67
CA ALA G 68 -9.32 -56.61 17.53
C ALA G 68 -7.99 -55.87 17.65
N THR G 69 -6.95 -56.46 17.07
CA THR G 69 -5.63 -55.85 16.98
C THR G 69 -5.10 -56.05 15.58
N ILE G 70 -4.64 -54.96 14.96
CA ILE G 70 -4.12 -54.98 13.59
C ILE G 70 -2.64 -54.63 13.65
N THR G 71 -1.82 -55.41 12.95
CA THR G 71 -0.39 -55.17 12.89
C THR G 71 0.11 -55.58 11.51
N THR G 72 1.28 -55.07 11.15
CA THR G 72 1.90 -55.37 9.86
C THR G 72 3.32 -55.86 10.09
N ASP G 73 3.93 -56.32 9.01
CA ASP G 73 5.34 -56.70 8.98
C ASP G 73 5.90 -56.20 7.65
N THR G 74 6.57 -55.05 7.69
CA THR G 74 7.11 -54.47 6.47
C THR G 74 8.03 -55.44 5.75
N PHE G 75 8.75 -56.28 6.49
CA PHE G 75 9.71 -57.18 5.87
C PHE G 75 9.01 -58.14 4.91
N SER G 76 7.98 -58.83 5.39
CA SER G 76 7.26 -59.78 4.56
C SER G 76 6.15 -59.14 3.75
N ASN G 77 5.85 -57.86 4.00
CA ASN G 77 4.81 -57.14 3.27
C ASN G 77 3.44 -57.77 3.53
N THR G 78 3.13 -57.95 4.82
CA THR G 78 1.90 -58.60 5.25
C THR G 78 1.26 -57.81 6.37
N ALA G 79 -0.06 -57.92 6.48
CA ALA G 79 -0.82 -57.35 7.59
C ALA G 79 -1.54 -58.46 8.33
N TYR G 80 -1.76 -58.26 9.62
CA TYR G 80 -2.36 -59.25 10.48
C TYR G 80 -3.56 -58.67 11.20
N LEU G 81 -4.54 -59.53 11.50
CA LEU G 81 -5.71 -59.18 12.29
C LEU G 81 -5.86 -60.23 13.37
N GLN G 82 -5.65 -59.82 14.62
CA GLN G 82 -5.66 -60.72 15.76
C GLN G 82 -6.98 -60.55 16.50
N LEU G 83 -7.91 -61.46 16.27
CA LEU G 83 -9.19 -61.47 16.97
C LEU G 83 -9.05 -62.24 18.27
N SER G 84 -9.65 -61.70 19.34
CA SER G 84 -9.52 -62.27 20.67
C SER G 84 -10.91 -62.42 21.30
N SER G 85 -11.02 -63.38 22.21
CA SER G 85 -12.25 -63.63 22.94
C SER G 85 -13.43 -63.77 21.98
N LEU G 86 -13.34 -64.78 21.12
CA LEU G 86 -14.33 -64.96 20.08
C LEU G 86 -15.67 -65.40 20.66
N THR G 87 -16.74 -64.87 20.09
CA THR G 87 -18.10 -65.26 20.40
C THR G 87 -18.79 -65.69 19.11
N SER G 88 -19.98 -66.29 19.26
CA SER G 88 -20.65 -66.88 18.10
C SER G 88 -20.91 -65.85 17.00
N GLU G 89 -21.05 -64.57 17.36
CA GLU G 89 -21.34 -63.53 16.39
C GLU G 89 -20.10 -63.08 15.61
N ASP G 90 -18.94 -63.70 15.85
CA ASP G 90 -17.75 -63.42 15.08
C ASP G 90 -17.64 -64.31 13.84
N THR G 91 -18.67 -65.07 13.53
CA THR G 91 -18.70 -65.85 12.30
C THR G 91 -19.01 -64.92 11.13
N ALA G 92 -18.08 -64.80 10.20
CA ALA G 92 -18.23 -63.91 9.06
C ALA G 92 -17.07 -64.18 8.10
N VAL G 93 -17.02 -63.42 7.02
CA VAL G 93 -15.92 -63.44 6.07
C VAL G 93 -15.15 -62.13 6.24
N TYR G 94 -13.87 -62.24 6.53
CA TYR G 94 -13.04 -61.08 6.85
C TYR G 94 -12.21 -60.70 5.63
N TYR G 95 -12.30 -59.43 5.23
CA TYR G 95 -11.63 -58.94 4.04
C TYR G 95 -10.49 -58.01 4.42
N CYS G 96 -9.43 -58.07 3.62
CA CYS G 96 -8.29 -57.17 3.71
C CYS G 96 -8.25 -56.33 2.45
N ALA G 97 -8.19 -55.02 2.61
CA ALA G 97 -8.30 -54.09 1.49
C ALA G 97 -7.20 -53.05 1.55
N ARG G 98 -6.94 -52.45 0.40
CA ARG G 98 -5.90 -51.43 0.24
C ARG G 98 -6.54 -50.13 -0.18
N LYS G 99 -6.16 -49.03 0.48
CA LYS G 99 -6.62 -47.71 0.10
C LYS G 99 -5.95 -47.24 -1.18
N GLY G 100 -6.71 -46.49 -1.98
CA GLY G 100 -6.15 -45.87 -3.17
C GLY G 100 -7.14 -45.02 -3.94
N LEU G 101 -6.66 -43.93 -4.56
CA LEU G 101 -7.48 -43.08 -5.42
C LEU G 101 -8.69 -42.52 -4.65
N ARG G 102 -8.38 -41.60 -3.74
CA ARG G 102 -9.39 -40.88 -2.99
C ARG G 102 -10.05 -41.76 -1.93
N TRP G 103 -9.26 -42.67 -1.36
CA TRP G 103 -9.69 -43.47 -0.21
C TRP G 103 -10.86 -44.37 -0.57
N ALA G 104 -10.70 -45.13 -1.65
CA ALA G 104 -11.81 -45.89 -2.22
C ALA G 104 -11.71 -47.39 -1.99
N MET G 105 -10.65 -47.90 -1.38
CA MET G 105 -10.48 -49.34 -1.16
C MET G 105 -10.52 -50.09 -2.50
N ASP G 106 -9.51 -49.83 -3.32
CA ASP G 106 -9.52 -50.30 -4.69
C ASP G 106 -9.25 -51.80 -4.82
N TYR G 107 -8.32 -52.34 -4.05
CA TYR G 107 -8.00 -53.77 -4.11
C TYR G 107 -8.45 -54.47 -2.84
N TRP G 108 -9.01 -55.66 -3.00
CA TRP G 108 -9.51 -56.46 -1.89
C TRP G 108 -8.89 -57.85 -1.95
N GLY G 109 -8.74 -58.46 -0.78
CA GLY G 109 -8.36 -59.85 -0.72
C GLY G 109 -9.54 -60.76 -1.01
N GLN G 110 -9.24 -62.05 -1.19
CA GLN G 110 -10.30 -63.00 -1.45
C GLN G 110 -11.20 -63.21 -0.24
N GLY G 111 -10.74 -62.84 0.94
CA GLY G 111 -11.51 -63.03 2.15
C GLY G 111 -11.19 -64.33 2.84
N THR G 112 -11.29 -64.32 4.17
CA THR G 112 -11.11 -65.51 4.99
C THR G 112 -12.42 -65.81 5.69
N SER G 113 -12.89 -67.04 5.54
CA SER G 113 -14.10 -67.48 6.22
C SER G 113 -13.71 -67.94 7.62
N VAL G 114 -14.16 -67.22 8.63
CA VAL G 114 -13.91 -67.55 10.03
C VAL G 114 -15.24 -67.92 10.67
N THR G 115 -15.31 -69.13 11.23
CA THR G 115 -16.50 -69.60 11.92
C THR G 115 -16.10 -70.20 13.26
N VAL G 116 -16.92 -69.94 14.27
CA VAL G 116 -16.66 -70.38 15.63
C VAL G 116 -17.83 -71.24 16.09
N SER G 117 -17.54 -72.49 16.45
CA SER G 117 -18.57 -73.42 16.89
C SER G 117 -18.50 -73.62 18.41
N ASN H 1 10.09 30.84 -32.64
CA ASN H 1 11.42 31.50 -32.84
C ASN H 1 11.79 32.34 -31.64
N ILE H 2 13.02 32.19 -31.18
CA ILE H 2 13.57 32.99 -30.09
C ILE H 2 14.44 34.07 -30.72
N VAL H 3 14.02 35.32 -30.61
CA VAL H 3 14.79 36.45 -31.11
C VAL H 3 15.67 36.96 -30.00
N MET H 4 16.96 37.12 -30.30
CA MET H 4 17.93 37.62 -29.33
C MET H 4 18.31 39.05 -29.69
N THR H 5 18.16 39.96 -28.73
CA THR H 5 18.45 41.37 -28.93
C THR H 5 19.80 41.69 -28.31
N GLN H 6 20.69 42.27 -29.10
CA GLN H 6 22.05 42.56 -28.70
C GLN H 6 22.24 44.06 -28.60
N SER H 7 22.82 44.51 -27.48
CA SER H 7 23.03 45.93 -27.23
C SER H 7 24.42 46.13 -26.64
N PRO H 8 25.10 47.22 -26.99
CA PRO H 8 24.72 48.22 -27.99
C PRO H 8 25.01 47.72 -29.40
N LYS H 9 24.34 48.28 -30.39
CA LYS H 9 24.60 47.87 -31.77
C LYS H 9 26.05 48.14 -32.15
N SER H 10 26.59 49.28 -31.75
CA SER H 10 27.99 49.61 -31.99
C SER H 10 28.48 50.45 -30.83
N MET H 11 29.70 50.21 -30.39
CA MET H 11 30.27 51.01 -29.31
C MET H 11 31.76 51.18 -29.53
N SER H 12 32.23 52.42 -29.42
CA SER H 12 33.63 52.78 -29.49
C SER H 12 34.18 52.98 -28.09
N MET H 13 35.45 52.64 -27.90
CA MET H 13 36.04 52.66 -26.58
C MET H 13 37.56 52.73 -26.71
N SER H 14 38.23 52.82 -25.58
CA SER H 14 39.69 52.91 -25.50
C SER H 14 40.24 51.61 -24.92
N VAL H 15 41.55 51.44 -25.04
CA VAL H 15 42.19 50.23 -24.56
C VAL H 15 42.17 50.19 -23.04
N GLY H 16 42.19 48.98 -22.49
CA GLY H 16 42.44 48.78 -21.08
C GLY H 16 41.32 49.18 -20.15
N GLU H 17 40.08 49.17 -20.62
CA GLU H 17 38.94 49.54 -19.81
C GLU H 17 37.83 48.51 -19.95
N ARG H 18 37.09 48.30 -18.86
CA ARG H 18 36.07 47.26 -18.80
C ARG H 18 34.91 47.62 -19.72
N VAL H 19 34.59 46.73 -20.65
CA VAL H 19 33.50 46.91 -21.60
C VAL H 19 32.59 45.70 -21.52
N THR H 20 31.28 45.94 -21.46
CA THR H 20 30.30 44.88 -21.27
C THR H 20 29.31 44.89 -22.42
N LEU H 21 29.05 43.72 -22.99
CA LEU H 21 28.09 43.54 -24.07
C LEU H 21 26.91 42.76 -23.54
N SER H 22 25.70 43.20 -23.85
CA SER H 22 24.49 42.60 -23.32
C SER H 22 23.69 41.94 -24.43
N CYS H 23 23.09 40.80 -24.12
CA CYS H 23 22.19 40.10 -25.02
C CYS H 23 20.92 39.76 -24.24
N LYS H 24 19.78 39.93 -24.90
CA LYS H 24 18.47 39.68 -24.31
C LYS H 24 17.74 38.61 -25.10
N ALA H 25 17.12 37.67 -24.40
CA ALA H 25 16.40 36.57 -25.03
C ALA H 25 14.90 36.83 -25.00
N SER H 26 14.26 36.54 -26.12
CA SER H 26 12.80 36.69 -26.19
C SER H 26 12.10 35.78 -25.19
N GLU H 27 12.56 34.55 -25.09
CA GLU H 27 11.95 33.56 -24.21
C GLU H 27 13.00 32.99 -23.28
N TYR H 28 12.64 31.97 -22.51
CA TYR H 28 13.61 31.29 -21.67
C TYR H 28 14.59 30.51 -22.54
N VAL H 29 15.87 30.73 -22.31
CA VAL H 29 16.96 29.92 -22.85
C VAL H 29 17.94 29.72 -21.71
N GLY H 30 17.88 28.57 -21.05
CA GLY H 30 18.43 28.47 -19.71
C GLY H 30 19.83 29.02 -19.58
N THR H 31 20.82 28.30 -20.10
CA THR H 31 22.17 28.82 -20.17
C THR H 31 22.85 28.44 -21.48
N TYR H 32 22.06 28.11 -22.51
CA TYR H 32 22.62 27.70 -23.80
C TYR H 32 22.82 28.92 -24.69
N VAL H 33 23.65 29.83 -24.20
CA VAL H 33 23.96 31.09 -24.88
C VAL H 33 25.46 31.12 -25.13
N SER H 34 25.84 31.42 -26.37
CA SER H 34 27.23 31.41 -26.78
C SER H 34 27.61 32.80 -27.28
N TRP H 35 28.88 33.14 -27.12
CA TRP H 35 29.44 34.39 -27.61
C TRP H 35 30.54 34.09 -28.61
N TYR H 36 30.43 34.65 -29.80
CA TYR H 36 31.36 34.42 -30.87
C TYR H 36 32.05 35.72 -31.27
N GLN H 37 33.32 35.62 -31.63
CA GLN H 37 34.12 36.76 -32.08
C GLN H 37 34.45 36.58 -33.55
N GLN H 38 34.17 37.60 -34.35
CA GLN H 38 34.40 37.55 -35.79
C GLN H 38 35.25 38.75 -36.19
N LYS H 39 36.52 38.50 -36.47
CA LYS H 39 37.38 39.50 -37.08
C LYS H 39 37.04 39.63 -38.56
N PRO H 40 37.40 40.75 -39.19
CA PRO H 40 37.02 40.95 -40.60
C PRO H 40 37.55 39.84 -41.49
N GLU H 41 36.68 39.36 -42.38
CA GLU H 41 37.00 38.31 -43.33
C GLU H 41 37.47 37.03 -42.63
N GLN H 42 36.95 36.77 -41.44
CA GLN H 42 37.26 35.56 -40.70
C GLN H 42 35.97 34.93 -40.21
N SER H 43 36.00 33.61 -40.04
CA SER H 43 34.83 32.91 -39.53
C SER H 43 34.66 33.20 -38.04
N PRO H 44 33.45 33.07 -37.52
CA PRO H 44 33.26 33.28 -36.08
C PRO H 44 34.08 32.28 -35.28
N LYS H 45 34.55 32.73 -34.12
CA LYS H 45 35.28 31.90 -33.18
C LYS H 45 34.53 31.88 -31.86
N LEU H 46 34.24 30.68 -31.36
CA LEU H 46 33.51 30.55 -30.11
C LEU H 46 34.37 31.06 -28.96
N LEU H 47 33.84 32.02 -28.20
CA LEU H 47 34.50 32.54 -27.02
C LEU H 47 33.91 31.97 -25.74
N ILE H 48 32.59 32.09 -25.58
CA ILE H 48 31.88 31.61 -24.41
C ILE H 48 30.80 30.66 -24.89
N TYR H 49 30.79 29.46 -24.33
CA TYR H 49 29.71 28.50 -24.51
C TYR H 49 29.01 28.30 -23.18
N GLY H 50 27.80 27.78 -23.24
CA GLY H 50 26.96 27.76 -22.05
C GLY H 50 26.92 29.17 -21.52
N ALA H 51 26.56 29.36 -20.27
CA ALA H 51 26.69 30.67 -19.63
C ALA H 51 27.94 30.66 -18.75
N SER H 52 28.91 31.50 -19.08
CA SER H 52 30.12 31.64 -18.27
C SER H 52 31.00 30.39 -18.32
N ASN H 53 31.32 29.95 -19.54
CA ASN H 53 32.28 28.86 -19.73
C ASN H 53 33.21 29.27 -20.87
N ARG H 54 34.41 29.71 -20.51
CA ARG H 54 35.40 30.09 -21.51
C ARG H 54 35.81 28.88 -22.34
N TYR H 55 35.84 29.06 -23.65
CA TYR H 55 36.34 28.03 -24.54
C TYR H 55 37.87 28.02 -24.51
N THR H 56 38.44 26.87 -24.86
CA THR H 56 39.89 26.71 -24.78
C THR H 56 40.58 27.73 -25.67
N GLY H 57 41.64 28.35 -25.15
CA GLY H 57 42.35 29.37 -25.86
C GLY H 57 41.82 30.77 -25.69
N VAL H 58 40.71 30.94 -24.97
CA VAL H 58 40.14 32.26 -24.72
C VAL H 58 40.84 32.86 -23.52
N PRO H 59 41.39 34.08 -23.61
CA PRO H 59 42.07 34.66 -22.45
C PRO H 59 41.13 34.84 -21.28
N ASP H 60 41.69 34.71 -20.06
CA ASP H 60 40.90 34.80 -18.84
C ASP H 60 40.26 36.17 -18.63
N ARG H 61 40.53 37.12 -19.52
CA ARG H 61 39.87 38.43 -19.40
C ARG H 61 38.48 38.45 -20.01
N PHE H 62 38.14 37.48 -20.85
CA PHE H 62 36.80 37.35 -21.39
C PHE H 62 35.94 36.61 -20.37
N THR H 63 34.91 37.29 -19.84
CA THR H 63 34.04 36.72 -18.83
C THR H 63 32.60 36.75 -19.33
N GLY H 64 31.91 35.61 -19.23
CA GLY H 64 30.51 35.50 -19.59
C GLY H 64 29.64 35.39 -18.36
N SER H 65 28.49 36.04 -18.38
CA SER H 65 27.53 35.99 -17.30
C SER H 65 26.14 35.81 -17.88
N GLY H 66 25.30 35.03 -17.19
CA GLY H 66 24.07 34.57 -17.78
C GLY H 66 22.91 34.54 -16.79
N SER H 67 21.74 34.24 -17.33
CA SER H 67 20.49 34.19 -16.59
C SER H 67 19.52 33.35 -17.41
N ALA H 68 18.23 33.44 -17.11
CA ALA H 68 17.23 32.78 -17.94
C ALA H 68 16.98 33.54 -19.24
N THR H 69 17.03 34.87 -19.20
CA THR H 69 16.78 35.68 -20.40
C THR H 69 17.73 36.86 -20.56
N ASP H 70 18.69 37.06 -19.66
CA ASP H 70 19.61 38.19 -19.74
C ASP H 70 21.04 37.68 -19.62
N PHE H 71 21.87 38.03 -20.60
CA PHE H 71 23.24 37.56 -20.65
C PHE H 71 24.15 38.72 -21.00
N THR H 72 25.39 38.65 -20.51
CA THR H 72 26.37 39.69 -20.78
C THR H 72 27.72 39.05 -21.04
N LEU H 73 28.47 39.62 -21.98
CA LEU H 73 29.88 39.30 -22.18
C LEU H 73 30.68 40.50 -21.69
N THR H 74 31.57 40.28 -20.74
CA THR H 74 32.38 41.34 -20.16
C THR H 74 33.84 41.11 -20.55
N ILE H 75 34.45 42.14 -21.12
CA ILE H 75 35.88 42.15 -21.37
C ILE H 75 36.51 43.01 -20.29
N GLY H 76 37.59 42.50 -19.69
CA GLY H 76 38.21 43.17 -18.56
C GLY H 76 39.33 44.07 -19.02
N SER H 77 40.57 43.60 -18.87
CA SER H 77 41.70 44.34 -19.41
C SER H 77 41.68 44.25 -20.93
N VAL H 78 41.02 45.20 -21.58
CA VAL H 78 40.88 45.16 -23.03
C VAL H 78 42.25 45.33 -23.68
N GLN H 79 42.41 44.70 -24.85
CA GLN H 79 43.60 44.86 -25.68
C GLN H 79 43.18 45.36 -27.06
N ALA H 80 44.15 45.55 -27.93
CA ALA H 80 43.91 46.09 -29.27
C ALA H 80 43.59 45.01 -30.30
N GLU H 81 43.72 43.73 -29.95
CA GLU H 81 43.33 42.64 -30.82
C GLU H 81 41.91 42.15 -30.52
N ASP H 82 41.11 42.96 -29.82
CA ASP H 82 39.72 42.65 -29.54
C ASP H 82 38.75 43.42 -30.41
N LEU H 83 39.25 44.15 -31.40
CA LEU H 83 38.38 44.87 -32.32
C LEU H 83 37.75 43.86 -33.27
N ALA H 84 36.51 43.46 -32.98
CA ALA H 84 35.84 42.46 -33.79
C ALA H 84 34.35 42.54 -33.53
N ASP H 85 33.59 41.96 -34.46
CA ASP H 85 32.16 41.76 -34.24
C ASP H 85 31.95 40.69 -33.17
N TYR H 86 30.97 40.92 -32.31
CA TYR H 86 30.63 39.96 -31.26
C TYR H 86 29.16 39.59 -31.40
N HIS H 87 28.90 38.30 -31.60
CA HIS H 87 27.55 37.79 -31.74
C HIS H 87 27.19 36.94 -30.54
N CYS H 88 25.94 37.04 -30.10
CA CYS H 88 25.37 36.13 -29.11
C CYS H 88 24.37 35.22 -29.81
N GLY H 89 24.44 33.94 -29.52
CA GLY H 89 23.51 32.99 -30.09
C GLY H 89 22.99 32.05 -29.02
N GLN H 90 21.68 31.79 -29.09
CA GLN H 90 21.05 30.81 -28.21
C GLN H 90 21.06 29.44 -28.85
N SER H 91 21.07 28.41 -28.01
CA SER H 91 20.99 27.03 -28.47
C SER H 91 19.98 26.22 -27.67
N TYR H 92 19.15 26.88 -26.87
CA TYR H 92 18.08 26.15 -26.19
C TYR H 92 17.11 25.56 -27.19
N SER H 93 16.83 26.30 -28.26
CA SER H 93 15.99 25.85 -29.37
C SER H 93 16.85 25.88 -30.62
N TYR H 94 16.20 25.74 -31.77
CA TYR H 94 16.94 25.83 -33.02
C TYR H 94 17.68 27.16 -33.07
N PRO H 95 18.97 27.17 -33.41
CA PRO H 95 19.81 28.32 -33.08
C PRO H 95 19.41 29.59 -33.79
N THR H 96 19.46 30.70 -33.06
CA THR H 96 19.26 32.03 -33.58
C THR H 96 20.35 32.93 -33.02
N PHE H 97 20.73 33.94 -33.80
CA PHE H 97 21.79 34.85 -33.43
C PHE H 97 21.26 36.27 -33.36
N GLY H 98 21.96 37.11 -32.61
CA GLY H 98 21.66 38.52 -32.55
C GLY H 98 22.32 39.27 -33.70
N ALA H 99 22.02 40.58 -33.75
CA ALA H 99 22.61 41.41 -34.80
C ALA H 99 24.12 41.50 -34.64
N GLY H 100 24.62 41.51 -33.41
CA GLY H 100 26.03 41.64 -33.16
C GLY H 100 26.40 43.03 -32.69
N THR H 101 27.60 43.14 -32.12
CA THR H 101 28.16 44.40 -31.67
C THR H 101 29.49 44.62 -32.39
N LYS H 102 29.59 45.73 -33.10
CA LYS H 102 30.82 46.09 -33.82
C LYS H 102 31.68 46.92 -32.89
N LEU H 103 32.71 46.30 -32.32
CA LEU H 103 33.63 47.03 -31.45
C LEU H 103 34.47 48.00 -32.28
N GLU H 104 34.71 49.19 -31.73
CA GLU H 104 35.51 50.20 -32.39
C GLU H 104 36.59 50.71 -31.44
N LEU H 105 37.69 51.17 -32.02
CA LEU H 105 38.80 51.74 -31.27
C LEU H 105 38.66 53.25 -31.23
N LYS H 106 38.76 53.83 -30.04
CA LYS H 106 38.64 55.26 -29.88
C LYS H 106 39.22 55.69 -28.53
N VAL I 2 37.18 19.85 -35.66
CA VAL I 2 38.64 19.86 -35.60
C VAL I 2 39.18 20.51 -36.84
N GLN I 3 38.62 20.16 -38.00
CA GLN I 3 38.99 20.82 -39.25
C GLN I 3 37.85 20.62 -40.24
N LEU I 4 37.16 21.70 -40.58
CA LEU I 4 36.14 21.69 -41.61
C LEU I 4 36.68 22.41 -42.83
N GLN I 5 36.63 21.74 -43.99
CA GLN I 5 37.15 22.27 -45.24
C GLN I 5 36.00 22.46 -46.21
N GLN I 6 35.63 23.71 -46.46
CA GLN I 6 34.52 24.02 -47.35
C GLN I 6 35.01 24.15 -48.78
N SER I 7 34.06 24.07 -49.71
CA SER I 7 34.35 24.24 -51.13
C SER I 7 34.84 25.65 -51.40
N GLY I 8 35.22 25.92 -52.65
CA GLY I 8 35.67 27.25 -53.02
C GLY I 8 34.51 28.18 -53.33
N ALA I 9 34.86 29.44 -53.57
CA ALA I 9 33.86 30.45 -53.89
C ALA I 9 33.18 30.11 -55.23
N GLU I 10 31.95 30.57 -55.38
CA GLU I 10 31.13 30.20 -56.53
C GLU I 10 30.38 31.41 -57.07
N LEU I 11 30.41 31.59 -58.38
CA LEU I 11 29.58 32.55 -59.08
C LEU I 11 28.47 31.78 -59.78
N VAL I 12 27.23 32.20 -59.57
CA VAL I 12 26.07 31.46 -60.03
C VAL I 12 25.08 32.40 -60.69
N LYS I 13 24.54 31.99 -61.83
CA LYS I 13 23.52 32.77 -62.50
C LYS I 13 22.22 32.74 -61.70
N PRO I 14 21.47 33.84 -61.67
CA PRO I 14 20.20 33.84 -60.93
C PRO I 14 19.23 32.81 -61.46
N GLY I 15 18.51 32.16 -60.54
CA GLY I 15 17.57 31.11 -60.88
C GLY I 15 18.17 29.72 -60.95
N ALA I 16 19.48 29.57 -60.80
CA ALA I 16 20.13 28.29 -60.95
C ALA I 16 20.23 27.58 -59.60
N SER I 17 21.02 26.50 -59.55
CA SER I 17 21.20 25.68 -58.36
C SER I 17 22.67 25.65 -57.97
N VAL I 18 22.92 25.40 -56.68
CA VAL I 18 24.27 25.36 -56.14
C VAL I 18 24.40 24.16 -55.21
N LYS I 19 25.64 23.72 -54.99
CA LYS I 19 25.92 22.56 -54.15
C LYS I 19 27.21 22.84 -53.39
N LEU I 20 27.10 23.28 -52.15
CA LEU I 20 28.24 23.58 -51.31
C LEU I 20 28.66 22.34 -50.53
N SER I 21 29.95 22.25 -50.23
CA SER I 21 30.53 21.08 -49.59
C SER I 21 31.33 21.49 -48.37
N CYS I 22 31.53 20.51 -47.48
CA CYS I 22 32.19 20.76 -46.19
C CYS I 22 32.76 19.41 -45.73
N THR I 23 34.06 19.25 -45.87
CA THR I 23 34.72 17.98 -45.54
C THR I 23 35.31 18.09 -44.14
N ALA I 24 34.88 17.21 -43.25
CA ALA I 24 35.33 17.20 -41.87
C ALA I 24 36.57 16.34 -41.73
N SER I 25 37.58 16.86 -41.06
CA SER I 25 38.79 16.12 -40.75
C SER I 25 39.06 16.22 -39.26
N GLY I 26 39.30 15.07 -38.63
CA GLY I 26 39.55 15.01 -37.21
C GLY I 26 38.44 14.40 -36.39
N PHE I 27 37.30 14.08 -37.00
CA PHE I 27 36.18 13.50 -36.26
C PHE I 27 35.20 12.90 -37.26
N ASN I 28 34.27 12.11 -36.74
CA ASN I 28 33.18 11.56 -37.54
C ASN I 28 31.98 12.50 -37.45
N ILE I 29 31.40 12.83 -38.61
CA ILE I 29 30.21 13.66 -38.61
C ILE I 29 29.05 12.97 -37.92
N LYS I 30 29.07 11.63 -37.88
CA LYS I 30 27.99 10.91 -37.21
C LYS I 30 27.88 11.30 -35.74
N ASP I 31 28.98 11.71 -35.13
CA ASP I 31 29.02 11.93 -33.69
C ASP I 31 28.44 13.28 -33.28
N THR I 32 28.07 14.15 -34.21
CA THR I 32 27.55 15.46 -33.89
C THR I 32 26.42 15.80 -34.84
N TYR I 33 25.88 17.01 -34.68
CA TYR I 33 25.01 17.63 -35.66
C TYR I 33 25.85 18.58 -36.50
N MET I 34 25.40 18.83 -37.72
CA MET I 34 26.10 19.71 -38.65
C MET I 34 25.21 20.89 -38.99
N TYR I 35 25.79 22.08 -39.05
CA TYR I 35 25.05 23.31 -39.19
C TYR I 35 25.54 24.09 -40.40
N TRP I 36 24.61 24.68 -41.13
CA TRP I 36 24.92 25.61 -42.21
C TRP I 36 24.37 26.97 -41.84
N VAL I 37 25.21 28.00 -41.92
CA VAL I 37 24.89 29.34 -41.48
C VAL I 37 25.36 30.32 -42.54
N LYS I 38 24.46 31.19 -43.00
CA LYS I 38 24.81 32.21 -43.97
C LYS I 38 25.00 33.55 -43.26
N GLN I 39 25.78 34.43 -43.88
CA GLN I 39 26.06 35.74 -43.32
C GLN I 39 26.23 36.74 -44.46
N ARG I 40 25.31 37.69 -44.54
CA ARG I 40 25.41 38.76 -45.53
C ARG I 40 26.45 39.79 -45.09
N PRO I 41 27.05 40.51 -46.03
CA PRO I 41 28.09 41.49 -45.67
C PRO I 41 27.58 42.51 -44.66
N GLU I 42 28.31 42.66 -43.56
CA GLU I 42 27.93 43.55 -42.47
C GLU I 42 26.49 43.32 -42.03
N GLN I 43 26.22 42.09 -41.60
CA GLN I 43 24.90 41.72 -41.09
C GLN I 43 25.05 40.57 -40.11
N GLY I 44 23.97 40.28 -39.41
CA GLY I 44 24.00 39.21 -38.41
C GLY I 44 23.98 37.83 -39.03
N LEU I 45 24.36 36.86 -38.22
CA LEU I 45 24.34 35.46 -38.65
C LEU I 45 22.93 34.94 -38.73
N GLU I 46 22.63 34.18 -39.78
CA GLU I 46 21.32 33.60 -40.00
C GLU I 46 21.47 32.09 -40.13
N TRP I 47 20.68 31.36 -39.34
CA TRP I 47 20.76 29.91 -39.33
C TRP I 47 19.93 29.31 -40.46
N ILE I 48 20.52 28.39 -41.22
CA ILE I 48 19.82 27.79 -42.35
C ILE I 48 19.13 26.52 -41.90
N GLY I 49 19.91 25.55 -41.45
CA GLY I 49 19.38 24.26 -41.07
C GLY I 49 20.48 23.40 -40.53
N ARG I 50 20.09 22.24 -40.02
CA ARG I 50 21.04 21.28 -39.48
C ARG I 50 20.66 19.87 -39.92
N ILE I 51 21.64 18.98 -39.85
CA ILE I 51 21.46 17.58 -40.16
C ILE I 51 22.08 16.71 -39.08
N ASP I 52 21.46 15.56 -38.83
CA ASP I 52 22.02 14.53 -37.98
C ASP I 52 22.57 13.43 -38.88
N PRO I 53 23.88 13.35 -39.10
CA PRO I 53 24.40 12.33 -40.03
C PRO I 53 24.10 10.91 -39.61
N ALA I 54 23.87 10.65 -38.32
CA ALA I 54 23.59 9.30 -37.87
C ALA I 54 22.31 8.76 -38.49
N ASN I 55 21.27 9.60 -38.59
CA ASN I 55 20.00 9.19 -39.17
C ASN I 55 19.65 9.91 -40.46
N GLY I 56 20.22 11.08 -40.70
CA GLY I 56 19.79 11.90 -41.81
C GLY I 56 18.64 12.82 -41.50
N ASP I 57 18.18 12.86 -40.25
CA ASP I 57 17.12 13.78 -39.86
C ASP I 57 17.63 15.21 -39.93
N THR I 58 16.87 16.08 -40.57
CA THR I 58 17.28 17.45 -40.83
C THR I 58 16.18 18.40 -40.40
N LYS I 59 16.59 19.60 -39.99
CA LYS I 59 15.68 20.67 -39.63
C LYS I 59 16.13 21.93 -40.37
N TYR I 60 15.16 22.76 -40.73
CA TYR I 60 15.43 23.95 -41.51
C TYR I 60 14.76 25.15 -40.85
N ASP I 61 15.42 26.29 -40.94
CA ASP I 61 14.77 27.53 -40.56
C ASP I 61 13.56 27.73 -41.47
N PRO I 62 12.43 28.19 -40.95
CA PRO I 62 11.21 28.20 -41.77
C PRO I 62 11.36 29.00 -43.06
N LYS I 63 12.07 30.12 -43.02
CA LYS I 63 12.24 30.92 -44.23
C LYS I 63 13.17 30.28 -45.25
N PHE I 64 13.85 29.19 -44.88
CA PHE I 64 14.65 28.41 -45.82
C PHE I 64 13.99 27.07 -46.14
N GLN I 65 12.75 26.86 -45.72
CA GLN I 65 12.06 25.63 -46.06
C GLN I 65 11.78 25.60 -47.56
N GLY I 66 12.06 24.47 -48.18
CA GLY I 66 11.88 24.32 -49.60
C GLY I 66 13.06 24.82 -50.42
N LYS I 67 13.62 25.96 -50.04
CA LYS I 67 14.68 26.56 -50.86
C LYS I 67 16.02 25.85 -50.66
N ALA I 68 16.30 25.36 -49.46
CA ALA I 68 17.58 24.74 -49.15
C ALA I 68 17.36 23.28 -48.73
N THR I 69 18.34 22.44 -49.06
CA THR I 69 18.33 21.04 -48.64
C THR I 69 19.73 20.66 -48.19
N ILE I 70 19.82 19.93 -47.07
CA ILE I 70 21.08 19.52 -46.48
C ILE I 70 21.14 18.00 -46.46
N THR I 71 22.24 17.46 -46.95
CA THR I 71 22.45 16.01 -46.99
C THR I 71 23.87 15.71 -46.57
N THR I 72 24.09 14.47 -46.15
CA THR I 72 25.36 14.04 -45.60
C THR I 72 25.88 12.85 -46.39
N ASP I 73 27.14 12.50 -46.15
CA ASP I 73 27.78 11.35 -46.79
C ASP I 73 28.73 10.74 -45.76
N THR I 74 28.24 9.73 -45.05
CA THR I 74 29.03 9.12 -43.98
C THR I 74 30.36 8.59 -44.51
N PHE I 75 30.38 8.14 -45.77
CA PHE I 75 31.60 7.56 -46.33
C PHE I 75 32.71 8.60 -46.45
N SER I 76 32.40 9.75 -47.04
CA SER I 76 33.40 10.78 -47.27
C SER I 76 33.51 11.78 -46.13
N ASN I 77 32.67 11.69 -45.11
CA ASN I 77 32.73 12.58 -43.96
C ASN I 77 32.48 14.02 -44.38
N THR I 78 31.48 14.22 -45.23
CA THR I 78 31.17 15.54 -45.79
C THR I 78 29.70 15.87 -45.59
N ALA I 79 29.43 17.16 -45.48
CA ALA I 79 28.06 17.68 -45.44
C ALA I 79 27.86 18.60 -46.64
N TYR I 80 26.65 18.55 -47.20
CA TYR I 80 26.34 19.26 -48.44
C TYR I 80 25.16 20.19 -48.22
N LEU I 81 25.30 21.43 -48.66
CA LEU I 81 24.19 22.37 -48.72
C LEU I 81 23.87 22.63 -50.18
N GLN I 82 22.62 22.41 -50.57
CA GLN I 82 22.19 22.54 -51.95
C GLN I 82 21.05 23.55 -52.00
N LEU I 83 21.22 24.59 -52.81
CA LEU I 83 20.25 25.67 -52.95
C LEU I 83 19.55 25.53 -54.29
N SER I 84 18.27 25.16 -54.26
CA SER I 84 17.54 24.81 -55.47
C SER I 84 17.44 25.97 -56.44
N SER I 85 16.70 27.01 -56.04
CA SER I 85 16.41 28.16 -56.90
C SER I 85 16.65 29.42 -56.10
N LEU I 86 17.65 30.19 -56.51
CA LEU I 86 18.09 31.34 -55.72
C LEU I 86 18.07 32.61 -56.55
N THR I 87 17.59 33.68 -55.93
CA THR I 87 17.58 35.01 -56.53
C THR I 87 18.89 35.72 -56.17
N SER I 88 18.94 37.03 -56.35
CA SER I 88 20.13 37.80 -56.02
C SER I 88 20.27 38.06 -54.53
N GLU I 89 19.18 37.92 -53.76
CA GLU I 89 19.22 38.32 -52.36
C GLU I 89 20.20 37.47 -51.55
N ASP I 90 20.30 36.18 -51.88
CA ASP I 90 21.18 35.27 -51.13
C ASP I 90 22.58 35.25 -51.70
N THR I 91 23.15 36.43 -51.90
CA THR I 91 24.54 36.56 -52.35
C THR I 91 25.48 36.70 -51.15
N ALA I 92 25.35 35.78 -50.20
CA ALA I 92 26.06 35.87 -48.93
C ALA I 92 27.07 34.74 -48.79
N VAL I 93 27.96 34.92 -47.83
CA VAL I 93 28.86 33.83 -47.43
C VAL I 93 28.05 32.77 -46.69
N TYR I 94 28.48 31.53 -46.81
CA TYR I 94 27.83 30.39 -46.17
C TYR I 94 28.85 29.66 -45.32
N TYR I 95 28.49 29.38 -44.08
CA TYR I 95 29.40 28.78 -43.11
C TYR I 95 28.93 27.38 -42.72
N CYS I 96 29.89 26.49 -42.56
CA CYS I 96 29.68 25.13 -42.07
C CYS I 96 30.23 25.03 -40.66
N ALA I 97 29.39 24.63 -39.72
CA ALA I 97 29.80 24.50 -38.34
C ALA I 97 29.28 23.19 -37.76
N ARG I 98 29.93 22.75 -36.69
CA ARG I 98 29.55 21.54 -35.99
C ARG I 98 29.16 21.86 -34.56
N LYS I 99 28.28 21.04 -34.00
CA LYS I 99 27.84 21.24 -32.62
C LYS I 99 29.00 21.04 -31.65
N GLY I 100 29.01 21.82 -30.58
CA GLY I 100 30.06 21.75 -29.59
C GLY I 100 29.59 21.26 -28.23
N LEU I 101 30.22 21.74 -27.16
CA LEU I 101 30.00 21.17 -25.84
C LEU I 101 28.59 21.40 -25.32
N ARG I 102 28.23 22.65 -25.07
CA ARG I 102 26.90 22.98 -24.58
C ARG I 102 25.98 23.39 -25.72
N TRP I 103 25.90 22.56 -26.75
CA TRP I 103 25.16 22.86 -27.97
C TRP I 103 25.66 24.14 -28.63
N ALA I 104 26.89 24.54 -28.33
CA ALA I 104 27.53 25.65 -29.00
C ALA I 104 28.19 25.17 -30.28
N MET I 105 28.56 26.12 -31.13
CA MET I 105 29.11 25.84 -32.45
C MET I 105 30.62 26.06 -32.39
N ASP I 106 31.34 25.03 -31.96
CA ASP I 106 32.74 25.22 -31.56
C ASP I 106 33.68 25.33 -32.76
N TYR I 107 33.38 24.70 -33.89
CA TYR I 107 34.25 24.75 -35.06
C TYR I 107 33.45 25.17 -36.28
N TRP I 108 33.89 26.22 -36.95
CA TRP I 108 33.26 26.74 -38.14
C TRP I 108 34.15 26.48 -39.36
N GLY I 109 33.53 26.42 -40.53
CA GLY I 109 34.27 26.39 -41.76
C GLY I 109 34.75 27.77 -42.15
N GLN I 110 35.59 27.82 -43.19
CA GLN I 110 36.14 29.09 -43.61
C GLN I 110 35.13 29.97 -44.34
N GLY I 111 34.09 29.38 -44.91
CA GLY I 111 33.08 30.14 -45.61
C GLY I 111 33.22 30.12 -47.10
N THR I 112 32.15 29.74 -47.81
CA THR I 112 32.11 29.77 -49.27
C THR I 112 31.36 31.01 -49.71
N SER I 113 32.03 31.85 -50.50
CA SER I 113 31.45 33.12 -50.95
C SER I 113 30.61 32.84 -52.19
N VAL I 114 29.29 32.89 -52.04
CA VAL I 114 28.37 32.74 -53.15
C VAL I 114 27.97 34.13 -53.60
N THR I 115 28.43 34.51 -54.79
CA THR I 115 28.05 35.76 -55.44
C THR I 115 27.27 35.43 -56.70
N VAL I 116 26.18 36.14 -56.94
CA VAL I 116 25.29 35.87 -58.06
C VAL I 116 25.07 37.14 -58.86
N SER I 117 25.21 37.04 -60.18
CA SER I 117 25.04 38.15 -61.10
C SER I 117 24.99 37.58 -62.50
N THR I 118 25.02 38.46 -63.51
CA THR I 118 25.04 38.03 -64.90
C THR I 118 26.13 38.77 -65.66
#